data_5CY7
# 
_entry.id   5CY7 
# 
_audit_conform.dict_name       mmcif_pdbx.dic 
_audit_conform.dict_version    5.380 
_audit_conform.dict_location   http://mmcif.pdb.org/dictionaries/ascii/mmcif_pdbx.dic 
# 
loop_
_database_2.database_id 
_database_2.database_code 
_database_2.pdbx_database_accession 
_database_2.pdbx_DOI 
PDB   5CY7         pdb_00005cy7 10.2210/pdb5cy7/pdb 
WWPDB D_1000212359 ?            ?                   
# 
loop_
_pdbx_database_related.db_name 
_pdbx_database_related.details 
_pdbx_database_related.db_id 
_pdbx_database_related.content_type 
PDB . 5CP0 unspecified 
PDB . 5CPD unspecified 
PDB . 5CVK unspecified 
PDB . 5CVP unspecified 
PDB . 5CVQ unspecified 
PDB . 5CWX unspecified 
PDB . 5CWY unspecified 
PDB . 5CX0 unspecified 
PDB . 5CXJ unspecified 
PDB . 5CY8 unspecified 
# 
_pdbx_database_status.status_code                     REL 
_pdbx_database_status.status_code_sf                  REL 
_pdbx_database_status.status_code_mr                  ? 
_pdbx_database_status.entry_id                        5CY7 
_pdbx_database_status.recvd_initial_deposition_date   2015-07-30 
_pdbx_database_status.SG_entry                        N 
_pdbx_database_status.deposit_site                    RCSB 
_pdbx_database_status.process_site                    PDBJ 
_pdbx_database_status.status_code_cs                  ? 
_pdbx_database_status.methods_development_category    ? 
_pdbx_database_status.pdb_format_compatible           Y 
_pdbx_database_status.status_code_nmr_data            ? 
# 
loop_
_audit_author.name 
_audit_author.pdbx_ordinal 
'Ngo, H.P.T.' 1 
'Kang, L.W.'  2 
# 
_citation.abstract                  ? 
_citation.abstract_id_CAS           ? 
_citation.book_id_ISBN              ? 
_citation.book_publisher            ? 
_citation.book_publisher_city       ? 
_citation.book_title                ? 
_citation.coordinate_linkage        ? 
_citation.country                   ? 
_citation.database_id_Medline       ? 
_citation.details                   ? 
_citation.id                        primary 
_citation.journal_abbrev            'To Be Published' 
_citation.journal_id_ASTM           ? 
_citation.journal_id_CSD            0353 
_citation.journal_id_ISSN           ? 
_citation.journal_full              ? 
_citation.journal_issue             ? 
_citation.journal_volume            ? 
_citation.language                  ? 
_citation.page_first                ? 
_citation.page_last                 ? 
_citation.title                     
'Structure of Xoo1075, a peptide deformylase from Xanthomonas oryze pv oryze, in complex with fragment 275' 
_citation.year                      ? 
_citation.database_id_CSD           ? 
_citation.pdbx_database_id_DOI      ? 
_citation.pdbx_database_id_PubMed   ? 
_citation.unpublished_flag          ? 
# 
loop_
_citation_author.citation_id 
_citation_author.name 
_citation_author.ordinal 
_citation_author.identifier_ORCID 
primary 'Ngo, H.P.T.' 1 ? 
primary 'Kang, L.W.'  2 ? 
# 
_cell.angle_alpha                  90.00 
_cell.angle_alpha_esd              ? 
_cell.angle_beta                   90.00 
_cell.angle_beta_esd               ? 
_cell.angle_gamma                  120.00 
_cell.angle_gamma_esd              ? 
_cell.entry_id                     5CY7 
_cell.details                      ? 
_cell.formula_units_Z              ? 
_cell.length_a                     58.823 
_cell.length_a_esd                 ? 
_cell.length_b                     58.823 
_cell.length_b_esd                 ? 
_cell.length_c                     264.034 
_cell.length_c_esd                 ? 
_cell.volume                       ? 
_cell.volume_esd                   ? 
_cell.Z_PDB                        12 
_cell.reciprocal_angle_alpha       ? 
_cell.reciprocal_angle_beta        ? 
_cell.reciprocal_angle_gamma       ? 
_cell.reciprocal_angle_alpha_esd   ? 
_cell.reciprocal_angle_beta_esd    ? 
_cell.reciprocal_angle_gamma_esd   ? 
_cell.reciprocal_length_a          ? 
_cell.reciprocal_length_b          ? 
_cell.reciprocal_length_c          ? 
_cell.reciprocal_length_a_esd      ? 
_cell.reciprocal_length_b_esd      ? 
_cell.reciprocal_length_c_esd      ? 
_cell.pdbx_unique_axis             ? 
# 
_symmetry.entry_id                         5CY7 
_symmetry.cell_setting                     ? 
_symmetry.Int_Tables_number                178 
_symmetry.space_group_name_Hall            ? 
_symmetry.space_group_name_H-M             'P 61 2 2' 
_symmetry.pdbx_full_space_group_name_H-M   ? 
# 
loop_
_entity.id 
_entity.type 
_entity.src_method 
_entity.pdbx_description 
_entity.formula_weight 
_entity.pdbx_number_of_molecules 
_entity.pdbx_ec 
_entity.pdbx_mutation 
_entity.pdbx_fragment 
_entity.details 
1 polymer     man 'Peptide deformylase'                 19097.656 1   3.5.1.88 ? 'UNP residues 42-212' ? 
2 non-polymer syn 'CADMIUM ION'                         112.411   3   ?        ? ?                     ? 
3 non-polymer syn 'ACETATE ION'                         59.044    1   ?        ? ?                     ? 
4 non-polymer syn '2-(difluoromethyl)-1H-benzimidazole' 168.143   1   ?        ? ?                     ? 
5 non-polymer syn 'SODIUM ION'                          22.990    1   ?        ? ?                     ? 
6 water       nat water                                 18.015    112 ?        ? ?                     ? 
# 
_entity_name_com.entity_id   1 
_entity_name_com.name        'PDF,Polypeptide deformylase' 
# 
_entity_poly.entity_id                      1 
_entity_poly.type                           'polypeptide(L)' 
_entity_poly.nstd_linkage                   no 
_entity_poly.nstd_monomer                   no 
_entity_poly.pdbx_seq_one_letter_code       
;MIRDIIRMGDKRLLRVAPQVTNLGSAELHALVSDMFETMGAAHGVGLAAPQIAVDLQLMVFGFEASERYPEAPAVPLTAL
ANAQIEPLSDEMENGWEGCLSIPGLRAVIPRYRYIRYRGFAPDGSPIEREAEGFHARVVQHEYDHLVGRLYPSRIENFDT
FGFDDVLSYDL
;
_entity_poly.pdbx_seq_one_letter_code_can   
;MIRDIIRMGDKRLLRVAPQVTNLGSAELHALVSDMFETMGAAHGVGLAAPQIAVDLQLMVFGFEASERYPEAPAVPLTAL
ANAQIEPLSDEMENGWEGCLSIPGLRAVIPRYRYIRYRGFAPDGSPIEREAEGFHARVVQHEYDHLVGRLYPSRIENFDT
FGFDDVLSYDL
;
_entity_poly.pdbx_strand_id                 A 
_entity_poly.pdbx_target_identifier         ? 
# 
loop_
_entity_poly_seq.entity_id 
_entity_poly_seq.num 
_entity_poly_seq.mon_id 
_entity_poly_seq.hetero 
1 1   MET n 
1 2   ILE n 
1 3   ARG n 
1 4   ASP n 
1 5   ILE n 
1 6   ILE n 
1 7   ARG n 
1 8   MET n 
1 9   GLY n 
1 10  ASP n 
1 11  LYS n 
1 12  ARG n 
1 13  LEU n 
1 14  LEU n 
1 15  ARG n 
1 16  VAL n 
1 17  ALA n 
1 18  PRO n 
1 19  GLN n 
1 20  VAL n 
1 21  THR n 
1 22  ASN n 
1 23  LEU n 
1 24  GLY n 
1 25  SER n 
1 26  ALA n 
1 27  GLU n 
1 28  LEU n 
1 29  HIS n 
1 30  ALA n 
1 31  LEU n 
1 32  VAL n 
1 33  SER n 
1 34  ASP n 
1 35  MET n 
1 36  PHE n 
1 37  GLU n 
1 38  THR n 
1 39  MET n 
1 40  GLY n 
1 41  ALA n 
1 42  ALA n 
1 43  HIS n 
1 44  GLY n 
1 45  VAL n 
1 46  GLY n 
1 47  LEU n 
1 48  ALA n 
1 49  ALA n 
1 50  PRO n 
1 51  GLN n 
1 52  ILE n 
1 53  ALA n 
1 54  VAL n 
1 55  ASP n 
1 56  LEU n 
1 57  GLN n 
1 58  LEU n 
1 59  MET n 
1 60  VAL n 
1 61  PHE n 
1 62  GLY n 
1 63  PHE n 
1 64  GLU n 
1 65  ALA n 
1 66  SER n 
1 67  GLU n 
1 68  ARG n 
1 69  TYR n 
1 70  PRO n 
1 71  GLU n 
1 72  ALA n 
1 73  PRO n 
1 74  ALA n 
1 75  VAL n 
1 76  PRO n 
1 77  LEU n 
1 78  THR n 
1 79  ALA n 
1 80  LEU n 
1 81  ALA n 
1 82  ASN n 
1 83  ALA n 
1 84  GLN n 
1 85  ILE n 
1 86  GLU n 
1 87  PRO n 
1 88  LEU n 
1 89  SER n 
1 90  ASP n 
1 91  GLU n 
1 92  MET n 
1 93  GLU n 
1 94  ASN n 
1 95  GLY n 
1 96  TRP n 
1 97  GLU n 
1 98  GLY n 
1 99  CYS n 
1 100 LEU n 
1 101 SER n 
1 102 ILE n 
1 103 PRO n 
1 104 GLY n 
1 105 LEU n 
1 106 ARG n 
1 107 ALA n 
1 108 VAL n 
1 109 ILE n 
1 110 PRO n 
1 111 ARG n 
1 112 TYR n 
1 113 ARG n 
1 114 TYR n 
1 115 ILE n 
1 116 ARG n 
1 117 TYR n 
1 118 ARG n 
1 119 GLY n 
1 120 PHE n 
1 121 ALA n 
1 122 PRO n 
1 123 ASP n 
1 124 GLY n 
1 125 SER n 
1 126 PRO n 
1 127 ILE n 
1 128 GLU n 
1 129 ARG n 
1 130 GLU n 
1 131 ALA n 
1 132 GLU n 
1 133 GLY n 
1 134 PHE n 
1 135 HIS n 
1 136 ALA n 
1 137 ARG n 
1 138 VAL n 
1 139 VAL n 
1 140 GLN n 
1 141 HIS n 
1 142 GLU n 
1 143 TYR n 
1 144 ASP n 
1 145 HIS n 
1 146 LEU n 
1 147 VAL n 
1 148 GLY n 
1 149 ARG n 
1 150 LEU n 
1 151 TYR n 
1 152 PRO n 
1 153 SER n 
1 154 ARG n 
1 155 ILE n 
1 156 GLU n 
1 157 ASN n 
1 158 PHE n 
1 159 ASP n 
1 160 THR n 
1 161 PHE n 
1 162 GLY n 
1 163 PHE n 
1 164 ASP n 
1 165 ASP n 
1 166 VAL n 
1 167 LEU n 
1 168 SER n 
1 169 TYR n 
1 170 ASP n 
1 171 LEU n 
# 
_entity_src_gen.entity_id                          1 
_entity_src_gen.pdbx_src_id                        1 
_entity_src_gen.pdbx_alt_source_flag               sample 
_entity_src_gen.pdbx_seq_type                      'Biological sequence' 
_entity_src_gen.pdbx_beg_seq_num                   1 
_entity_src_gen.pdbx_end_seq_num                   171 
_entity_src_gen.gene_src_common_name               ? 
_entity_src_gen.gene_src_genus                     ? 
_entity_src_gen.pdbx_gene_src_gene                 'def, XOO1075' 
_entity_src_gen.gene_src_species                   ? 
_entity_src_gen.gene_src_strain                    KACC10331 
_entity_src_gen.gene_src_tissue                    ? 
_entity_src_gen.gene_src_tissue_fraction           ? 
_entity_src_gen.gene_src_details                   ? 
_entity_src_gen.pdbx_gene_src_fragment             ? 
_entity_src_gen.pdbx_gene_src_scientific_name      'Xanthomonas oryzae pv. oryzae KACC10331' 
_entity_src_gen.pdbx_gene_src_ncbi_taxonomy_id     291331 
_entity_src_gen.pdbx_gene_src_variant              ? 
_entity_src_gen.pdbx_gene_src_cell_line            ? 
_entity_src_gen.pdbx_gene_src_atcc                 ? 
_entity_src_gen.pdbx_gene_src_organ                ? 
_entity_src_gen.pdbx_gene_src_organelle            ? 
_entity_src_gen.pdbx_gene_src_cell                 ? 
_entity_src_gen.pdbx_gene_src_cellular_location    ? 
_entity_src_gen.host_org_common_name               ? 
_entity_src_gen.pdbx_host_org_scientific_name      'Escherichia coli' 
_entity_src_gen.pdbx_host_org_ncbi_taxonomy_id     562 
_entity_src_gen.host_org_genus                     ? 
_entity_src_gen.pdbx_host_org_gene                 ? 
_entity_src_gen.pdbx_host_org_organ                ? 
_entity_src_gen.host_org_species                   ? 
_entity_src_gen.pdbx_host_org_tissue               ? 
_entity_src_gen.pdbx_host_org_tissue_fraction      ? 
_entity_src_gen.pdbx_host_org_strain               ? 
_entity_src_gen.pdbx_host_org_variant              ? 
_entity_src_gen.pdbx_host_org_cell_line            ? 
_entity_src_gen.pdbx_host_org_atcc                 ? 
_entity_src_gen.pdbx_host_org_culture_collection   ? 
_entity_src_gen.pdbx_host_org_cell                 ? 
_entity_src_gen.pdbx_host_org_organelle            ? 
_entity_src_gen.pdbx_host_org_cellular_location    ? 
_entity_src_gen.pdbx_host_org_vector_type          plasmid 
_entity_src_gen.pdbx_host_org_vector               ? 
_entity_src_gen.host_org_details                   ? 
_entity_src_gen.expression_system_id               ? 
_entity_src_gen.plasmid_name                       ? 
_entity_src_gen.plasmid_details                    ? 
_entity_src_gen.pdbx_description                   ? 
# 
_struct_ref.id                         1 
_struct_ref.db_name                    UNP 
_struct_ref.db_code                    Q5H3Z2_XANOR 
_struct_ref.pdbx_db_accession          Q5H3Z2 
_struct_ref.pdbx_db_isoform            ? 
_struct_ref.entity_id                  1 
_struct_ref.pdbx_seq_one_letter_code   
;MIRDIIRMGDKRLLRVAPQVTNLGSAELHALVSDMFETMGAAHGVGLAAPQIAVDLQLMVFGFEASERYPEAPAVPLTAL
ANAQIEPLSDEMENGWEGCLSIPGLRAVIPRYRYIRYRGFAPDGSPIEREAEGFHARVVQHEYDHLVGRLYPSRIENFDT
FGFDDVLSYDL
;
_struct_ref.pdbx_align_begin           42 
# 
_struct_ref_seq.align_id                      1 
_struct_ref_seq.ref_id                        1 
_struct_ref_seq.pdbx_PDB_id_code              5CY7 
_struct_ref_seq.pdbx_strand_id                A 
_struct_ref_seq.seq_align_beg                 1 
_struct_ref_seq.pdbx_seq_align_beg_ins_code   ? 
_struct_ref_seq.seq_align_end                 171 
_struct_ref_seq.pdbx_seq_align_end_ins_code   ? 
_struct_ref_seq.pdbx_db_accession             Q5H3Z2 
_struct_ref_seq.db_align_beg                  42 
_struct_ref_seq.pdbx_db_align_beg_ins_code    ? 
_struct_ref_seq.db_align_end                  212 
_struct_ref_seq.pdbx_db_align_end_ins_code    ? 
_struct_ref_seq.pdbx_auth_seq_align_beg       1 
_struct_ref_seq.pdbx_auth_seq_align_end       171 
# 
loop_
_chem_comp.id 
_chem_comp.type 
_chem_comp.mon_nstd_flag 
_chem_comp.name 
_chem_comp.pdbx_synonyms 
_chem_comp.formula 
_chem_comp.formula_weight 
56U non-polymer         . '2-(difluoromethyl)-1H-benzimidazole' ? 'C8 H6 F2 N2'    168.143 
ACT non-polymer         . 'ACETATE ION'                         ? 'C2 H3 O2 -1'    59.044  
ALA 'L-peptide linking' y ALANINE                               ? 'C3 H7 N O2'     89.093  
ARG 'L-peptide linking' y ARGININE                              ? 'C6 H15 N4 O2 1' 175.209 
ASN 'L-peptide linking' y ASPARAGINE                            ? 'C4 H8 N2 O3'    132.118 
ASP 'L-peptide linking' y 'ASPARTIC ACID'                       ? 'C4 H7 N O4'     133.103 
CD  non-polymer         . 'CADMIUM ION'                         ? 'Cd 2'           112.411 
CYS 'L-peptide linking' y CYSTEINE                              ? 'C3 H7 N O2 S'   121.158 
GLN 'L-peptide linking' y GLUTAMINE                             ? 'C5 H10 N2 O3'   146.144 
GLU 'L-peptide linking' y 'GLUTAMIC ACID'                       ? 'C5 H9 N O4'     147.129 
GLY 'peptide linking'   y GLYCINE                               ? 'C2 H5 N O2'     75.067  
HIS 'L-peptide linking' y HISTIDINE                             ? 'C6 H10 N3 O2 1' 156.162 
HOH non-polymer         . WATER                                 ? 'H2 O'           18.015  
ILE 'L-peptide linking' y ISOLEUCINE                            ? 'C6 H13 N O2'    131.173 
LEU 'L-peptide linking' y LEUCINE                               ? 'C6 H13 N O2'    131.173 
LYS 'L-peptide linking' y LYSINE                                ? 'C6 H15 N2 O2 1' 147.195 
MET 'L-peptide linking' y METHIONINE                            ? 'C5 H11 N O2 S'  149.211 
NA  non-polymer         . 'SODIUM ION'                          ? 'Na 1'           22.990  
PHE 'L-peptide linking' y PHENYLALANINE                         ? 'C9 H11 N O2'    165.189 
PRO 'L-peptide linking' y PROLINE                               ? 'C5 H9 N O2'     115.130 
SER 'L-peptide linking' y SERINE                                ? 'C3 H7 N O3'     105.093 
THR 'L-peptide linking' y THREONINE                             ? 'C4 H9 N O3'     119.119 
TRP 'L-peptide linking' y TRYPTOPHAN                            ? 'C11 H12 N2 O2'  204.225 
TYR 'L-peptide linking' y TYROSINE                              ? 'C9 H11 N O3'    181.189 
VAL 'L-peptide linking' y VALINE                                ? 'C5 H11 N O2'    117.146 
# 
_exptl.absorpt_coefficient_mu     ? 
_exptl.absorpt_correction_T_max   ? 
_exptl.absorpt_correction_T_min   ? 
_exptl.absorpt_correction_type    ? 
_exptl.absorpt_process_details    ? 
_exptl.entry_id                   5CY7 
_exptl.crystals_number            1 
_exptl.details                    ? 
_exptl.method                     'X-RAY DIFFRACTION' 
_exptl.method_details             ? 
# 
_exptl_crystal.colour                      ? 
_exptl_crystal.density_diffrn              ? 
_exptl_crystal.density_Matthews            3.45 
_exptl_crystal.density_method              ? 
_exptl_crystal.density_percent_sol         64.37 
_exptl_crystal.description                 ? 
_exptl_crystal.F_000                       ? 
_exptl_crystal.id                          1 
_exptl_crystal.preparation                 ? 
_exptl_crystal.size_max                    ? 
_exptl_crystal.size_mid                    ? 
_exptl_crystal.size_min                    ? 
_exptl_crystal.size_rad                    ? 
_exptl_crystal.colour_lustre               ? 
_exptl_crystal.colour_modifier             ? 
_exptl_crystal.colour_primary              ? 
_exptl_crystal.density_meas                ? 
_exptl_crystal.density_meas_esd            ? 
_exptl_crystal.density_meas_gt             ? 
_exptl_crystal.density_meas_lt             ? 
_exptl_crystal.density_meas_temp           ? 
_exptl_crystal.density_meas_temp_esd       ? 
_exptl_crystal.density_meas_temp_gt        ? 
_exptl_crystal.density_meas_temp_lt        ? 
_exptl_crystal.pdbx_crystal_image_url      ? 
_exptl_crystal.pdbx_crystal_image_format   ? 
_exptl_crystal.pdbx_mosaicity              ? 
_exptl_crystal.pdbx_mosaicity_esd          ? 
# 
_exptl_crystal_grow.apparatus       ? 
_exptl_crystal_grow.atmosphere      ? 
_exptl_crystal_grow.crystal_id      1 
_exptl_crystal_grow.details         ? 
_exptl_crystal_grow.method          'VAPOR DIFFUSION, HANGING DROP' 
_exptl_crystal_grow.method_ref      ? 
_exptl_crystal_grow.pH              7.5 
_exptl_crystal_grow.pressure        ? 
_exptl_crystal_grow.pressure_esd    ? 
_exptl_crystal_grow.seeding         ? 
_exptl_crystal_grow.seeding_ref     ? 
_exptl_crystal_grow.temp            287 
_exptl_crystal_grow.temp_details    ? 
_exptl_crystal_grow.temp_esd        ? 
_exptl_crystal_grow.time            ? 
_exptl_crystal_grow.pdbx_details    '0.05M Cadmium sulfate, 0.1M HEPES, 2.0M Sodium acetate trihydrate, pH 7.5' 
_exptl_crystal_grow.pdbx_pH_range   ? 
# 
_diffrn.ambient_environment    ? 
_diffrn.ambient_temp           100 
_diffrn.ambient_temp_details   ? 
_diffrn.ambient_temp_esd       ? 
_diffrn.crystal_id             1 
_diffrn.crystal_support        ? 
_diffrn.crystal_treatment      ? 
_diffrn.details                ? 
_diffrn.id                     1 
_diffrn.ambient_pressure       ? 
_diffrn.ambient_pressure_esd   ? 
_diffrn.ambient_pressure_gt    ? 
_diffrn.ambient_pressure_lt    ? 
_diffrn.ambient_temp_gt        ? 
_diffrn.ambient_temp_lt        ? 
# 
_diffrn_detector.details                      ? 
_diffrn_detector.detector                     CCD 
_diffrn_detector.diffrn_id                    1 
_diffrn_detector.type                         'ADSC QUANTUM 210' 
_diffrn_detector.area_resol_mean              ? 
_diffrn_detector.dtime                        ? 
_diffrn_detector.pdbx_frames_total            ? 
_diffrn_detector.pdbx_collection_time_total   ? 
_diffrn_detector.pdbx_collection_date         2009-12-03 
# 
_diffrn_radiation.collimation                      ? 
_diffrn_radiation.diffrn_id                        1 
_diffrn_radiation.filter_edge                      ? 
_diffrn_radiation.inhomogeneity                    ? 
_diffrn_radiation.monochromator                    ? 
_diffrn_radiation.polarisn_norm                    ? 
_diffrn_radiation.polarisn_ratio                   ? 
_diffrn_radiation.probe                            ? 
_diffrn_radiation.type                             ? 
_diffrn_radiation.xray_symbol                      ? 
_diffrn_radiation.wavelength_id                    1 
_diffrn_radiation.pdbx_monochromatic_or_laue_m_l   M 
_diffrn_radiation.pdbx_wavelength_list             ? 
_diffrn_radiation.pdbx_wavelength                  ? 
_diffrn_radiation.pdbx_diffrn_protocol             'SINGLE WAVELENGTH' 
_diffrn_radiation.pdbx_analyzer                    ? 
_diffrn_radiation.pdbx_scattering_type             x-ray 
# 
_diffrn_radiation_wavelength.id           1 
_diffrn_radiation_wavelength.wavelength   0.99 
_diffrn_radiation_wavelength.wt           1.0 
# 
_diffrn_source.current                     ? 
_diffrn_source.details                     ? 
_diffrn_source.diffrn_id                   1 
_diffrn_source.power                       ? 
_diffrn_source.size                        ? 
_diffrn_source.source                      SYNCHROTRON 
_diffrn_source.target                      ? 
_diffrn_source.type                        'PAL/PLS BEAMLINE 4A' 
_diffrn_source.voltage                     ? 
_diffrn_source.take-off_angle              ? 
_diffrn_source.pdbx_wavelength_list        0.99 
_diffrn_source.pdbx_wavelength             ? 
_diffrn_source.pdbx_synchrotron_beamline   4A 
_diffrn_source.pdbx_synchrotron_site       PAL/PLS 
# 
_reflns.B_iso_Wilson_estimate            ? 
_reflns.entry_id                         5CY7 
_reflns.data_reduction_details           ? 
_reflns.data_reduction_method            ? 
_reflns.d_resolution_high                2.4 
_reflns.d_resolution_low                 50 
_reflns.details                          ? 
_reflns.limit_h_max                      ? 
_reflns.limit_h_min                      ? 
_reflns.limit_k_max                      ? 
_reflns.limit_k_min                      ? 
_reflns.limit_l_max                      ? 
_reflns.limit_l_min                      ? 
_reflns.number_all                       ? 
_reflns.number_obs                       11015 
_reflns.observed_criterion               ? 
_reflns.observed_criterion_F_max         ? 
_reflns.observed_criterion_F_min         ? 
_reflns.observed_criterion_I_max         ? 
_reflns.observed_criterion_I_min         ? 
_reflns.observed_criterion_sigma_F       ? 
_reflns.observed_criterion_sigma_I       ? 
_reflns.percent_possible_obs             95.2 
_reflns.R_free_details                   ? 
_reflns.Rmerge_F_all                     ? 
_reflns.Rmerge_F_obs                     ? 
_reflns.Friedel_coverage                 ? 
_reflns.number_gt                        ? 
_reflns.threshold_expression             ? 
_reflns.pdbx_redundancy                  9.2 
_reflns.pdbx_Rmerge_I_obs                ? 
_reflns.pdbx_Rmerge_I_all                ? 
_reflns.pdbx_Rsym_value                  ? 
_reflns.pdbx_netI_over_av_sigmaI         ? 
_reflns.pdbx_netI_over_sigmaI            35.3 
_reflns.pdbx_res_netI_over_av_sigmaI_2   ? 
_reflns.pdbx_res_netI_over_sigmaI_2      ? 
_reflns.pdbx_chi_squared                 ? 
_reflns.pdbx_scaling_rejects             ? 
_reflns.pdbx_d_res_high_opt              ? 
_reflns.pdbx_d_res_low_opt               ? 
_reflns.pdbx_d_res_opt_method            ? 
_reflns.phase_calculation_details        ? 
_reflns.pdbx_Rrim_I_all                  ? 
_reflns.pdbx_Rpim_I_all                  ? 
_reflns.pdbx_d_opt                       ? 
_reflns.pdbx_number_measured_all         ? 
_reflns.pdbx_diffrn_id                   1 
_reflns.pdbx_ordinal                     1 
_reflns.pdbx_CC_half                     ? 
_reflns.pdbx_R_split                     ? 
# 
_reflns_shell.Rmerge_F_all                ? 
_reflns_shell.Rmerge_F_gt                 ? 
_reflns_shell.Rmerge_F_obs                ? 
_reflns_shell.Rmerge_I_all                ? 
_reflns_shell.Rmerge_I_gt                 ? 
_reflns_shell.Rmerge_I_obs                0.29 
_reflns_shell.d_res_high                  2.40 
_reflns_shell.d_res_low                   2.44 
_reflns_shell.meanI_over_sigI_all         ? 
_reflns_shell.meanI_over_sigI_gt          ? 
_reflns_shell.meanI_over_sigI_obs         7.4 
_reflns_shell.meanI_over_uI_all           ? 
_reflns_shell.meanI_over_uI_gt            ? 
_reflns_shell.number_measured_all         ? 
_reflns_shell.number_measured_gt          ? 
_reflns_shell.number_measured_obs         ? 
_reflns_shell.number_possible             ? 
_reflns_shell.number_unique_all           ? 
_reflns_shell.number_unique_gt            ? 
_reflns_shell.number_unique_obs           ? 
_reflns_shell.pdbx_CC_half                ? 
_reflns_shell.pdbx_R_split                ? 
_reflns_shell.pdbx_Rpim_I_all             ? 
_reflns_shell.pdbx_Rrim_I_all             ? 
_reflns_shell.pdbx_Rsym_value             ? 
_reflns_shell.pdbx_chi_squared            ? 
_reflns_shell.pdbx_diffrn_id              1 
_reflns_shell.pdbx_netI_over_sigmaI_all   ? 
_reflns_shell.pdbx_netI_over_sigmaI_obs   ? 
_reflns_shell.pdbx_ordinal                1 
_reflns_shell.pdbx_redundancy             9.4 
_reflns_shell.pdbx_rejects                ? 
_reflns_shell.percent_possible_all        88.0 
_reflns_shell.percent_possible_gt         ? 
_reflns_shell.percent_possible_obs        ? 
# 
_refine.aniso_B[1][1]                            -0.01 
_refine.aniso_B[1][2]                            -0.01 
_refine.aniso_B[1][3]                            -0.00 
_refine.aniso_B[2][2]                            -0.01 
_refine.aniso_B[2][3]                            -0.00 
_refine.aniso_B[3][3]                            0.03 
_refine.B_iso_max                                ? 
_refine.B_iso_mean                               28.116 
_refine.B_iso_min                                ? 
_refine.correlation_coeff_Fo_to_Fc               0.945 
_refine.correlation_coeff_Fo_to_Fc_free          0.932 
_refine.details                                  'HYDROGENS HAVE BEEN USED IF PRESENT IN THE INPUT' 
_refine.diff_density_max                         ? 
_refine.diff_density_max_esd                     ? 
_refine.diff_density_min                         ? 
_refine.diff_density_min_esd                     ? 
_refine.diff_density_rms                         ? 
_refine.diff_density_rms_esd                     ? 
_refine.entry_id                                 5CY7 
_refine.pdbx_refine_id                           'X-RAY DIFFRACTION' 
_refine.ls_abs_structure_details                 ? 
_refine.ls_abs_structure_Flack                   ? 
_refine.ls_abs_structure_Flack_esd               ? 
_refine.ls_abs_structure_Rogers                  ? 
_refine.ls_abs_structure_Rogers_esd              ? 
_refine.ls_d_res_high                            2.40 
_refine.ls_d_res_low                             30.40 
_refine.ls_extinction_coef                       ? 
_refine.ls_extinction_coef_esd                   ? 
_refine.ls_extinction_expression                 ? 
_refine.ls_extinction_method                     ? 
_refine.ls_goodness_of_fit_all                   ? 
_refine.ls_goodness_of_fit_all_esd               ? 
_refine.ls_goodness_of_fit_obs                   ? 
_refine.ls_goodness_of_fit_obs_esd               ? 
_refine.ls_hydrogen_treatment                    ? 
_refine.ls_matrix_type                           ? 
_refine.ls_number_constraints                    ? 
_refine.ls_number_parameters                     ? 
_refine.ls_number_reflns_all                     ? 
_refine.ls_number_reflns_obs                     10401 
_refine.ls_number_reflns_R_free                  524 
_refine.ls_number_reflns_R_work                  ? 
_refine.ls_number_restraints                     ? 
_refine.ls_percent_reflns_obs                    95.16 
_refine.ls_percent_reflns_R_free                 4.8 
_refine.ls_R_factor_all                          ? 
_refine.ls_R_factor_obs                          0.18216 
_refine.ls_R_factor_R_free                       0.21243 
_refine.ls_R_factor_R_free_error                 ? 
_refine.ls_R_factor_R_free_error_details         ? 
_refine.ls_R_factor_R_work                       0.18063 
_refine.ls_R_Fsqd_factor_obs                     ? 
_refine.ls_R_I_factor_obs                        ? 
_refine.ls_redundancy_reflns_all                 ? 
_refine.ls_redundancy_reflns_obs                 ? 
_refine.ls_restrained_S_all                      ? 
_refine.ls_restrained_S_obs                      ? 
_refine.ls_shift_over_esd_max                    ? 
_refine.ls_shift_over_esd_mean                   ? 
_refine.ls_structure_factor_coef                 ? 
_refine.ls_weighting_details                     ? 
_refine.ls_weighting_scheme                      ? 
_refine.ls_wR_factor_all                         ? 
_refine.ls_wR_factor_obs                         ? 
_refine.ls_wR_factor_R_free                      ? 
_refine.ls_wR_factor_R_work                      ? 
_refine.occupancy_max                            ? 
_refine.occupancy_min                            ? 
_refine.solvent_model_details                    MASK 
_refine.solvent_model_param_bsol                 ? 
_refine.solvent_model_param_ksol                 ? 
_refine.ls_R_factor_gt                           ? 
_refine.ls_goodness_of_fit_gt                    ? 
_refine.ls_goodness_of_fit_ref                   ? 
_refine.ls_shift_over_su_max                     ? 
_refine.ls_shift_over_su_max_lt                  ? 
_refine.ls_shift_over_su_mean                    ? 
_refine.ls_shift_over_su_mean_lt                 ? 
_refine.pdbx_ls_sigma_I                          ? 
_refine.pdbx_ls_sigma_F                          ? 
_refine.pdbx_ls_sigma_Fsqd                       ? 
_refine.pdbx_data_cutoff_high_absF               ? 
_refine.pdbx_data_cutoff_high_rms_absF           ? 
_refine.pdbx_data_cutoff_low_absF                ? 
_refine.pdbx_isotropic_thermal_model             ? 
_refine.pdbx_ls_cross_valid_method               THROUGHOUT 
_refine.pdbx_method_to_determine_struct          'MOLECULAR REPLACEMENT' 
_refine.pdbx_starting_model                      5E5D 
_refine.pdbx_stereochemistry_target_values       'MAXIMUM LIKELIHOOD' 
_refine.pdbx_R_Free_selection_details            RANDOM 
_refine.pdbx_stereochem_target_val_spec_case     ? 
_refine.pdbx_overall_ESU_R                       0.258 
_refine.pdbx_overall_ESU_R_Free                  0.199 
_refine.pdbx_solvent_vdw_probe_radii             1.20 
_refine.pdbx_solvent_ion_probe_radii             0.80 
_refine.pdbx_solvent_shrinkage_radii             0.80 
_refine.pdbx_real_space_R                        ? 
_refine.pdbx_density_correlation                 ? 
_refine.pdbx_pd_number_of_powder_patterns        ? 
_refine.pdbx_pd_number_of_points                 ? 
_refine.pdbx_pd_meas_number_of_points            ? 
_refine.pdbx_pd_proc_ls_prof_R_factor            ? 
_refine.pdbx_pd_proc_ls_prof_wR_factor           ? 
_refine.pdbx_pd_Marquardt_correlation_coeff      ? 
_refine.pdbx_pd_Fsqrd_R_factor                   ? 
_refine.pdbx_pd_ls_matrix_band_width             ? 
_refine.pdbx_overall_phase_error                 ? 
_refine.pdbx_overall_SU_R_free_Cruickshank_DPI   ? 
_refine.pdbx_overall_SU_R_free_Blow_DPI          ? 
_refine.pdbx_overall_SU_R_Blow_DPI               ? 
_refine.pdbx_TLS_residual_ADP_flag               ? 
_refine.pdbx_diffrn_id                           1 
_refine.overall_SU_B                             5.676 
_refine.overall_SU_ML                            0.131 
_refine.overall_SU_R_Cruickshank_DPI             ? 
_refine.overall_SU_R_free                        ? 
_refine.overall_FOM_free_R_set                   ? 
_refine.overall_FOM_work_R_set                   ? 
_refine.pdbx_average_fsc_overall                 ? 
_refine.pdbx_average_fsc_work                    ? 
_refine.pdbx_average_fsc_free                    ? 
# 
_refine_hist.pdbx_refine_id                   'X-RAY DIFFRACTION' 
_refine_hist.cycle_id                         1 
_refine_hist.pdbx_number_atoms_protein        1343 
_refine_hist.pdbx_number_atoms_nucleic_acid   0 
_refine_hist.pdbx_number_atoms_ligand         20 
_refine_hist.number_atoms_solvent             112 
_refine_hist.number_atoms_total               1475 
_refine_hist.d_res_high                       2.40 
_refine_hist.d_res_low                        30.40 
# 
loop_
_refine_ls_restr.pdbx_refine_id 
_refine_ls_restr.criterion 
_refine_ls_restr.dev_ideal 
_refine_ls_restr.dev_ideal_target 
_refine_ls_restr.number 
_refine_ls_restr.rejects 
_refine_ls_restr.type 
_refine_ls_restr.weight 
_refine_ls_restr.pdbx_restraint_function 
'X-RAY DIFFRACTION' ? 0.018  0.019  1400 ? r_bond_refined_d             ? ? 
'X-RAY DIFFRACTION' ? ?      ?      ?    ? r_bond_other_d               ? ? 
'X-RAY DIFFRACTION' ? 1.919  1.976  1901 ? r_angle_refined_deg          ? ? 
'X-RAY DIFFRACTION' ? ?      ?      ?    ? r_angle_other_deg            ? ? 
'X-RAY DIFFRACTION' ? 6.606  5.000  172  ? r_dihedral_angle_1_deg       ? ? 
'X-RAY DIFFRACTION' ? 32.248 22.857 70   ? r_dihedral_angle_2_deg       ? ? 
'X-RAY DIFFRACTION' ? 16.278 15.000 218  ? r_dihedral_angle_3_deg       ? ? 
'X-RAY DIFFRACTION' ? 21.569 15.000 14   ? r_dihedral_angle_4_deg       ? ? 
'X-RAY DIFFRACTION' ? 0.125  0.200  202  ? r_chiral_restr               ? ? 
'X-RAY DIFFRACTION' ? 0.009  0.021  1106 ? r_gen_planes_refined         ? ? 
'X-RAY DIFFRACTION' ? ?      ?      ?    ? r_gen_planes_other           ? ? 
'X-RAY DIFFRACTION' ? ?      ?      ?    ? r_nbd_refined                ? ? 
'X-RAY DIFFRACTION' ? ?      ?      ?    ? r_nbd_other                  ? ? 
'X-RAY DIFFRACTION' ? ?      ?      ?    ? r_nbtor_refined              ? ? 
'X-RAY DIFFRACTION' ? ?      ?      ?    ? r_nbtor_other                ? ? 
'X-RAY DIFFRACTION' ? ?      ?      ?    ? r_xyhbond_nbd_refined        ? ? 
'X-RAY DIFFRACTION' ? ?      ?      ?    ? r_xyhbond_nbd_other          ? ? 
'X-RAY DIFFRACTION' ? ?      ?      ?    ? r_metal_ion_refined          ? ? 
'X-RAY DIFFRACTION' ? ?      ?      ?    ? r_metal_ion_other            ? ? 
'X-RAY DIFFRACTION' ? ?      ?      ?    ? r_symmetry_vdw_refined       ? ? 
'X-RAY DIFFRACTION' ? ?      ?      ?    ? r_symmetry_vdw_other         ? ? 
'X-RAY DIFFRACTION' ? ?      ?      ?    ? r_symmetry_hbond_refined     ? ? 
'X-RAY DIFFRACTION' ? ?      ?      ?    ? r_symmetry_hbond_other       ? ? 
'X-RAY DIFFRACTION' ? ?      ?      ?    ? r_symmetry_metal_ion_refined ? ? 
'X-RAY DIFFRACTION' ? ?      ?      ?    ? r_symmetry_metal_ion_other   ? ? 
'X-RAY DIFFRACTION' ? 2.095  2.616  685  ? r_mcbond_it                  ? ? 
'X-RAY DIFFRACTION' ? ?      ?      ?    ? r_mcbond_other               ? ? 
'X-RAY DIFFRACTION' ? 3.132  3.906  855  ? r_mcangle_it                 ? ? 
'X-RAY DIFFRACTION' ? ?      ?      ?    ? r_mcangle_other              ? ? 
'X-RAY DIFFRACTION' ? 3.499  2.909  714  ? r_scbond_it                  ? ? 
'X-RAY DIFFRACTION' ? ?      ?      ?    ? r_scbond_other               ? ? 
'X-RAY DIFFRACTION' ? ?      ?      ?    ? r_scangle_it                 ? ? 
'X-RAY DIFFRACTION' ? ?      ?      ?    ? r_scangle_other              ? ? 
'X-RAY DIFFRACTION' ? 7.246  22.537 2183 ? r_long_range_B_refined       ? ? 
'X-RAY DIFFRACTION' ? ?      ?      ?    ? r_long_range_B_other         ? ? 
'X-RAY DIFFRACTION' ? ?      ?      ?    ? r_rigid_bond_restr           ? ? 
'X-RAY DIFFRACTION' ? ?      ?      ?    ? r_sphericity_free            ? ? 
'X-RAY DIFFRACTION' ? ?      ?      ?    ? r_sphericity_bonded          ? ? 
# 
_refine_ls_shell.pdbx_refine_id                   'X-RAY DIFFRACTION' 
_refine_ls_shell.d_res_high                       2.400 
_refine_ls_shell.d_res_low                        2.462 
_refine_ls_shell.number_reflns_all                ? 
_refine_ls_shell.number_reflns_obs                ? 
_refine_ls_shell.number_reflns_R_free             42 
_refine_ls_shell.number_reflns_R_work             705 
_refine_ls_shell.percent_reflns_obs               89.03 
_refine_ls_shell.percent_reflns_R_free            ? 
_refine_ls_shell.R_factor_all                     ? 
_refine_ls_shell.R_factor_obs                     ? 
_refine_ls_shell.R_factor_R_free                  0.310 
_refine_ls_shell.R_factor_R_free_error            ? 
_refine_ls_shell.R_factor_R_work                  0.240 
_refine_ls_shell.redundancy_reflns_all            ? 
_refine_ls_shell.redundancy_reflns_obs            ? 
_refine_ls_shell.wR_factor_all                    ? 
_refine_ls_shell.wR_factor_obs                    ? 
_refine_ls_shell.wR_factor_R_free                 ? 
_refine_ls_shell.wR_factor_R_work                 ? 
_refine_ls_shell.pdbx_total_number_of_bins_used   20 
_refine_ls_shell.pdbx_phase_error                 ? 
_refine_ls_shell.pdbx_fsc_work                    ? 
_refine_ls_shell.pdbx_fsc_free                    ? 
# 
_struct.entry_id                     5CY7 
_struct.title                        
'Structure of Xoo1075, a peptide deformylase from Xanthomonas oryze pv oryze, in complex with fragment 275' 
_struct.pdbx_model_details           ? 
_struct.pdbx_formula_weight          ? 
_struct.pdbx_formula_weight_method   ? 
_struct.pdbx_model_type_details      ? 
_struct.pdbx_CASP_flag               ? 
# 
_struct_keywords.entry_id        5CY7 
_struct_keywords.text            
'a peptide deformylase, Xanthomonas, fragment, metallopeptidase, HYDROLASE-HYDROLASE INHIBITOR complex' 
_struct_keywords.pdbx_keywords   'HYDROLASE/HYDROLASE INHIBITOR' 
# 
loop_
_struct_asym.id 
_struct_asym.pdbx_blank_PDB_chainid_flag 
_struct_asym.pdbx_modified 
_struct_asym.entity_id 
_struct_asym.details 
A N N 1 ? 
B N N 2 ? 
C N N 3 ? 
D N N 2 ? 
E N N 2 ? 
F N N 4 ? 
G N N 5 ? 
H N N 6 ? 
# 
loop_
_struct_conf.conf_type_id 
_struct_conf.id 
_struct_conf.pdbx_PDB_helix_id 
_struct_conf.beg_label_comp_id 
_struct_conf.beg_label_asym_id 
_struct_conf.beg_label_seq_id 
_struct_conf.pdbx_beg_PDB_ins_code 
_struct_conf.end_label_comp_id 
_struct_conf.end_label_asym_id 
_struct_conf.end_label_seq_id 
_struct_conf.pdbx_end_PDB_ins_code 
_struct_conf.beg_auth_comp_id 
_struct_conf.beg_auth_asym_id 
_struct_conf.beg_auth_seq_id 
_struct_conf.end_auth_comp_id 
_struct_conf.end_auth_asym_id 
_struct_conf.end_auth_seq_id 
_struct_conf.pdbx_PDB_helix_class 
_struct_conf.details 
_struct_conf.pdbx_PDB_helix_length 
HELX_P HELX_P1 AA1 ASP A 10  ? LEU A 14  ? ASP A 10  LEU A 14  5 ? 5  
HELX_P HELX_P2 AA2 SER A 25  ? ALA A 42  ? SER A 25  ALA A 42  1 ? 18 
HELX_P HELX_P3 AA3 PRO A 50  ? ALA A 53  ? PRO A 50  ALA A 53  5 ? 4  
HELX_P HELX_P4 AA4 GLY A 133 ? VAL A 147 ? GLY A 133 VAL A 147 1 ? 15 
HELX_P HELX_P5 AA5 LEU A 150 ? ILE A 155 ? LEU A 150 ILE A 155 5 ? 6  
HELX_P HELX_P6 AA6 ASN A 157 ? PHE A 161 ? ASN A 157 PHE A 161 5 ? 5  
# 
_struct_conf_type.id          HELX_P 
_struct_conf_type.criteria    ? 
_struct_conf_type.reference   ? 
# 
loop_
_struct_conn.id 
_struct_conn.conn_type_id 
_struct_conn.pdbx_leaving_atom_flag 
_struct_conn.pdbx_PDB_id 
_struct_conn.ptnr1_label_asym_id 
_struct_conn.ptnr1_label_comp_id 
_struct_conn.ptnr1_label_seq_id 
_struct_conn.ptnr1_label_atom_id 
_struct_conn.pdbx_ptnr1_label_alt_id 
_struct_conn.pdbx_ptnr1_PDB_ins_code 
_struct_conn.pdbx_ptnr1_standard_comp_id 
_struct_conn.ptnr1_symmetry 
_struct_conn.ptnr2_label_asym_id 
_struct_conn.ptnr2_label_comp_id 
_struct_conn.ptnr2_label_seq_id 
_struct_conn.ptnr2_label_atom_id 
_struct_conn.pdbx_ptnr2_label_alt_id 
_struct_conn.pdbx_ptnr2_PDB_ins_code 
_struct_conn.ptnr1_auth_asym_id 
_struct_conn.ptnr1_auth_comp_id 
_struct_conn.ptnr1_auth_seq_id 
_struct_conn.ptnr2_auth_asym_id 
_struct_conn.ptnr2_auth_comp_id 
_struct_conn.ptnr2_auth_seq_id 
_struct_conn.ptnr2_symmetry 
_struct_conn.pdbx_ptnr3_label_atom_id 
_struct_conn.pdbx_ptnr3_label_seq_id 
_struct_conn.pdbx_ptnr3_label_comp_id 
_struct_conn.pdbx_ptnr3_label_asym_id 
_struct_conn.pdbx_ptnr3_label_alt_id 
_struct_conn.pdbx_ptnr3_PDB_ins_code 
_struct_conn.details 
_struct_conn.pdbx_dist_value 
_struct_conn.pdbx_value_order 
_struct_conn.pdbx_role 
metalc1  metalc ? ? A LEU 14  O   ? ? ? 1_555 G NA  . NA ? ? A LEU 14  A NA  206 1_555 ? ? ? ? ? ? ? 2.375 ? ? 
metalc2  metalc ? ? A GLU 37  OE2 ? ? ? 1_555 E CD  . CD ? ? A GLU 37  A CD  204 8_445 ? ? ? ? ? ? ? 2.467 ? ? 
metalc3  metalc ? ? A HIS 43  NE2 ? ? ? 1_555 D CD  . CD ? ? A HIS 43  A CD  203 8_445 ? ? ? ? ? ? ? 2.181 ? ? 
metalc4  metalc ? ? A CYS 99  SG  ? ? ? 1_555 B CD  . CD ? ? A CYS 99  A CD  201 1_555 ? ? ? ? ? ? ? 2.451 ? ? 
metalc5  metalc ? ? A GLU 128 OE1 ? ? ? 1_555 D CD  . CD ? ? A GLU 128 A CD  203 1_555 ? ? ? ? ? ? ? 2.132 ? ? 
metalc6  metalc ? ? A GLU 130 OE1 ? ? ? 1_555 D CD  . CD ? ? A GLU 130 A CD  203 1_555 ? ? ? ? ? ? ? 2.416 ? ? 
metalc7  metalc ? ? A HIS 141 NE2 ? ? ? 1_555 B CD  . CD ? ? A HIS 141 A CD  201 1_555 ? ? ? ? ? ? ? 2.434 ? ? 
metalc8  metalc ? ? A HIS 145 NE2 ? ? ? 1_555 B CD  . CD ? ? A HIS 145 A CD  201 1_555 ? ? ? ? ? ? ? 2.459 ? ? 
metalc9  metalc ? ? B CD  .   CD  ? ? ? 1_555 H HOH . O  ? ? A CD  201 A HOH 304 1_555 ? ? ? ? ? ? ? 2.125 ? ? 
metalc10 metalc ? ? D CD  .   CD  ? ? ? 1_555 H HOH . O  ? ? A CD  203 A HOH 323 8_545 ? ? ? ? ? ? ? 2.225 ? ? 
metalc11 metalc ? ? D CD  .   CD  ? ? ? 1_555 H HOH . O  ? ? A CD  203 A HOH 394 1_555 ? ? ? ? ? ? ? 2.441 ? ? 
metalc12 metalc ? ? E CD  .   CD  ? ? ? 1_555 H HOH . O  ? ? A CD  204 A HOH 325 1_555 ? ? ? ? ? ? ? 2.381 ? ? 
metalc13 metalc ? ? G NA  .   NA  ? ? ? 1_555 H HOH . O  ? ? A NA  206 A HOH 349 1_555 ? ? ? ? ? ? ? 2.478 ? ? 
metalc14 metalc ? ? G NA  .   NA  ? ? ? 1_555 H HOH . O  ? ? A NA  206 A HOH 353 1_555 ? ? ? ? ? ? ? 2.267 ? ? 
metalc15 metalc ? ? G NA  .   NA  ? ? ? 1_555 H HOH . O  ? ? A NA  206 A HOH 385 8_555 ? ? ? ? ? ? ? 2.529 ? ? 
metalc16 metalc ? ? G NA  .   NA  ? ? ? 1_555 H HOH . O  ? ? A NA  206 A HOH 395 1_555 ? ? ? ? ? ? ? 2.704 ? ? 
metalc17 metalc ? ? G NA  .   NA  ? ? ? 1_555 H HOH . O  ? ? A NA  206 A HOH 407 8_555 ? ? ? ? ? ? ? 2.588 ? ? 
# 
_struct_conn_type.id          metalc 
_struct_conn_type.criteria    ? 
_struct_conn_type.reference   ? 
# 
loop_
_struct_sheet.id 
_struct_sheet.type 
_struct_sheet.number_strands 
_struct_sheet.details 
AA1 ? 5 ? 
AA2 ? 3 ? 
# 
loop_
_struct_sheet_order.sheet_id 
_struct_sheet_order.range_id_1 
_struct_sheet_order.range_id_2 
_struct_sheet_order.offset 
_struct_sheet_order.sense 
AA1 1 2 ? anti-parallel 
AA1 2 3 ? anti-parallel 
AA1 3 4 ? anti-parallel 
AA1 4 5 ? anti-parallel 
AA2 1 2 ? anti-parallel 
AA2 2 3 ? anti-parallel 
# 
loop_
_struct_sheet_range.sheet_id 
_struct_sheet_range.id 
_struct_sheet_range.beg_label_comp_id 
_struct_sheet_range.beg_label_asym_id 
_struct_sheet_range.beg_label_seq_id 
_struct_sheet_range.pdbx_beg_PDB_ins_code 
_struct_sheet_range.end_label_comp_id 
_struct_sheet_range.end_label_asym_id 
_struct_sheet_range.end_label_seq_id 
_struct_sheet_range.pdbx_end_PDB_ins_code 
_struct_sheet_range.beg_auth_comp_id 
_struct_sheet_range.beg_auth_asym_id 
_struct_sheet_range.beg_auth_seq_id 
_struct_sheet_range.end_auth_comp_id 
_struct_sheet_range.end_auth_asym_id 
_struct_sheet_range.end_auth_seq_id 
AA1 1 GLY A 46  ? ALA A 48  ? GLY A 46  ALA A 48  
AA1 2 LEU A 58  ? PHE A 63  ? LEU A 58  PHE A 63  
AA1 3 VAL A 75  ? PRO A 87  ? VAL A 75  PRO A 87  
AA1 4 TYR A 114 ? PHE A 120 ? TYR A 114 PHE A 120 
AA1 5 PRO A 126 ? GLU A 132 ? PRO A 126 GLU A 132 
AA2 1 MET A 92  ? GLU A 97  ? MET A 92  GLU A 97  
AA2 2 LEU A 105 ? TYR A 112 ? LEU A 105 TYR A 112 
AA2 3 GLY A 162 ? PHE A 163 ? GLY A 162 PHE A 163 
# 
loop_
_pdbx_struct_sheet_hbond.sheet_id 
_pdbx_struct_sheet_hbond.range_id_1 
_pdbx_struct_sheet_hbond.range_id_2 
_pdbx_struct_sheet_hbond.range_1_label_atom_id 
_pdbx_struct_sheet_hbond.range_1_label_comp_id 
_pdbx_struct_sheet_hbond.range_1_label_asym_id 
_pdbx_struct_sheet_hbond.range_1_label_seq_id 
_pdbx_struct_sheet_hbond.range_1_PDB_ins_code 
_pdbx_struct_sheet_hbond.range_1_auth_atom_id 
_pdbx_struct_sheet_hbond.range_1_auth_comp_id 
_pdbx_struct_sheet_hbond.range_1_auth_asym_id 
_pdbx_struct_sheet_hbond.range_1_auth_seq_id 
_pdbx_struct_sheet_hbond.range_2_label_atom_id 
_pdbx_struct_sheet_hbond.range_2_label_comp_id 
_pdbx_struct_sheet_hbond.range_2_label_asym_id 
_pdbx_struct_sheet_hbond.range_2_label_seq_id 
_pdbx_struct_sheet_hbond.range_2_PDB_ins_code 
_pdbx_struct_sheet_hbond.range_2_auth_atom_id 
_pdbx_struct_sheet_hbond.range_2_auth_comp_id 
_pdbx_struct_sheet_hbond.range_2_auth_asym_id 
_pdbx_struct_sheet_hbond.range_2_auth_seq_id 
AA1 1 2 N LEU A 47  ? N LEU A 47  O VAL A 60  ? O VAL A 60  
AA1 2 3 N PHE A 61  ? N PHE A 61  O THR A 78  ? O THR A 78  
AA1 3 4 N GLN A 84  ? N GLN A 84  O ARG A 118 ? O ARG A 118 
AA1 4 5 N GLY A 119 ? N GLY A 119 O ILE A 127 ? O ILE A 127 
AA2 1 2 N GLY A 95  ? N GLY A 95  O ILE A 109 ? O ILE A 109 
AA2 2 3 N ARG A 106 ? N ARG A 106 O GLY A 162 ? O GLY A 162 
# 
loop_
_struct_site.id 
_struct_site.pdbx_evidence_code 
_struct_site.pdbx_auth_asym_id 
_struct_site.pdbx_auth_comp_id 
_struct_site.pdbx_auth_seq_id 
_struct_site.pdbx_auth_ins_code 
_struct_site.pdbx_num_residues 
_struct_site.details 
AC1 Software A CD  201 ? 5 'binding site for residue CD A 201'  
AC2 Software A ACT 202 ? 7 'binding site for residue ACT A 202' 
AC3 Software A CD  203 ? 5 'binding site for residue CD A 203'  
AC4 Software A CD  204 ? 3 'binding site for residue CD A 204'  
AC5 Software A 56U 205 ? 8 'binding site for residue 56U A 205' 
AC6 Software A NA  206 ? 6 'binding site for residue NA A 206'  
# 
loop_
_struct_site_gen.id 
_struct_site_gen.site_id 
_struct_site_gen.pdbx_num_res 
_struct_site_gen.label_comp_id 
_struct_site_gen.label_asym_id 
_struct_site_gen.label_seq_id 
_struct_site_gen.pdbx_auth_ins_code 
_struct_site_gen.auth_comp_id 
_struct_site_gen.auth_asym_id 
_struct_site_gen.auth_seq_id 
_struct_site_gen.label_atom_id 
_struct_site_gen.label_alt_id 
_struct_site_gen.symmetry 
_struct_site_gen.details 
1  AC1 5 GLN A 51  ? GLN A 51  . ? 1_555 ? 
2  AC1 5 CYS A 99  ? CYS A 99  . ? 1_555 ? 
3  AC1 5 HIS A 141 ? HIS A 141 . ? 1_555 ? 
4  AC1 5 HIS A 145 ? HIS A 145 . ? 1_555 ? 
5  AC1 5 HOH H .   ? HOH A 304 . ? 1_555 ? 
6  AC2 7 LEU A 14  ? LEU A 14  . ? 1_555 ? 
7  AC2 7 GLY A 148 ? GLY A 148 . ? 1_555 ? 
8  AC2 7 ARG A 149 ? ARG A 149 . ? 1_555 ? 
9  AC2 7 LEU A 150 ? LEU A 150 . ? 1_555 ? 
10 AC2 7 SER A 153 ? SER A 153 . ? 1_555 ? 
11 AC2 7 ASP A 159 ? ASP A 159 . ? 8_555 ? 
12 AC2 7 HOH H .   ? HOH A 303 . ? 1_555 ? 
13 AC3 5 HIS A 43  ? HIS A 43  . ? 8_545 ? 
14 AC3 5 GLU A 128 ? GLU A 128 . ? 1_555 ? 
15 AC3 5 GLU A 130 ? GLU A 130 . ? 1_555 ? 
16 AC3 5 HOH H .   ? HOH A 323 . ? 8_545 ? 
17 AC3 5 HOH H .   ? HOH A 394 . ? 1_555 ? 
18 AC4 3 GLU A 37  ? GLU A 37  . ? 8_545 ? 
19 AC4 3 GLU A 132 ? GLU A 132 . ? 1_555 ? 
20 AC4 3 HOH H .   ? HOH A 325 . ? 1_555 ? 
21 AC5 8 VAL A 45  ? VAL A 45  . ? 1_555 ? 
22 AC5 8 ARG A 68  ? ARG A 68  . ? 1_555 ? 
23 AC5 8 TYR A 69  ? TYR A 69  . ? 1_555 ? 
24 AC5 8 GLY A 98  ? GLY A 98  . ? 1_555 ? 
25 AC5 8 CYS A 99  ? CYS A 99  . ? 1_555 ? 
26 AC5 8 HIS A 141 ? HIS A 141 . ? 1_555 ? 
27 AC5 8 GLU A 142 ? GLU A 142 . ? 1_555 ? 
28 AC5 8 HOH H .   ? HOH A 302 . ? 1_555 ? 
29 AC6 6 LEU A 14  ? LEU A 14  . ? 1_555 ? 
30 AC6 6 HOH H .   ? HOH A 349 . ? 1_555 ? 
31 AC6 6 HOH H .   ? HOH A 353 . ? 1_555 ? 
32 AC6 6 HOH H .   ? HOH A 385 . ? 8_555 ? 
33 AC6 6 HOH H .   ? HOH A 395 . ? 1_555 ? 
34 AC6 6 HOH H .   ? HOH A 407 . ? 8_555 ? 
# 
_atom_sites.entry_id                    5CY7 
_atom_sites.fract_transf_matrix[1][1]   -0.00928288 
_atom_sites.fract_transf_matrix[1][2]   0.01300760 
_atom_sites.fract_transf_matrix[1][3]   -0.01140021 
_atom_sites.fract_transf_matrix[2][1]   -0.01003990 
_atom_sites.fract_transf_matrix[2][2]   0.01477689 
_atom_sites.fract_transf_matrix[2][3]   0.00813517 
_atom_sites.fract_transf_matrix[3][1]   0.00311256 
_atom_sites.fract_transf_matrix[3][2]   0.00215587 
_atom_sites.fract_transf_matrix[3][3]   -0.00007464 
_atom_sites.fract_transf_vector[1]      -0.047317 
_atom_sites.fract_transf_vector[2]      -0.338365 
_atom_sites.fract_transf_vector[3]      0.013555 
# 
loop_
_atom_type.symbol 
C  
CD 
F  
N  
NA 
O  
S  
# 
loop_
_atom_site.group_PDB 
_atom_site.id 
_atom_site.type_symbol 
_atom_site.label_atom_id 
_atom_site.label_alt_id 
_atom_site.label_comp_id 
_atom_site.label_asym_id 
_atom_site.label_entity_id 
_atom_site.label_seq_id 
_atom_site.pdbx_PDB_ins_code 
_atom_site.Cartn_x 
_atom_site.Cartn_y 
_atom_site.Cartn_z 
_atom_site.occupancy 
_atom_site.B_iso_or_equiv 
_atom_site.pdbx_formal_charge 
_atom_site.auth_seq_id 
_atom_site.auth_comp_id 
_atom_site.auth_asym_id 
_atom_site.auth_atom_id 
_atom_site.pdbx_PDB_model_num 
ATOM   1    N  N   . MET A 1 1   ? 13.951  -3.467  12.988  1.00 30.27  ? 1   MET A N   1 
ATOM   2    C  CA  . MET A 1 1   ? 13.480  -2.437  13.919  1.00 33.38  ? 1   MET A CA  1 
ATOM   3    C  C   . MET A 1 1   ? 12.116  -1.910  13.485  1.00 34.40  ? 1   MET A C   1 
ATOM   4    O  O   . MET A 1 1   ? 11.899  -1.549  12.300  1.00 34.14  ? 1   MET A O   1 
ATOM   5    C  CB  . MET A 1 1   ? 14.476  -1.313  13.945  1.00 38.72  ? 1   MET A CB  1 
ATOM   6    C  CG  . MET A 1 1   ? 14.202  -0.265  15.012  1.00 49.05  ? 1   MET A CG  1 
ATOM   7    S  SD  . MET A 1 1   ? 15.143  1.219   14.551  1.00 72.88  ? 1   MET A SD  1 
ATOM   8    C  CE  . MET A 1 1   ? 16.837  0.678   14.959  1.00 62.73  ? 1   MET A CE  1 
ATOM   9    N  N   . ILE A 1 2   ? 11.190  -1.861  14.442  1.00 34.06  ? 2   ILE A N   1 
ATOM   10   C  CA  . ILE A 1 2   ? 9.810   -1.363  14.214  1.00 30.66  ? 2   ILE A CA  1 
ATOM   11   C  C   . ILE A 1 2   ? 9.867   0.165   14.188  1.00 29.19  ? 2   ILE A C   1 
ATOM   12   O  O   . ILE A 1 2   ? 10.423  0.764   15.078  1.00 32.83  ? 2   ILE A O   1 
ATOM   13   C  CB  . ILE A 1 2   ? 8.816   -1.911  15.307  1.00 29.44  ? 2   ILE A CB  1 
ATOM   14   C  CG1 . ILE A 1 2   ? 8.723   -3.464  15.205  1.00 26.79  ? 2   ILE A CG1 1 
ATOM   15   C  CG2 . ILE A 1 2   ? 7.459   -1.196  15.258  1.00 23.10  ? 2   ILE A CG2 1 
ATOM   16   C  CD1 . ILE A 1 2   ? 7.620   -4.102  16.016  1.00 26.96  ? 2   ILE A CD1 1 
ATOM   17   N  N   . ARG A 1 3   ? 9.326   0.790   13.151  1.00 28.24  ? 3   ARG A N   1 
ATOM   18   C  CA  . ARG A 1 3   ? 9.358   2.246   13.020  1.00 28.08  ? 3   ARG A CA  1 
ATOM   19   C  C   . ARG A 1 3   ? 7.978   2.861   13.257  1.00 27.20  ? 3   ARG A C   1 
ATOM   20   O  O   . ARG A 1 3   ? 6.967   2.262   12.923  1.00 26.30  ? 3   ARG A O   1 
ATOM   21   C  CB  . ARG A 1 3   ? 9.781   2.617   11.596  1.00 30.29  ? 3   ARG A CB  1 
ATOM   22   C  CG  . ARG A 1 3   ? 11.068  1.972   11.165  1.00 32.00  ? 3   ARG A CG  1 
ATOM   23   C  CD  . ARG A 1 3   ? 12.223  2.956   11.298  1.00 33.67  ? 3   ARG A CD  1 
ATOM   24   N  NE  . ARG A 1 3   ? 13.316  2.397   10.519  1.00 40.00  ? 3   ARG A NE  1 
ATOM   25   C  CZ  . ARG A 1 3   ? 13.913  2.985   9.491   1.00 33.14  ? 3   ARG A CZ  1 
ATOM   26   N  NH1 . ARG A 1 3   ? 13.597  4.214   9.123   1.00 33.38  ? 3   ARG A NH1 1 
ATOM   27   N  NH2 . ARG A 1 3   ? 14.868  2.328   8.868   1.00 34.63  ? 3   ARG A NH2 1 
ATOM   28   N  N   . ASP A 1 4   ? 7.944   4.065   13.803  1.00 25.47  ? 4   ASP A N   1 
ATOM   29   C  CA  . ASP A 1 4   ? 6.698   4.788   13.913  1.00 26.62  ? 4   ASP A CA  1 
ATOM   30   C  C   . ASP A 1 4   ? 6.051   4.931   12.567  1.00 26.19  ? 4   ASP A C   1 
ATOM   31   O  O   . ASP A 1 4   ? 6.735   5.253   11.564  1.00 25.06  ? 4   ASP A O   1 
ATOM   32   C  CB  . ASP A 1 4   ? 6.949   6.186   14.473  1.00 29.34  ? 4   ASP A CB  1 
ATOM   33   C  CG  . ASP A 1 4   ? 7.510   6.153   15.906  1.00 34.10  ? 4   ASP A CG  1 
ATOM   34   O  OD1 . ASP A 1 4   ? 7.306   5.182   16.683  1.00 34.85  ? 4   ASP A OD1 1 
ATOM   35   O  OD2 . ASP A 1 4   ? 8.170   7.131   16.248  1.00 37.66  ? 4   ASP A OD2 1 
ATOM   36   N  N   . ILE A 1 5   ? 4.733   4.707   12.537  1.00 23.83  ? 5   ILE A N   1 
ATOM   37   C  CA  . ILE A 1 5   ? 3.937   5.005   11.377  1.00 22.05  ? 5   ILE A CA  1 
ATOM   38   C  C   . ILE A 1 5   ? 3.369   6.388   11.611  1.00 23.24  ? 5   ILE A C   1 
ATOM   39   O  O   . ILE A 1 5   ? 2.605   6.594   12.553  1.00 24.91  ? 5   ILE A O   1 
ATOM   40   C  CB  . ILE A 1 5   ? 2.819   3.971   11.174  1.00 22.51  ? 5   ILE A CB  1 
ATOM   41   C  CG1 . ILE A 1 5   ? 3.421   2.599   10.789  1.00 19.68  ? 5   ILE A CG1 1 
ATOM   42   C  CG2 . ILE A 1 5   ? 1.835   4.467   10.131  1.00 20.74  ? 5   ILE A CG2 1 
ATOM   43   C  CD1 . ILE A 1 5   ? 2.497   1.441   11.130  1.00 19.47  ? 5   ILE A CD1 1 
ATOM   44   N  N   . ILE A 1 6   ? 3.756   7.349   10.771  1.00 22.14  ? 6   ILE A N   1 
ATOM   45   C  CA  . ILE A 1 6   ? 3.198   8.704   10.848  1.00 22.73  ? 6   ILE A CA  1 
ATOM   46   C  C   . ILE A 1 6   ? 1.688   8.764   10.397  1.00 24.96  ? 6   ILE A C   1 
ATOM   47   O  O   . ILE A 1 6   ? 1.218   7.947   9.574   1.00 25.38  ? 6   ILE A O   1 
ATOM   48   C  CB  . ILE A 1 6   ? 4.136   9.761   10.174  1.00 21.49  ? 6   ILE A CB  1 
ATOM   49   C  CG1 . ILE A 1 6   ? 4.325   9.495   8.660   1.00 19.48  ? 6   ILE A CG1 1 
ATOM   50   C  CG2 . ILE A 1 6   ? 5.444   9.856   10.979  1.00 20.94  ? 6   ILE A CG2 1 
ATOM   51   C  CD1 . ILE A 1 6   ? 4.928   10.650  7.858   1.00 16.39  ? 6   ILE A CD1 1 
ATOM   52   N  N   . ARG A 1 7   ? 0.930   9.693   10.950  1.00 24.17  ? 7   ARG A N   1 
ATOM   53   C  CA  . ARG A 1 7   ? -0.547  9.663   10.768  1.00 25.68  ? 7   ARG A CA  1 
ATOM   54   C  C   . ARG A 1 7   ? -0.994  10.787  9.811   1.00 23.28  ? 7   ARG A C   1 
ATOM   55   O  O   . ARG A 1 7   ? -0.315  11.826  9.721   1.00 21.28  ? 7   ARG A O   1 
ATOM   56   C  CB  . ARG A 1 7   ? -1.244  9.767   12.147  1.00 26.36  ? 7   ARG A CB  1 
ATOM   57   C  CG  . ARG A 1 7   ? -1.438  8.417   12.817  1.00 32.29  ? 7   ARG A CG  1 
ATOM   58   C  CD  . ARG A 1 7   ? -1.334  8.420   14.342  1.00 40.92  ? 7   ARG A CD  1 
ATOM   59   N  NE  . ARG A 1 7   ? -1.273  9.737   15.015  1.00 45.64  ? 7   ARG A NE  1 
ATOM   60   C  CZ  . ARG A 1 7   ? -2.313  10.342  15.592  1.00 47.46  ? 7   ARG A CZ  1 
ATOM   61   N  NH1 . ARG A 1 7   ? -3.510  9.775   15.573  1.00 57.49  ? 7   ARG A NH1 1 
ATOM   62   N  NH2 . ARG A 1 7   ? -2.165  11.511  16.198  1.00 48.24  ? 7   ARG A NH2 1 
ATOM   63   N  N   . MET A 1 8   ? -2.105  10.566  9.099   1.00 21.92  ? 8   MET A N   1 
ATOM   64   C  CA  . MET A 1 8   ? -2.669  11.566  8.184   1.00 22.35  ? 8   MET A CA  1 
ATOM   65   C  C   . MET A 1 8   ? -2.687  12.952  8.844   1.00 22.11  ? 8   MET A C   1 
ATOM   66   O  O   . MET A 1 8   ? -2.965  13.066  10.034  1.00 19.97  ? 8   MET A O   1 
ATOM   67   C  CB  . MET A 1 8   ? -4.043  11.158  7.678   1.00 22.07  ? 8   MET A CB  1 
ATOM   68   C  CG  . MET A 1 8   ? -4.620  12.144  6.670   1.00 21.57  ? 8   MET A CG  1 
ATOM   69   S  SD  . MET A 1 8   ? -6.172  11.546  5.977   1.00 24.08  ? 8   MET A SD  1 
ATOM   70   C  CE  . MET A 1 8   ? -7.262  11.846  7.385   1.00 20.50  ? 8   MET A CE  1 
ATOM   71   N  N   . GLY A 1 9   ? -2.298  13.976  8.073   1.00 23.74  ? 9   GLY A N   1 
ATOM   72   C  CA  . GLY A 1 9   ? -2.026  15.310  8.607   1.00 26.97  ? 9   GLY A CA  1 
ATOM   73   C  C   . GLY A 1 9   ? -0.550  15.665  8.652   1.00 28.36  ? 9   GLY A C   1 
ATOM   74   O  O   . GLY A 1 9   ? -0.196  16.836  8.664   1.00 29.31  ? 9   GLY A O   1 
ATOM   75   N  N   . ASP A 1 10  ? 0.325   14.657  8.694   1.00 30.47  ? 10  ASP A N   1 
ATOM   76   C  CA  . ASP A 1 10  ? 1.776   14.918  8.602   1.00 29.09  ? 10  ASP A CA  1 
ATOM   77   C  C   . ASP A 1 10  ? 2.083   15.321  7.163   1.00 28.46  ? 10  ASP A C   1 
ATOM   78   O  O   . ASP A 1 10  ? 1.611   14.657  6.236   1.00 29.30  ? 10  ASP A O   1 
ATOM   79   C  CB  . ASP A 1 10  ? 2.541   13.668  8.958   1.00 28.41  ? 10  ASP A CB  1 
ATOM   80   C  CG  . ASP A 1 10  ? 4.001   13.942  9.222   1.00 27.90  ? 10  ASP A CG  1 
ATOM   81   O  OD1 . ASP A 1 10  ? 4.679   14.524  8.349   1.00 28.58  ? 10  ASP A OD1 1 
ATOM   82   O  OD2 . ASP A 1 10  ? 4.457   13.563  10.296  1.00 24.70  ? 10  ASP A OD2 1 
ATOM   83   N  N   . LYS A 1 11  ? 2.819   16.411  6.959   1.00 28.44  ? 11  LYS A N   1 
ATOM   84   C  CA  . LYS A 1 11  ? 3.145   16.829  5.568   1.00 30.39  ? 11  LYS A CA  1 
ATOM   85   C  C   . LYS A 1 11  ? 3.952   15.776  4.811   1.00 25.40  ? 11  LYS A C   1 
ATOM   86   O  O   . LYS A 1 11  ? 3.924   15.677  3.561   1.00 25.43  ? 11  LYS A O   1 
ATOM   87   C  CB  . LYS A 1 11  ? 3.844   18.184  5.533   1.00 32.81  ? 11  LYS A CB  1 
ATOM   88   C  CG  . LYS A 1 11  ? 2.821   19.306  5.510   1.00 38.02  ? 11  LYS A CG  1 
ATOM   89   C  CD  . LYS A 1 11  ? 3.392   20.655  5.933   1.00 39.79  ? 11  LYS A CD  1 
ATOM   90   C  CE  . LYS A 1 11  ? 2.311   21.725  5.924   1.00 42.21  ? 11  LYS A CE  1 
ATOM   91   N  NZ  . LYS A 1 11  ? 2.809   23.039  6.426   1.00 48.28  ? 11  LYS A NZ  1 
ATOM   92   N  N   . ARG A 1 12  ? 4.631   14.942  5.570   1.00 21.80  ? 12  ARG A N   1 
ATOM   93   C  CA  . ARG A 1 12  ? 5.510   13.974  4.929   1.00 22.06  ? 12  ARG A CA  1 
ATOM   94   C  C   . ARG A 1 12  ? 4.763   12.898  4.128   1.00 21.99  ? 12  ARG A C   1 
ATOM   95   O  O   . ARG A 1 12  ? 5.373   12.200  3.341   1.00 24.12  ? 12  ARG A O   1 
ATOM   96   C  CB  . ARG A 1 12  ? 6.523   13.428  5.937   1.00 20.01  ? 12  ARG A CB  1 
ATOM   97   C  CG  . ARG A 1 12  ? 7.460   14.546  6.418   1.00 21.44  ? 12  ARG A CG  1 
ATOM   98   C  CD  . ARG A 1 12  ? 8.295   14.157  7.635   1.00 20.45  ? 12  ARG A CD  1 
ATOM   99   N  NE  . ARG A 1 12  ? 7.485   13.838  8.825   1.00 20.54  ? 12  ARG A NE  1 
ATOM   100  C  CZ  . ARG A 1 12  ? 7.991   13.334  9.965   1.00 21.97  ? 12  ARG A CZ  1 
ATOM   101  N  NH1 . ARG A 1 12  ? 9.309   13.023  10.059  1.00 21.49  ? 12  ARG A NH1 1 
ATOM   102  N  NH2 . ARG A 1 12  ? 7.186   13.020  10.975  1.00 18.40  ? 12  ARG A NH2 1 
ATOM   103  N  N   . LEU A 1 13  ? 3.455   12.731  4.344   1.00 23.09  ? 13  LEU A N   1 
ATOM   104  C  CA  . LEU A 1 13  ? 2.652   11.767  3.528   1.00 21.42  ? 13  LEU A CA  1 
ATOM   105  C  C   . LEU A 1 13  ? 2.174   12.416  2.241   1.00 21.99  ? 13  LEU A C   1 
ATOM   106  O  O   . LEU A 1 13  ? 1.662   11.724  1.365   1.00 21.16  ? 13  LEU A O   1 
ATOM   107  C  CB  . LEU A 1 13  ? 1.432   11.315  4.304   1.00 22.08  ? 13  LEU A CB  1 
ATOM   108  C  CG  . LEU A 1 13  ? 1.679   10.505  5.579   1.00 22.32  ? 13  LEU A CG  1 
ATOM   109  C  CD1 . LEU A 1 13  ? 0.434   10.455  6.411   1.00 21.41  ? 13  LEU A CD1 1 
ATOM   110  C  CD2 . LEU A 1 13  ? 2.102   9.101   5.181   1.00 24.05  ? 13  LEU A CD2 1 
ATOM   111  N  N   . LEU A 1 14  ? 2.368   13.735  2.131   1.00 21.95  ? 14  LEU A N   1 
ATOM   112  C  CA  . LEU A 1 14  ? 1.869   14.537  0.999   1.00 26.66  ? 14  LEU A CA  1 
ATOM   113  C  C   . LEU A 1 14  ? 2.900   14.843  -0.106  1.00 27.60  ? 14  LEU A C   1 
ATOM   114  O  O   . LEU A 1 14  ? 2.544   15.460  -1.102  1.00 28.53  ? 14  LEU A O   1 
ATOM   115  C  CB  . LEU A 1 14  ? 1.235   15.870  1.477   1.00 24.08  ? 14  LEU A CB  1 
ATOM   116  C  CG  . LEU A 1 14  ? 0.244   15.727  2.648   1.00 25.33  ? 14  LEU A CG  1 
ATOM   117  C  CD1 . LEU A 1 14  ? -0.173  17.110  3.124   1.00 22.07  ? 14  LEU A CD1 1 
ATOM   118  C  CD2 . LEU A 1 14  ? -0.964  14.848  2.269   1.00 24.34  ? 14  LEU A CD2 1 
ATOM   119  N  N   . ARG A 1 15  ? 4.136   14.370  0.053   1.00 28.02  ? 15  ARG A N   1 
ATOM   120  C  CA  . ARG A 1 15  ? 5.242   14.573  -0.926  1.00 27.35  ? 15  ARG A CA  1 
ATOM   121  C  C   . ARG A 1 15  ? 5.198   13.606  -2.086  1.00 25.23  ? 15  ARG A C   1 
ATOM   122  O  O   . ARG A 1 15  ? 4.666   12.538  -1.941  1.00 24.97  ? 15  ARG A O   1 
ATOM   123  C  CB  . ARG A 1 15  ? 6.601   14.345  -0.232  1.00 24.60  ? 15  ARG A CB  1 
ATOM   124  C  CG  . ARG A 1 15  ? 6.867   15.253  0.927   1.00 26.18  ? 15  ARG A CG  1 
ATOM   125  C  CD  . ARG A 1 15  ? 8.303   15.066  1.372   1.00 31.22  ? 15  ARG A CD  1 
ATOM   126  N  NE  . ARG A 1 15  ? 8.464   13.911  2.249   1.00 29.33  ? 15  ARG A NE  1 
ATOM   127  C  CZ  . ARG A 1 15  ? 9.308   13.893  3.271   1.00 28.14  ? 15  ARG A CZ  1 
ATOM   128  N  NH1 . ARG A 1 15  ? 10.020  14.991  3.497   1.00 29.28  ? 15  ARG A NH1 1 
ATOM   129  N  NH2 . ARG A 1 15  ? 9.431   12.817  4.063   1.00 24.81  ? 15  ARG A NH2 1 
ATOM   130  N  N   . VAL A 1 16  ? 5.808   13.987  -3.209  1.00 26.61  ? 16  VAL A N   1 
ATOM   131  C  CA  . VAL A 1 16  ? 6.187   13.092  -4.291  1.00 24.63  ? 16  VAL A CA  1 
ATOM   132  C  C   . VAL A 1 16  ? 7.605   12.542  -3.970  1.00 26.21  ? 16  VAL A C   1 
ATOM   133  O  O   . VAL A 1 16  ? 8.614   13.271  -4.004  1.00 30.41  ? 16  VAL A O   1 
ATOM   134  C  CB  . VAL A 1 16  ? 6.194   13.848  -5.634  1.00 24.07  ? 16  VAL A CB  1 
ATOM   135  C  CG1 . VAL A 1 16  ? 6.427   12.891  -6.809  1.00 19.90  ? 16  VAL A CG1 1 
ATOM   136  C  CG2 . VAL A 1 16  ? 4.869   14.563  -5.801  1.00 22.28  ? 16  VAL A CG2 1 
ATOM   137  N  N   . ALA A 1 17  ? 7.672   11.251  -3.648  1.00 23.23  ? 17  ALA A N   1 
ATOM   138  C  CA  . ALA A 1 17  ? 8.916   10.564  -3.274  1.00 22.10  ? 17  ALA A CA  1 
ATOM   139  C  C   . ALA A 1 17  ? 9.901   10.319  -4.466  1.00 21.86  ? 17  ALA A C   1 
ATOM   140  O  O   . ALA A 1 17  ? 9.457   9.911   -5.552  1.00 23.66  ? 17  ALA A O   1 
ATOM   141  C  CB  . ALA A 1 17  ? 8.571   9.260   -2.569  1.00 19.60  ? 17  ALA A CB  1 
ATOM   142  N  N   . PRO A 1 18  ? 11.222  10.581  -4.279  1.00 22.58  ? 18  PRO A N   1 
ATOM   143  C  CA  . PRO A 1 18  ? 12.194  10.262  -5.348  1.00 22.81  ? 18  PRO A CA  1 
ATOM   144  C  C   . PRO A 1 18  ? 12.458  8.757   -5.420  1.00 25.16  ? 18  PRO A C   1 
ATOM   145  O  O   . PRO A 1 18  ? 11.990  7.934   -4.563  1.00 25.27  ? 18  PRO A O   1 
ATOM   146  C  CB  . PRO A 1 18  ? 13.449  11.028  -4.919  1.00 21.90  ? 18  PRO A CB  1 
ATOM   147  C  CG  . PRO A 1 18  ? 13.378  11.022  -3.447  1.00 21.83  ? 18  PRO A CG  1 
ATOM   148  C  CD  . PRO A 1 18  ? 11.907  11.192  -3.117  1.00 23.30  ? 18  PRO A CD  1 
ATOM   149  N  N   . GLN A 1 19  ? 13.152  8.377   -6.472  1.00 24.74  ? 19  GLN A N   1 
ATOM   150  C  CA  . GLN A 1 19  ? 13.402  7.001   -6.739  1.00 23.24  ? 19  GLN A CA  1 
ATOM   151  C  C   . GLN A 1 19  ? 14.407  6.390   -5.800  1.00 22.07  ? 19  GLN A C   1 
ATOM   152  O  O   . GLN A 1 19  ? 15.239  7.062   -5.190  1.00 19.76  ? 19  GLN A O   1 
ATOM   153  C  CB  . GLN A 1 19  ? 13.960  6.891   -8.111  1.00 26.99  ? 19  GLN A CB  1 
ATOM   154  C  CG  . GLN A 1 19  ? 12.953  7.147   -9.194  1.00 37.81  ? 19  GLN A CG  1 
ATOM   155  C  CD  . GLN A 1 19  ? 13.509  6.630   -10.507 1.00 43.77  ? 19  GLN A CD  1 
ATOM   156  O  OE1 . GLN A 1 19  ? 14.682  6.860   -10.792 1.00 43.41  ? 19  GLN A OE1 1 
ATOM   157  N  NE2 . GLN A 1 19  ? 12.709  5.867   -11.263 1.00 43.80  ? 19  GLN A NE2 1 
ATOM   158  N  N   . VAL A 1 20  ? 14.344  5.076   -5.705  1.00 21.19  ? 20  VAL A N   1 
ATOM   159  C  CA  . VAL A 1 20  ? 15.329  4.365   -4.953  1.00 21.37  ? 20  VAL A CA  1 
ATOM   160  C  C   . VAL A 1 20  ? 16.550  4.201   -5.913  1.00 23.01  ? 20  VAL A C   1 
ATOM   161  O  O   . VAL A 1 20  ? 16.406  3.782   -7.115  1.00 19.65  ? 20  VAL A O   1 
ATOM   162  C  CB  . VAL A 1 20  ? 14.780  2.990   -4.479  1.00 19.74  ? 20  VAL A CB  1 
ATOM   163  C  CG1 . VAL A 1 20  ? 15.918  2.134   -3.985  1.00 18.21  ? 20  VAL A CG1 1 
ATOM   164  C  CG2 . VAL A 1 20  ? 13.723  3.147   -3.395  1.00 18.82  ? 20  VAL A CG2 1 
ATOM   165  N  N   . THR A 1 21  ? 17.737  4.519   -5.385  1.00 22.37  ? 21  THR A N   1 
ATOM   166  C  CA  . THR A 1 21  ? 18.969  4.432   -6.191  1.00 23.70  ? 21  THR A CA  1 
ATOM   167  C  C   . THR A 1 21  ? 20.015  3.567   -5.538  1.00 22.89  ? 21  THR A C   1 
ATOM   168  O  O   . THR A 1 21  ? 21.121  3.469   -6.075  1.00 26.10  ? 21  THR A O   1 
ATOM   169  C  CB  . THR A 1 21  ? 19.593  5.807   -6.485  1.00 23.46  ? 21  THR A CB  1 
ATOM   170  O  OG1 . THR A 1 21  ? 19.765  6.501   -5.255  1.00 23.70  ? 21  THR A OG1 1 
ATOM   171  C  CG2 . THR A 1 21  ? 18.665  6.660   -7.400  1.00 23.28  ? 21  THR A CG2 1 
ATOM   172  N  N   . ASN A 1 22  ? 19.667  2.924   -4.426  1.00 19.81  ? 22  ASN A N   1 
ATOM   173  C  CA  . ASN A 1 22  ? 20.584  2.025   -3.749  1.00 18.46  ? 22  ASN A CA  1 
ATOM   174  C  C   . ASN A 1 22  ? 20.154  0.569   -3.802  1.00 17.92  ? 22  ASN A C   1 
ATOM   175  O  O   . ASN A 1 22  ? 20.370  -0.165  -2.845  1.00 21.03  ? 22  ASN A O   1 
ATOM   176  C  CB  . ASN A 1 22  ? 20.938  2.470   -2.322  1.00 18.06  ? 22  ASN A CB  1 
ATOM   177  C  CG  . ASN A 1 22  ? 19.696  2.613   -1.376  1.00 23.69  ? 22  ASN A CG  1 
ATOM   178  O  OD1 . ASN A 1 22  ? 19.854  3.012   -0.219  1.00 26.56  ? 22  ASN A OD1 1 
ATOM   179  N  ND2 . ASN A 1 22  ? 18.508  2.293   -1.835  1.00 19.63  ? 22  ASN A ND2 1 
ATOM   180  N  N   . LEU A 1 23  ? 19.579  0.140   -4.906  1.00 15.51  ? 23  LEU A N   1 
ATOM   181  C  CA  . LEU A 1 23  ? 19.288  -1.266  -5.077  1.00 16.72  ? 23  LEU A CA  1 
ATOM   182  C  C   . LEU A 1 23  ? 20.501  -2.152  -4.816  1.00 18.47  ? 23  LEU A C   1 
ATOM   183  O  O   . LEU A 1 23  ? 21.585  -1.845  -5.277  1.00 19.25  ? 23  LEU A O   1 
ATOM   184  C  CB  . LEU A 1 23  ? 18.736  -1.558  -6.513  1.00 16.20  ? 23  LEU A CB  1 
ATOM   185  C  CG  . LEU A 1 23  ? 17.490  -0.751  -6.888  1.00 15.79  ? 23  LEU A CG  1 
ATOM   186  C  CD1 . LEU A 1 23  ? 17.162  -0.966  -8.359  1.00 13.86  ? 23  LEU A CD1 1 
ATOM   187  C  CD2 . LEU A 1 23  ? 16.300  -1.049  -5.952  1.00 14.02  ? 23  LEU A CD2 1 
ATOM   188  N  N   . GLY A 1 24  ? 20.307  -3.278  -4.104  1.00 20.91  ? 24  GLY A N   1 
ATOM   189  C  CA  . GLY A 1 24  ? 21.347  -4.267  -3.771  1.00 17.29  ? 24  GLY A CA  1 
ATOM   190  C  C   . GLY A 1 24  ? 22.148  -3.827  -2.566  1.00 19.60  ? 24  GLY A C   1 
ATOM   191  O  O   . GLY A 1 24  ? 23.073  -4.541  -2.141  1.00 20.80  ? 24  GLY A O   1 
ATOM   192  N  N   . SER A 1 25  ? 21.839  -2.668  -1.977  1.00 18.38  ? 25  SER A N   1 
ATOM   193  C  CA  . SER A 1 25  ? 22.667  -2.296  -0.852  1.00 19.73  ? 25  SER A CA  1 
ATOM   194  C  C   . SER A 1 25  ? 22.208  -2.866  0.493   1.00 22.70  ? 25  SER A C   1 
ATOM   195  O  O   . SER A 1 25  ? 21.057  -3.407  0.636   1.00 21.94  ? 25  SER A O   1 
ATOM   196  C  CB  . SER A 1 25  ? 22.752  -0.789  -0.753  1.00 20.68  ? 25  SER A CB  1 
ATOM   197  O  OG  . SER A 1 25  ? 21.517  -0.192  -0.421  1.00 18.61  ? 25  SER A OG  1 
ATOM   198  N  N   . ALA A 1 26  ? 23.089  -2.719  1.487   1.00 19.67  ? 26  ALA A N   1 
ATOM   199  C  CA  . ALA A 1 26  ? 22.786  -3.179  2.824   1.00 21.74  ? 26  ALA A CA  1 
ATOM   200  C  C   . ALA A 1 26  ? 21.823  -2.194  3.539   1.00 22.21  ? 26  ALA A C   1 
ATOM   201  O  O   . ALA A 1 26  ? 21.114  -2.611  4.429   1.00 23.77  ? 26  ALA A O   1 
ATOM   202  C  CB  . ALA A 1 26  ? 24.076  -3.430  3.653   1.00 19.06  ? 26  ALA A CB  1 
ATOM   203  N  N   . GLU A 1 27  ? 21.846  -0.908  3.185   1.00 21.81  ? 27  GLU A N   1 
ATOM   204  C  CA  . GLU A 1 27  ? 20.957  0.111   3.743   1.00 22.42  ? 27  GLU A CA  1 
ATOM   205  C  C   . GLU A 1 27  ? 19.507  -0.121  3.234   1.00 22.51  ? 27  GLU A C   1 
ATOM   206  O  O   . GLU A 1 27  ? 18.566  -0.135  4.019   1.00 23.59  ? 27  GLU A O   1 
ATOM   207  C  CB  . GLU A 1 27  ? 21.428  1.536   3.417   1.00 24.80  ? 27  GLU A CB  1 
ATOM   208  C  CG  . GLU A 1 27  ? 22.870  1.844   3.854   1.00 34.47  ? 27  GLU A CG  1 
ATOM   209  C  CD  . GLU A 1 27  ? 24.021  1.207   2.952   1.00 39.61  ? 27  GLU A CD  1 
ATOM   210  O  OE1 . GLU A 1 27  ? 23.824  0.604   1.856   1.00 38.29  ? 27  GLU A OE1 1 
ATOM   211  O  OE2 . GLU A 1 27  ? 25.191  1.298   3.362   1.00 40.70  ? 27  GLU A OE2 1 
ATOM   212  N  N   . LEU A 1 28  ? 19.329  -0.348  1.947   1.00 19.22  ? 28  LEU A N   1 
ATOM   213  C  CA  . LEU A 1 28  ? 18.038  -0.663  1.454   1.00 19.79  ? 28  LEU A CA  1 
ATOM   214  C  C   . LEU A 1 28  ? 17.519  -1.959  2.139   1.00 21.65  ? 28  LEU A C   1 
ATOM   215  O  O   . LEU A 1 28  ? 16.343  -1.988  2.584   1.00 24.86  ? 28  LEU A O   1 
ATOM   216  C  CB  . LEU A 1 28  ? 18.081  -0.855  -0.055  1.00 18.15  ? 28  LEU A CB  1 
ATOM   217  C  CG  . LEU A 1 28  ? 16.708  -1.163  -0.642  1.00 19.64  ? 28  LEU A CG  1 
ATOM   218  C  CD1 . LEU A 1 28  ? 15.853  0.073   -0.381  1.00 17.99  ? 28  LEU A CD1 1 
ATOM   219  C  CD2 . LEU A 1 28  ? 16.814  -1.476  -2.146  1.00 17.48  ? 28  LEU A CD2 1 
ATOM   220  N  N   . HIS A 1 29  ? 18.345  -3.020  2.208   1.00 20.37  ? 29  HIS A N   1 
ATOM   221  C  CA  A HIS A 1 29  ? 17.856  -4.293  2.722   0.50 20.64  ? 29  HIS A CA  1 
ATOM   222  C  CA  B HIS A 1 29  ? 17.905  -4.311  2.794   0.50 21.35  ? 29  HIS A CA  1 
ATOM   223  C  C   . HIS A 1 29  ? 17.407  -4.054  4.213   1.00 21.10  ? 29  HIS A C   1 
ATOM   224  O  O   . HIS A 1 29  ? 16.369  -4.542  4.612   1.00 20.40  ? 29  HIS A O   1 
ATOM   225  C  CB  A HIS A 1 29  ? 18.861  -5.468  2.519   0.50 19.29  ? 29  HIS A CB  1 
ATOM   226  C  CB  B HIS A 1 29  ? 18.981  -5.430  2.796   0.50 20.87  ? 29  HIS A CB  1 
ATOM   227  C  CG  A HIS A 1 29  ? 18.942  -6.025  1.109   0.50 19.31  ? 29  HIS A CG  1 
ATOM   228  C  CG  B HIS A 1 29  ? 18.646  -6.589  3.697   0.50 21.99  ? 29  HIS A CG  1 
ATOM   229  N  ND1 A HIS A 1 29  ? 18.015  -6.908  0.591   0.50 18.86  ? 29  HIS A ND1 1 
ATOM   230  N  ND1 B HIS A 1 29  ? 18.249  -7.823  3.218   0.50 22.28  ? 29  HIS A ND1 1 
ATOM   231  C  CD2 A HIS A 1 29  ? 19.907  -5.916  0.158   0.50 19.37  ? 29  HIS A CD2 1 
ATOM   232  C  CD2 B HIS A 1 29  ? 18.633  -6.693  5.055   0.50 21.87  ? 29  HIS A CD2 1 
ATOM   233  C  CE1 A HIS A 1 29  ? 18.383  -7.288  -0.620  0.50 17.59  ? 29  HIS A CE1 1 
ATOM   234  C  CE1 B HIS A 1 29  ? 17.999  -8.630  4.238   0.50 22.09  ? 29  HIS A CE1 1 
ATOM   235  N  NE2 A HIS A 1 29  ? 19.530  -6.705  -0.905  0.50 17.34  ? 29  HIS A NE2 1 
ATOM   236  N  NE2 B HIS A 1 29  ? 18.224  -7.968  5.359   0.50 21.16  ? 29  HIS A NE2 1 
ATOM   237  N  N   . ALA A 1 30  ? 18.146  -3.259  4.976   1.00 19.39  ? 30  ALA A N   1 
ATOM   238  C  CA  . ALA A 1 30  ? 17.771  -3.000  6.345   1.00 19.90  ? 30  ALA A CA  1 
ATOM   239  C  C   . ALA A 1 30  ? 16.476  -2.218  6.404   1.00 20.27  ? 30  ALA A C   1 
ATOM   240  O  O   . ALA A 1 30  ? 15.700  -2.408  7.311   1.00 20.57  ? 30  ALA A O   1 
ATOM   241  C  CB  . ALA A 1 30  ? 18.881  -2.246  7.119   1.00 18.35  ? 30  ALA A CB  1 
ATOM   242  N  N   . LEU A 1 31  ? 16.279  -1.269  5.486   1.00 21.79  ? 31  LEU A N   1 
ATOM   243  C  CA  . LEU A 1 31  ? 15.103  -0.410  5.505   1.00 19.83  ? 31  LEU A CA  1 
ATOM   244  C  C   . LEU A 1 31  ? 13.862  -1.285  5.125   1.00 20.80  ? 31  LEU A C   1 
ATOM   245  O  O   . LEU A 1 31  ? 12.807  -1.163  5.742   1.00 20.73  ? 31  LEU A O   1 
ATOM   246  C  CB  . LEU A 1 31  ? 15.279  0.725   4.534   1.00 19.25  ? 31  LEU A CB  1 
ATOM   247  C  CG  . LEU A 1 31  ? 13.979  1.411   4.091   1.00 19.30  ? 31  LEU A CG  1 
ATOM   248  C  CD1 . LEU A 1 31  ? 13.287  2.064   5.279   1.00 16.35  ? 31  LEU A CD1 1 
ATOM   249  C  CD2 . LEU A 1 31  ? 14.290  2.488   3.053   1.00 18.73  ? 31  LEU A CD2 1 
ATOM   250  N  N   . VAL A 1 32  ? 14.032  -2.175  4.156   1.00 18.78  ? 32  VAL A N   1 
ATOM   251  C  CA  . VAL A 1 32  ? 12.990  -3.076  3.717   1.00 19.02  ? 32  VAL A CA  1 
ATOM   252  C  C   . VAL A 1 32  ? 12.591  -4.015  4.835   1.00 20.93  ? 32  VAL A C   1 
ATOM   253  O  O   . VAL A 1 32  ? 11.427  -4.269  5.017   1.00 22.69  ? 32  VAL A O   1 
ATOM   254  C  CB  . VAL A 1 32  ? 13.457  -3.906  2.501   1.00 18.85  ? 32  VAL A CB  1 
ATOM   255  C  CG1 . VAL A 1 32  ? 12.599  -5.174  2.292   1.00 15.57  ? 32  VAL A CG1 1 
ATOM   256  C  CG2 . VAL A 1 32  ? 13.419  -2.998  1.287   1.00 17.50  ? 32  VAL A CG2 1 
ATOM   257  N  N   . SER A 1 33  ? 13.562  -4.504  5.590   1.00 20.80  ? 33  SER A N   1 
ATOM   258  C  CA  . SER A 1 33  ? 13.374  -5.491  6.622   1.00 20.90  ? 33  SER A CA  1 
ATOM   259  C  C   . SER A 1 33  ? 12.629  -4.803  7.801   1.00 21.36  ? 33  SER A C   1 
ATOM   260  O  O   . SER A 1 33  ? 11.723  -5.363  8.405   1.00 21.08  ? 33  SER A O   1 
ATOM   261  C  CB  . SER A 1 33  ? 14.738  -6.044  7.033   1.00 21.56  ? 33  SER A CB  1 
ATOM   262  O  OG  . SER A 1 33  ? 14.730  -6.751  8.269   1.00 23.57  ? 33  SER A OG  1 
ATOM   263  N  N   . ASP A 1 34  ? 13.006  -3.580  8.091   1.00 21.77  ? 34  ASP A N   1 
ATOM   264  C  CA  . ASP A 1 34  ? 12.250  -2.699  8.982   1.00 20.71  ? 34  ASP A CA  1 
ATOM   265  C  C   . ASP A 1 34  ? 10.763  -2.511  8.533   1.00 22.01  ? 34  ASP A C   1 
ATOM   266  O  O   . ASP A 1 34  ? 9.844   -2.526  9.375   1.00 21.99  ? 34  ASP A O   1 
ATOM   267  C  CB  . ASP A 1 34  ? 12.954  -1.346  9.026   1.00 20.89  ? 34  ASP A CB  1 
ATOM   268  C  CG  . ASP A 1 34  ? 14.150  -1.321  9.998   1.00 22.87  ? 34  ASP A CG  1 
ATOM   269  O  OD1 . ASP A 1 34  ? 14.515  -2.364  10.589  1.00 20.47  ? 34  ASP A OD1 1 
ATOM   270  O  OD2 . ASP A 1 34  ? 14.674  -0.213  10.215  1.00 24.97  ? 34  ASP A OD2 1 
ATOM   271  N  N   . MET A 1 35  ? 10.530  -2.325  7.228   1.00 20.13  ? 35  MET A N   1 
ATOM   272  C  CA  . MET A 1 35  ? 9.191   -2.117  6.704   1.00 18.41  ? 35  MET A CA  1 
ATOM   273  C  C   . MET A 1 35  ? 8.315   -3.353  6.888   1.00 18.95  ? 35  MET A C   1 
ATOM   274  O  O   . MET A 1 35  ? 7.190   -3.236  7.366   1.00 19.29  ? 35  MET A O   1 
ATOM   275  C  CB  . MET A 1 35  ? 9.259   -1.706  5.272   1.00 17.47  ? 35  MET A CB  1 
ATOM   276  C  CG  . MET A 1 35  ? 9.831   -0.314  5.187   1.00 17.22  ? 35  MET A CG  1 
ATOM   277  S  SD  . MET A 1 35  ? 9.880   0.330   3.515   1.00 18.88  ? 35  MET A SD  1 
ATOM   278  C  CE  . MET A 1 35  ? 8.128   0.390   3.048   1.00 17.54  ? 35  MET A CE  1 
ATOM   279  N  N   . PHE A 1 36  ? 8.825   -4.531  6.581   1.00 18.95  ? 36  PHE A N   1 
ATOM   280  C  CA  . PHE A 1 36  ? 8.033   -5.752  6.738   1.00 20.05  ? 36  PHE A CA  1 
ATOM   281  C  C   . PHE A 1 36  ? 7.708   -5.964  8.237   1.00 23.05  ? 36  PHE A C   1 
ATOM   282  O  O   . PHE A 1 36  ? 6.613   -6.385  8.628   1.00 21.19  ? 36  PHE A O   1 
ATOM   283  C  CB  . PHE A 1 36  ? 8.847   -6.944  6.312   1.00 17.83  ? 36  PHE A CB  1 
ATOM   284  C  CG  . PHE A 1 36  ? 8.786   -7.231  4.847   1.00 18.34  ? 36  PHE A CG  1 
ATOM   285  C  CD1 . PHE A 1 36  ? 7.564   -7.526  4.226   1.00 16.96  ? 36  PHE A CD1 1 
ATOM   286  C  CD2 . PHE A 1 36  ? 9.962   -7.210  4.078   1.00 15.18  ? 36  PHE A CD2 1 
ATOM   287  C  CE1 . PHE A 1 36  ? 7.516   -7.795  2.852   1.00 16.95  ? 36  PHE A CE1 1 
ATOM   288  C  CE2 . PHE A 1 36  ? 9.913   -7.512  2.746   1.00 14.90  ? 36  PHE A CE2 1 
ATOM   289  C  CZ  . PHE A 1 36  ? 8.700   -7.796  2.116   1.00 16.45  ? 36  PHE A CZ  1 
ATOM   290  N  N   . GLU A 1 37  ? 8.700   -5.669  9.053   1.00 21.95  ? 37  GLU A N   1 
ATOM   291  C  CA  . GLU A 1 37  ? 8.565   -5.800  10.429  1.00 23.49  ? 37  GLU A CA  1 
ATOM   292  C  C   . GLU A 1 37  ? 7.502   -4.839  11.019  1.00 24.58  ? 37  GLU A C   1 
ATOM   293  O  O   . GLU A 1 37  ? 6.693   -5.244  11.879  1.00 26.55  ? 37  GLU A O   1 
ATOM   294  C  CB  . GLU A 1 37  ? 9.913   -5.551  11.052  1.00 24.30  ? 37  GLU A CB  1 
ATOM   295  C  CG  . GLU A 1 37  ? 9.817   -5.778  12.510  1.00 27.64  ? 37  GLU A CG  1 
ATOM   296  C  CD  . GLU A 1 37  ? 11.140  -5.711  13.199  1.00 33.41  ? 37  GLU A CD  1 
ATOM   297  O  OE1 . GLU A 1 37  ? 12.172  -5.213  12.624  1.00 29.12  ? 37  GLU A OE1 1 
ATOM   298  O  OE2 . GLU A 1 37  ? 11.102  -6.171  14.370  1.00 36.26  ? 37  GLU A OE2 1 
ATOM   299  N  N   . THR A 1 38  ? 7.559   -3.572  10.601  1.00 23.03  ? 38  THR A N   1 
ATOM   300  C  CA  . THR A 1 38  ? 6.598   -2.547  10.946  1.00 20.98  ? 38  THR A CA  1 
ATOM   301  C  C   . THR A 1 38  ? 5.220   -2.920  10.395  1.00 22.88  ? 38  THR A C   1 
ATOM   302  O  O   . THR A 1 38  ? 4.223   -2.757  11.057  1.00 23.65  ? 38  THR A O   1 
ATOM   303  C  CB  . THR A 1 38  ? 7.023   -1.190  10.372  1.00 21.19  ? 38  THR A CB  1 
ATOM   304  O  OG1 . THR A 1 38  ? 8.334   -0.873  10.880  1.00 21.53  ? 38  THR A OG1 1 
ATOM   305  C  CG2 . THR A 1 38  ? 6.027   -0.067  10.793  1.00 18.92  ? 38  THR A CG2 1 
ATOM   306  N  N   . MET A 1 39  ? 5.171   -3.436  9.180   1.00 22.36  ? 39  MET A N   1 
ATOM   307  C  CA  . MET A 1 39  ? 3.901   -3.776  8.584   1.00 21.38  ? 39  MET A CA  1 
ATOM   308  C  C   . MET A 1 39  ? 3.252   -4.827  9.464   1.00 22.78  ? 39  MET A C   1 
ATOM   309  O  O   . MET A 1 39  ? 2.035   -4.727  9.756   1.00 24.00  ? 39  MET A O   1 
ATOM   310  C  CB  . MET A 1 39  ? 4.020   -4.285  7.137   1.00 17.78  ? 39  MET A CB  1 
ATOM   311  C  CG  . MET A 1 39  ? 2.676   -4.466  6.457   1.00 17.38  ? 39  MET A CG  1 
ATOM   312  S  SD  . MET A 1 39  ? 2.856   -4.956  4.734   1.00 19.91  ? 39  MET A SD  1 
ATOM   313  C  CE  . MET A 1 39  ? 3.124   -6.725  4.798   1.00 14.70  ? 39  MET A CE  1 
ATOM   314  N  N   . GLY A 1 40  ? 4.058   -5.818  9.866   1.00 22.47  ? 40  GLY A N   1 
ATOM   315  C  CA  . GLY A 1 40  ? 3.579   -7.026  10.536  1.00 19.58  ? 40  GLY A CA  1 
ATOM   316  C  C   . GLY A 1 40  ? 3.038   -6.705  11.936  1.00 20.14  ? 40  GLY A C   1 
ATOM   317  O  O   . GLY A 1 40  ? 2.040   -7.257  12.304  1.00 17.60  ? 40  GLY A O   1 
ATOM   318  N  N   . ALA A 1 41  ? 3.714   -5.814  12.696  1.00 20.55  ? 41  ALA A N   1 
ATOM   319  C  CA  . ALA A 1 41  ? 3.357   -5.500  14.079  1.00 20.73  ? 41  ALA A CA  1 
ATOM   320  C  C   . ALA A 1 41  ? 2.027   -4.769  14.113  1.00 23.22  ? 41  ALA A C   1 
ATOM   321  O  O   . ALA A 1 41  ? 1.291   -4.847  15.122  1.00 24.36  ? 41  ALA A O   1 
ATOM   322  C  CB  . ALA A 1 41  ? 4.424   -4.645  14.766  1.00 16.86  ? 41  ALA A CB  1 
ATOM   323  N  N   . ALA A 1 42  ? 1.748   -4.024  13.041  1.00 23.90  ? 42  ALA A N   1 
ATOM   324  C  CA  . ALA A 1 42  ? 0.510   -3.244  12.920  1.00 25.40  ? 42  ALA A CA  1 
ATOM   325  C  C   . ALA A 1 42  ? -0.552  -4.000  12.144  1.00 24.35  ? 42  ALA A C   1 
ATOM   326  O  O   . ALA A 1 42  ? -1.593  -3.449  11.879  1.00 29.86  ? 42  ALA A O   1 
ATOM   327  C  CB  . ALA A 1 42  ? 0.764   -1.887  12.273  1.00 22.29  ? 42  ALA A CB  1 
ATOM   328  N  N   . HIS A 1 43  ? -0.262  -5.232  11.759  1.00 21.94  ? 43  HIS A N   1 
ATOM   329  C  CA  . HIS A 1 43  ? -1.184  -6.110  11.068  1.00 22.69  ? 43  HIS A CA  1 
ATOM   330  C  C   . HIS A 1 43  ? -1.605  -5.546  9.755   1.00 26.89  ? 43  HIS A C   1 
ATOM   331  O  O   . HIS A 1 43  ? -2.776  -5.764  9.354   1.00 28.75  ? 43  HIS A O   1 
ATOM   332  C  CB  . HIS A 1 43  ? -2.406  -6.505  11.941  1.00 22.37  ? 43  HIS A CB  1 
ATOM   333  C  CG  . HIS A 1 43  ? -1.995  -7.265  13.166  1.00 23.84  ? 43  HIS A CG  1 
ATOM   334  N  ND1 . HIS A 1 43  ? -2.063  -8.635  13.237  1.00 25.30  ? 43  HIS A ND1 1 
ATOM   335  C  CD2 . HIS A 1 43  ? -1.328  -6.863  14.282  1.00 23.58  ? 43  HIS A CD2 1 
ATOM   336  C  CE1 . HIS A 1 43  ? -1.534  -9.034  14.390  1.00 26.52  ? 43  HIS A CE1 1 
ATOM   337  N  NE2 . HIS A 1 43  ? -1.081  -7.976  15.040  1.00 22.23  ? 43  HIS A NE2 1 
ATOM   338  N  N   . GLY A 1 44  ? -0.680  -4.831  9.091   1.00 24.29  ? 44  GLY A N   1 
ATOM   339  C  CA  . GLY A 1 44  ? -0.926  -4.219  7.749   1.00 22.21  ? 44  GLY A CA  1 
ATOM   340  C  C   . GLY A 1 44  ? -0.974  -5.238  6.633   1.00 21.06  ? 44  GLY A C   1 
ATOM   341  O  O   . GLY A 1 44  ? -0.524  -6.389  6.831   1.00 21.54  ? 44  GLY A O   1 
ATOM   342  N  N   . VAL A 1 45  ? -1.525  -4.859  5.473   1.00 19.41  ? 45  VAL A N   1 
ATOM   343  C  CA  . VAL A 1 45  ? -1.368  -5.682  4.263   1.00 19.45  ? 45  VAL A CA  1 
ATOM   344  C  C   . VAL A 1 45  ? -0.409  -5.026  3.251   1.00 20.18  ? 45  VAL A C   1 
ATOM   345  O  O   . VAL A 1 45  ? 0.071   -5.674  2.309   1.00 19.74  ? 45  VAL A O   1 
ATOM   346  C  CB  . VAL A 1 45  ? -2.732  -5.995  3.575   1.00 22.76  ? 45  VAL A CB  1 
ATOM   347  C  CG1 . VAL A 1 45  ? -3.628  -6.853  4.517   1.00 22.28  ? 45  VAL A CG1 1 
ATOM   348  C  CG2 . VAL A 1 45  ? -3.427  -4.715  3.067   1.00 20.48  ? 45  VAL A CG2 1 
ATOM   349  N  N   . GLY A 1 46  ? -0.152  -3.727  3.438   1.00 19.37  ? 46  GLY A N   1 
ATOM   350  C  CA  . GLY A 1 46  ? 0.709   -2.932  2.531   1.00 19.65  ? 46  GLY A CA  1 
ATOM   351  C  C   . GLY A 1 46  ? 1.309   -1.877  3.431   1.00 19.56  ? 46  GLY A C   1 
ATOM   352  O  O   . GLY A 1 46  ? 0.642   -1.434  4.369   1.00 21.65  ? 46  GLY A O   1 
ATOM   353  N  N   . LEU A 1 47  ? 2.543   -1.469  3.189   1.00 18.47  ? 47  LEU A N   1 
ATOM   354  C  CA  . LEU A 1 47  ? 3.101   -0.272  3.876   1.00 18.95  ? 47  LEU A CA  1 
ATOM   355  C  C   . LEU A 1 47  ? 4.037   0.446   2.907   1.00 18.74  ? 47  LEU A C   1 
ATOM   356  O  O   . LEU A 1 47  ? 4.827   -0.222  2.230   1.00 20.31  ? 47  LEU A O   1 
ATOM   357  C  CB  . LEU A 1 47  ? 3.902   -0.697  5.110   1.00 16.95  ? 47  LEU A CB  1 
ATOM   358  C  CG  . LEU A 1 47  ? 4.510   0.387   5.947   1.00 18.25  ? 47  LEU A CG  1 
ATOM   359  C  CD1 . LEU A 1 47  ? 3.444   1.082   6.807   1.00 17.57  ? 47  LEU A CD1 1 
ATOM   360  C  CD2 . LEU A 1 47  ? 5.601   -0.303  6.790   1.00 17.42  ? 47  LEU A CD2 1 
ATOM   361  N  N   . ALA A 1 48  ? 3.915   1.765   2.793   1.00 17.78  ? 48  ALA A N   1 
ATOM   362  C  CA  . ALA A 1 48  ? 4.742   2.511   1.849   1.00 18.43  ? 48  ALA A CA  1 
ATOM   363  C  C   . ALA A 1 48  ? 5.783   3.315   2.616   1.00 19.41  ? 48  ALA A C   1 
ATOM   364  O  O   . ALA A 1 48  ? 5.523   3.791   3.738   1.00 19.62  ? 48  ALA A O   1 
ATOM   365  C  CB  . ALA A 1 48  ? 3.888   3.424   0.964   1.00 17.44  ? 48  ALA A CB  1 
ATOM   366  N  N   . ALA A 1 49  ? 6.970   3.476   2.042   1.00 19.66  ? 49  ALA A N   1 
ATOM   367  C  CA  . ALA A 1 49  ? 8.076   4.122   2.829   1.00 17.90  ? 49  ALA A CA  1 
ATOM   368  C  C   . ALA A 1 49  ? 7.718   5.473   3.392   1.00 16.23  ? 49  ALA A C   1 
ATOM   369  O  O   . ALA A 1 49  ? 8.134   5.774   4.492   1.00 16.04  ? 49  ALA A O   1 
ATOM   370  C  CB  . ALA A 1 49  ? 9.411   4.189   2.049   1.00 17.41  ? 49  ALA A CB  1 
ATOM   371  N  N   . PRO A 1 50  ? 6.949   6.298   2.652   1.00 16.83  ? 50  PRO A N   1 
ATOM   372  C  CA  . PRO A 1 50  ? 6.584   7.615   3.237   1.00 17.73  ? 50  PRO A CA  1 
ATOM   373  C  C   . PRO A 1 50  ? 5.710   7.505   4.516   1.00 20.27  ? 50  PRO A C   1 
ATOM   374  O  O   . PRO A 1 50  ? 5.701   8.435   5.345   1.00 20.97  ? 50  PRO A O   1 
ATOM   375  C  CB  . PRO A 1 50  ? 5.828   8.310   2.134   1.00 15.56  ? 50  PRO A CB  1 
ATOM   376  C  CG  . PRO A 1 50  ? 6.228   7.624   0.906   1.00 15.48  ? 50  PRO A CG  1 
ATOM   377  C  CD  . PRO A 1 50  ? 6.526   6.186   1.250   1.00 15.59  ? 50  PRO A CD  1 
ATOM   378  N  N   . GLN A 1 51  ? 5.060   6.355   4.721   1.00 19.61  ? 51  GLN A N   1 
ATOM   379  C  CA  . GLN A 1 51  ? 4.315   6.119   5.996   1.00 20.06  ? 51  GLN A CA  1 
ATOM   380  C  C   . GLN A 1 51  ? 5.184   5.949   7.232   1.00 21.18  ? 51  GLN A C   1 
ATOM   381  O  O   . GLN A 1 51  ? 4.678   6.042   8.400   1.00 20.95  ? 51  GLN A O   1 
ATOM   382  C  CB  . GLN A 1 51  ? 3.365   4.918   5.900   1.00 18.03  ? 51  GLN A CB  1 
ATOM   383  C  CG  . GLN A 1 51  ? 2.295   5.093   4.830   1.00 17.71  ? 51  GLN A CG  1 
ATOM   384  C  CD  . GLN A 1 51  ? 1.381   3.894   4.837   1.00 17.69  ? 51  GLN A CD  1 
ATOM   385  O  OE1 . GLN A 1 51  ? 1.582   2.962   4.074   1.00 19.66  ? 51  GLN A OE1 1 
ATOM   386  N  NE2 . GLN A 1 51  ? 0.407   3.881   5.759   1.00 17.03  ? 51  GLN A NE2 1 
ATOM   387  N  N   . ILE A 1 52  ? 6.462   5.646   7.012   1.00 19.13  ? 52  ILE A N   1 
ATOM   388  C  CA  . ILE A 1 52  ? 7.390   5.697   8.126   1.00 19.85  ? 52  ILE A CA  1 
ATOM   389  C  C   . ILE A 1 52  ? 8.300   6.908   7.983   1.00 21.08  ? 52  ILE A C   1 
ATOM   390  O  O   . ILE A 1 52  ? 9.398   6.863   8.468   1.00 24.53  ? 52  ILE A O   1 
ATOM   391  C  CB  . ILE A 1 52  ? 8.221   4.387   8.303   1.00 20.13  ? 52  ILE A CB  1 
ATOM   392  C  CG1 . ILE A 1 52  ? 9.004   4.010   7.014   1.00 19.56  ? 52  ILE A CG1 1 
ATOM   393  C  CG2 . ILE A 1 52  ? 7.324   3.217   8.739   1.00 18.48  ? 52  ILE A CG2 1 
ATOM   394  C  CD1 . ILE A 1 52  ? 9.909   2.781   7.175   1.00 18.89  ? 52  ILE A CD1 1 
ATOM   395  N  N   . ALA A 1 53  ? 7.856   7.978   7.314   1.00 21.11  ? 53  ALA A N   1 
ATOM   396  C  CA  . ALA A 1 53  ? 8.688   9.208   7.108   1.00 20.54  ? 53  ALA A CA  1 
ATOM   397  C  C   . ALA A 1 53  ? 10.012  8.944   6.347   1.00 21.81  ? 53  ALA A C   1 
ATOM   398  O  O   . ALA A 1 53  ? 11.009  9.574   6.635   1.00 22.65  ? 53  ALA A O   1 
ATOM   399  C  CB  . ALA A 1 53  ? 8.944   9.959   8.418   1.00 17.95  ? 53  ALA A CB  1 
ATOM   400  N  N   . VAL A 1 54  ? 10.022  7.991   5.399   1.00 22.41  ? 54  VAL A N   1 
ATOM   401  C  CA  . VAL A 1 54  ? 11.142  7.775   4.514   1.00 19.96  ? 54  VAL A CA  1 
ATOM   402  C  C   . VAL A 1 54  ? 10.708  8.127   3.084   1.00 22.42  ? 54  VAL A C   1 
ATOM   403  O  O   . VAL A 1 54  ? 9.834   7.448   2.482   1.00 21.53  ? 54  VAL A O   1 
ATOM   404  C  CB  . VAL A 1 54  ? 11.674  6.341   4.588   1.00 19.99  ? 54  VAL A CB  1 
ATOM   405  C  CG1 . VAL A 1 54  ? 12.752  6.144   3.508   1.00 20.37  ? 54  VAL A CG1 1 
ATOM   406  C  CG2 . VAL A 1 54  ? 12.231  6.054   5.985   1.00 16.76  ? 54  VAL A CG2 1 
ATOM   407  N  N   . ASP A 1 55  ? 11.336  9.183   2.546   1.00 19.85  ? 55  ASP A N   1 
ATOM   408  C  CA  . ASP A 1 55  ? 10.945  9.746   1.300   1.00 19.85  ? 55  ASP A CA  1 
ATOM   409  C  C   . ASP A 1 55  ? 11.497  8.982   0.109   1.00 20.75  ? 55  ASP A C   1 
ATOM   410  O  O   . ASP A 1 55  ? 12.392  9.491   -0.566  1.00 20.27  ? 55  ASP A O   1 
ATOM   411  C  CB  . ASP A 1 55  ? 11.402  11.206  1.267   1.00 21.30  ? 55  ASP A CB  1 
ATOM   412  C  CG  . ASP A 1 55  ? 10.639  12.031  0.238   1.00 26.06  ? 55  ASP A CG  1 
ATOM   413  O  OD1 . ASP A 1 55  ? 9.668   11.495  -0.364  1.00 25.89  ? 55  ASP A OD1 1 
ATOM   414  O  OD2 . ASP A 1 55  ? 11.011  13.224  -0.016  1.00 30.11  ? 55  ASP A OD2 1 
ATOM   415  N  N   . LEU A 1 56  ? 10.958  7.781   -0.163  1.00 19.70  ? 56  LEU A N   1 
ATOM   416  C  CA  . LEU A 1 56  ? 11.423  6.952   -1.275  1.00 18.40  ? 56  LEU A CA  1 
ATOM   417  C  C   . LEU A 1 56  ? 10.311  6.194   -1.943  1.00 19.14  ? 56  LEU A C   1 
ATOM   418  O  O   . LEU A 1 56  ? 9.287   5.837   -1.300  1.00 20.54  ? 56  LEU A O   1 
ATOM   419  C  CB  . LEU A 1 56  ? 12.455  5.909   -0.779  1.00 19.44  ? 56  LEU A CB  1 
ATOM   420  C  CG  . LEU A 1 56  ? 13.897  6.308   -0.321  1.00 20.26  ? 56  LEU A CG  1 
ATOM   421  C  CD1 . LEU A 1 56  ? 14.618  5.058   0.162   1.00 18.02  ? 56  LEU A CD1 1 
ATOM   422  C  CD2 . LEU A 1 56  ? 14.725  7.041   -1.406  1.00 17.43  ? 56  LEU A CD2 1 
ATOM   423  N  N   . GLN A 1 57  ? 10.528  5.880   -3.217  1.00 17.73  ? 57  GLN A N   1 
ATOM   424  C  CA  . GLN A 1 57  ? 9.584   5.104   -4.002  1.00 17.21  ? 57  GLN A CA  1 
ATOM   425  C  C   . GLN A 1 57  ? 9.704   3.636   -3.640  1.00 18.45  ? 57  GLN A C   1 
ATOM   426  O  O   . GLN A 1 57  ? 10.179  2.843   -4.444  1.00 20.43  ? 57  GLN A O   1 
ATOM   427  C  CB  . GLN A 1 57  ? 9.762   5.296   -5.528  1.00 16.52  ? 57  GLN A CB  1 
ATOM   428  C  CG  . GLN A 1 57  ? 9.358   6.697   -5.972  1.00 17.83  ? 57  GLN A CG  1 
ATOM   429  C  CD  . GLN A 1 57  ? 9.545   6.952   -7.465  1.00 18.54  ? 57  GLN A CD  1 
ATOM   430  O  OE1 . GLN A 1 57  ? 9.531   6.029   -8.285  1.00 19.22  ? 57  GLN A OE1 1 
ATOM   431  N  NE2 . GLN A 1 57  ? 9.716   8.224   -7.822  1.00 16.42  ? 57  GLN A NE2 1 
ATOM   432  N  N   . LEU A 1 58  ? 9.238   3.261   -2.460  1.00 16.56  ? 58  LEU A N   1 
ATOM   433  C  CA  . LEU A 1 58  ? 9.388   1.892   -2.020  1.00 15.93  ? 58  LEU A CA  1 
ATOM   434  C  C   . LEU A 1 58  ? 8.139   1.461   -1.183  1.00 17.32  ? 58  LEU A C   1 
ATOM   435  O  O   . LEU A 1 58  ? 7.582   2.237   -0.348  1.00 17.35  ? 58  LEU A O   1 
ATOM   436  C  CB  . LEU A 1 58  ? 10.669  1.808   -1.153  1.00 13.97  ? 58  LEU A CB  1 
ATOM   437  C  CG  . LEU A 1 58  ? 11.023  0.533   -0.389  1.00 12.73  ? 58  LEU A CG  1 
ATOM   438  C  CD1 . LEU A 1 58  ? 11.382  -0.540  -1.375  1.00 11.91  ? 58  LEU A CD1 1 
ATOM   439  C  CD2 . LEU A 1 58  ? 12.115  0.826   0.659   1.00 12.67  ? 58  LEU A CD2 1 
ATOM   440  N  N   . MET A 1 59  ? 7.731   0.225   -1.344  1.00 16.39  ? 59  MET A N   1 
ATOM   441  C  CA  . MET A 1 59  ? 6.556   -0.226  -0.606  1.00 16.57  ? 59  MET A CA  1 
ATOM   442  C  C   . MET A 1 59  ? 6.798   -1.709  -0.313  1.00 17.88  ? 59  MET A C   1 
ATOM   443  O  O   . MET A 1 59  ? 7.507   -2.440  -1.102  1.00 16.10  ? 59  MET A O   1 
ATOM   444  C  CB  . MET A 1 59  ? 5.290   -0.073  -1.511  1.00 15.92  ? 59  MET A CB  1 
ATOM   445  C  CG  . MET A 1 59  ? 5.368   -0.913  -2.758  1.00 15.47  ? 59  MET A CG  1 
ATOM   446  S  SD  . MET A 1 59  ? 3.862   -0.983  -3.751  1.00 18.57  ? 59  MET A SD  1 
ATOM   447  C  CE  . MET A 1 59  ? 3.730   0.721   -4.332  1.00 16.98  ? 59  MET A CE  1 
ATOM   448  N  N   . VAL A 1 60  ? 6.237   -2.179  0.799   1.00 17.96  ? 60  VAL A N   1 
ATOM   449  C  CA  . VAL A 1 60  ? 6.158   -3.634  0.994   1.00 17.05  ? 60  VAL A CA  1 
ATOM   450  C  C   . VAL A 1 60  ? 4.695   -3.992  1.078   1.00 18.00  ? 60  VAL A C   1 
ATOM   451  O  O   . VAL A 1 60  ? 3.859   -3.116  1.429   1.00 18.29  ? 60  VAL A O   1 
ATOM   452  C  CB  . VAL A 1 60  ? 6.898   -4.086  2.274   1.00 17.06  ? 60  VAL A CB  1 
ATOM   453  C  CG1 . VAL A 1 60  ? 8.415   -3.856  2.091   1.00 15.82  ? 60  VAL A CG1 1 
ATOM   454  C  CG2 . VAL A 1 60  ? 6.364   -3.387  3.541   1.00 14.64  ? 60  VAL A CG2 1 
ATOM   455  N  N   . PHE A 1 61  ? 4.376   -5.257  0.805   1.00 17.26  ? 61  PHE A N   1 
ATOM   456  C  CA  . PHE A 1 61  ? 3.004   -5.714  0.917   1.00 17.58  ? 61  PHE A CA  1 
ATOM   457  C  C   . PHE A 1 61  ? 2.928   -7.225  0.862   1.00 19.32  ? 61  PHE A C   1 
ATOM   458  O  O   . PHE A 1 61  ? 3.943   -7.887  0.554   1.00 22.30  ? 61  PHE A O   1 
ATOM   459  C  CB  . PHE A 1 61  ? 2.107   -5.110  -0.187  1.00 16.70  ? 61  PHE A CB  1 
ATOM   460  C  CG  . PHE A 1 61  ? 2.573   -5.416  -1.610  1.00 16.88  ? 61  PHE A CG  1 
ATOM   461  C  CD1 . PHE A 1 61  ? 3.465   -4.507  -2.305  1.00 15.71  ? 61  PHE A CD1 1 
ATOM   462  C  CD2 . PHE A 1 61  ? 2.111   -6.565  -2.300  1.00 14.59  ? 61  PHE A CD2 1 
ATOM   463  C  CE1 . PHE A 1 61  ? 3.882   -4.778  -3.608  1.00 14.97  ? 61  PHE A CE1 1 
ATOM   464  C  CE2 . PHE A 1 61  ? 2.549   -6.832  -3.604  1.00 14.66  ? 61  PHE A CE2 1 
ATOM   465  C  CZ  . PHE A 1 61  ? 3.428   -5.928  -4.262  1.00 15.01  ? 61  PHE A CZ  1 
ATOM   466  N  N   . GLY A 1 62  ? 1.724   -7.766  1.120   1.00 20.76  ? 62  GLY A N   1 
ATOM   467  C  CA  . GLY A 1 62  ? 1.439   -9.203  0.991   1.00 24.81  ? 62  GLY A CA  1 
ATOM   468  C  C   . GLY A 1 62  ? 1.198   -9.891  2.334   1.00 29.98  ? 62  GLY A C   1 
ATOM   469  O  O   . GLY A 1 62  ? 1.532   -9.340  3.425   1.00 28.47  ? 62  GLY A O   1 
ATOM   470  N  N   . PHE A 1 63  ? 0.591   -11.078 2.276   1.00 30.65  ? 63  PHE A N   1 
ATOM   471  C  CA  . PHE A 1 63  ? 0.319   -11.849 3.510   1.00 36.87  ? 63  PHE A CA  1 
ATOM   472  C  C   . PHE A 1 63  ? -0.246  -13.183 3.061   1.00 37.49  ? 63  PHE A C   1 
ATOM   473  O  O   . PHE A 1 63  ? -0.691  -13.291 1.888   1.00 32.78  ? 63  PHE A O   1 
ATOM   474  C  CB  . PHE A 1 63  ? -0.778  -11.128 4.334   1.00 37.44  ? 63  PHE A CB  1 
ATOM   475  C  CG  . PHE A 1 63  ? -1.981  -10.783 3.489   1.00 41.05  ? 63  PHE A CG  1 
ATOM   476  C  CD1 . PHE A 1 63  ? -2.993  -11.751 3.242   1.00 38.59  ? 63  PHE A CD1 1 
ATOM   477  C  CD2 . PHE A 1 63  ? -2.062  -9.538  2.839   1.00 37.17  ? 63  PHE A CD2 1 
ATOM   478  C  CE1 . PHE A 1 63  ? -4.058  -11.459 2.405   1.00 39.18  ? 63  PHE A CE1 1 
ATOM   479  C  CE2 . PHE A 1 63  ? -3.129  -9.262  1.993   1.00 37.99  ? 63  PHE A CE2 1 
ATOM   480  C  CZ  . PHE A 1 63  ? -4.117  -10.218 1.772   1.00 36.75  ? 63  PHE A CZ  1 
ATOM   481  N  N   . GLU A 1 64  ? -0.279  -14.164 3.983   1.00 37.99  ? 64  GLU A N   1 
ATOM   482  C  CA  . GLU A 1 64  ? -1.104  -15.399 3.790   1.00 44.38  ? 64  GLU A CA  1 
ATOM   483  C  C   . GLU A 1 64  ? -2.554  -15.212 4.286   1.00 44.72  ? 64  GLU A C   1 
ATOM   484  O  O   . GLU A 1 64  ? -3.497  -15.304 3.503   1.00 42.49  ? 64  GLU A O   1 
ATOM   485  C  CB  . GLU A 1 64  ? -0.488  -16.602 4.479   1.00 48.69  ? 64  GLU A CB  1 
ATOM   486  C  CG  . GLU A 1 64  ? 0.727   -17.147 3.757   1.00 64.62  ? 64  GLU A CG  1 
ATOM   487  C  CD  . GLU A 1 64  ? 1.422   -18.256 4.532   1.00 70.36  ? 64  GLU A CD  1 
ATOM   488  O  OE1 . GLU A 1 64  ? 0.761   -18.919 5.362   1.00 70.65  ? 64  GLU A OE1 1 
ATOM   489  O  OE2 . GLU A 1 64  ? 2.630   -18.469 4.299   1.00 73.92  ? 64  GLU A OE2 1 
ATOM   490  N  N   . ALA A 1 65  ? -2.670  -14.921 5.593   1.00 47.82  ? 65  ALA A N   1 
ATOM   491  C  CA  . ALA A 1 65  ? -3.899  -14.613 6.356   1.00 47.94  ? 65  ALA A CA  1 
ATOM   492  C  C   . ALA A 1 65  ? -3.824  -13.173 6.888   1.00 51.71  ? 65  ALA A C   1 
ATOM   493  O  O   . ALA A 1 65  ? -2.807  -12.778 7.504   1.00 49.87  ? 65  ALA A O   1 
ATOM   494  C  CB  . ALA A 1 65  ? -4.060  -15.577 7.549   1.00 43.11  ? 65  ALA A CB  1 
ATOM   495  N  N   . SER A 1 66  ? -4.894  -12.406 6.654   1.00 52.47  ? 66  SER A N   1 
ATOM   496  C  CA  . SER A 1 66  ? -5.044  -11.019 7.152   1.00 56.80  ? 66  SER A CA  1 
ATOM   497  C  C   . SER A 1 66  ? -6.074  -11.005 8.294   1.00 61.33  ? 66  SER A C   1 
ATOM   498  O  O   . SER A 1 66  ? -7.194  -11.514 8.114   1.00 60.95  ? 66  SER A O   1 
ATOM   499  C  CB  . SER A 1 66  ? -5.497  -10.076 6.007   1.00 51.62  ? 66  SER A CB  1 
ATOM   500  O  OG  . SER A 1 66  ? -5.671  -8.748  6.467   1.00 42.05  ? 66  SER A OG  1 
ATOM   501  N  N   . GLU A 1 67  ? -5.698  -10.450 9.454   1.00 62.10  ? 67  GLU A N   1 
ATOM   502  C  CA  . GLU A 1 67  ? -6.638  -10.316 10.589  1.00 68.23  ? 67  GLU A CA  1 
ATOM   503  C  C   . GLU A 1 67  ? -7.769  -9.360  10.170  1.00 70.92  ? 67  GLU A C   1 
ATOM   504  O  O   . GLU A 1 67  ? -8.942  -9.642  10.402  1.00 69.51  ? 67  GLU A O   1 
ATOM   505  C  CB  . GLU A 1 67  ? -5.925  -9.770  11.834  1.00 67.91  ? 67  GLU A CB  1 
ATOM   506  C  CG  . GLU A 1 67  ? -6.411  -10.323 13.161  1.00 67.65  ? 67  GLU A CG  1 
ATOM   507  C  CD  . GLU A 1 67  ? -5.633  -9.760  14.353  1.00 71.75  ? 67  GLU A CD  1 
ATOM   508  O  OE1 . GLU A 1 67  ? -5.178  -8.585  14.276  1.00 72.83  ? 67  GLU A OE1 1 
ATOM   509  O  OE2 . GLU A 1 67  ? -5.494  -10.474 15.382  1.00 62.02  ? 67  GLU A OE2 1 
ATOM   510  N  N   . ARG A 1 68  ? -7.378  -8.258  9.514   1.00 70.21  ? 68  ARG A N   1 
ATOM   511  C  CA  . ARG A 1 68  ? -8.280  -7.227  8.952   1.00 63.64  ? 68  ARG A CA  1 
ATOM   512  C  C   . ARG A 1 68  ? -9.181  -7.665  7.757   1.00 61.33  ? 68  ARG A C   1 
ATOM   513  O  O   . ARG A 1 68  ? -10.342 -7.249  7.671   1.00 60.25  ? 68  ARG A O   1 
ATOM   514  C  CB  . ARG A 1 68  ? -7.476  -5.962  8.596   1.00 59.37  ? 68  ARG A CB  1 
ATOM   515  C  CG  . ARG A 1 68  ? -6.370  -5.637  9.592   1.00 51.51  ? 68  ARG A CG  1 
ATOM   516  C  CD  . ARG A 1 68  ? -5.827  -4.273  9.274   1.00 48.84  ? 68  ARG A CD  1 
ATOM   517  N  NE  . ARG A 1 68  ? -4.825  -3.884  10.242  1.00 49.77  ? 68  ARG A NE  1 
ATOM   518  C  CZ  . ARG A 1 68  ? -5.015  -2.983  11.200  1.00 53.25  ? 68  ARG A CZ  1 
ATOM   519  N  NH1 . ARG A 1 68  ? -6.177  -2.355  11.303  1.00 53.50  ? 68  ARG A NH1 1 
ATOM   520  N  NH2 . ARG A 1 68  ? -4.045  -2.706  12.063  1.00 49.70  ? 68  ARG A NH2 1 
ATOM   521  N  N   . TYR A 1 69  ? -8.675  -8.504  6.856   1.00 55.80  ? 69  TYR A N   1 
ATOM   522  C  CA  . TYR A 1 69  ? -9.472  -8.916  5.695   1.00 62.48  ? 69  TYR A CA  1 
ATOM   523  C  C   . TYR A 1 69  ? -9.544  -10.406 5.644   1.00 69.79  ? 69  TYR A C   1 
ATOM   524  O  O   . TYR A 1 69  ? -8.955  -11.002 4.711   1.00 74.64  ? 69  TYR A O   1 
ATOM   525  C  CB  . TYR A 1 69  ? -8.848  -8.403  4.393   1.00 56.06  ? 69  TYR A CB  1 
ATOM   526  C  CG  . TYR A 1 69  ? -8.700  -6.924  4.421   1.00 56.90  ? 69  TYR A CG  1 
ATOM   527  C  CD1 . TYR A 1 69  ? -7.499  -6.309  4.864   1.00 49.70  ? 69  TYR A CD1 1 
ATOM   528  C  CD2 . TYR A 1 69  ? -9.787  -6.110  4.046   1.00 62.25  ? 69  TYR A CD2 1 
ATOM   529  C  CE1 . TYR A 1 69  ? -7.400  -4.923  4.915   1.00 49.91  ? 69  TYR A CE1 1 
ATOM   530  C  CE2 . TYR A 1 69  ? -9.692  -4.734  4.081   1.00 58.67  ? 69  TYR A CE2 1 
ATOM   531  C  CZ  . TYR A 1 69  ? -8.513  -4.146  4.516   1.00 56.29  ? 69  TYR A CZ  1 
ATOM   532  O  OH  . TYR A 1 69  ? -8.505  -2.778  4.526   1.00 59.02  ? 69  TYR A OH  1 
ATOM   533  N  N   . PRO A 1 70  ? -10.271 -11.025 6.623   1.00 78.12  ? 70  PRO A N   1 
ATOM   534  C  CA  . PRO A 1 70  ? -10.284 -12.509 6.636   1.00 69.03  ? 70  PRO A CA  1 
ATOM   535  C  C   . PRO A 1 70  ? -10.810 -13.120 5.307   1.00 67.26  ? 70  PRO A C   1 
ATOM   536  O  O   . PRO A 1 70  ? -10.496 -14.266 5.023   1.00 68.66  ? 70  PRO A O   1 
ATOM   537  C  CB  . PRO A 1 70  ? -11.156 -12.859 7.862   1.00 71.13  ? 70  PRO A CB  1 
ATOM   538  C  CG  . PRO A 1 70  ? -11.242 -11.586 8.679   1.00 67.57  ? 70  PRO A CG  1 
ATOM   539  C  CD  . PRO A 1 70  ? -11.153 -10.462 7.677   1.00 65.99  ? 70  PRO A CD  1 
ATOM   540  N  N   . GLU A 1 71  ? -11.522 -12.343 4.473   1.00 65.64  ? 71  GLU A N   1 
ATOM   541  C  CA  . GLU A 1 71  ? -12.091 -12.873 3.215   1.00 70.90  ? 71  GLU A CA  1 
ATOM   542  C  C   . GLU A 1 71  ? -11.176 -12.755 1.981   1.00 71.12  ? 71  GLU A C   1 
ATOM   543  O  O   . GLU A 1 71  ? -11.524 -13.270 0.908   1.00 72.97  ? 71  GLU A O   1 
ATOM   544  C  CB  . GLU A 1 71  ? -13.510 -12.292 2.943   1.00 74.91  ? 71  GLU A CB  1 
ATOM   545  C  CG  . GLU A 1 71  ? -14.608 -13.345 2.672   1.00 79.67  ? 71  GLU A CG  1 
ATOM   546  C  CD  . GLU A 1 71  ? -14.936 -14.274 3.881   1.00 86.23  ? 71  GLU A CD  1 
ATOM   547  O  OE1 . GLU A 1 71  ? -14.737 -13.898 5.072   1.00 74.91  ? 71  GLU A OE1 1 
ATOM   548  O  OE2 . GLU A 1 71  ? -15.411 -15.412 3.650   1.00 83.77  ? 71  GLU A OE2 1 
ATOM   549  N  N   . ALA A 1 72  ? -10.014 -12.103 2.143   1.00 67.48  ? 72  ALA A N   1 
ATOM   550  C  CA  . ALA A 1 72  ? -9.050  -11.851 1.047   1.00 61.05  ? 72  ALA A CA  1 
ATOM   551  C  C   . ALA A 1 72  ? -8.175  -13.085 0.732   1.00 53.50  ? 72  ALA A C   1 
ATOM   552  O  O   . ALA A 1 72  ? -7.836  -13.823 1.668   1.00 53.43  ? 72  ALA A O   1 
ATOM   553  C  CB  . ALA A 1 72  ? -8.176  -10.655 1.413   1.00 57.52  ? 72  ALA A CB  1 
ATOM   554  N  N   . PRO A 1 73  ? -7.819  -13.327 -0.564  1.00 48.39  ? 73  PRO A N   1 
ATOM   555  C  CA  . PRO A 1 73  ? -6.874  -14.431 -0.861  1.00 46.63  ? 73  PRO A CA  1 
ATOM   556  C  C   . PRO A 1 73  ? -5.409  -13.964 -0.653  1.00 51.43  ? 73  PRO A C   1 
ATOM   557  O  O   . PRO A 1 73  ? -5.123  -12.754 -0.752  1.00 55.17  ? 73  PRO A O   1 
ATOM   558  C  CB  . PRO A 1 73  ? -7.124  -14.735 -2.350  1.00 44.50  ? 73  PRO A CB  1 
ATOM   559  C  CG  . PRO A 1 73  ? -7.665  -13.457 -2.932  1.00 48.15  ? 73  PRO A CG  1 
ATOM   560  C  CD  . PRO A 1 73  ? -8.147  -12.559 -1.788  1.00 48.67  ? 73  PRO A CD  1 
ATOM   561  N  N   . ALA A 1 74  ? -4.507  -14.904 -0.356  1.00 50.31  ? 74  ALA A N   1 
ATOM   562  C  CA  . ALA A 1 74  ? -3.069  -14.630 -0.163  1.00 45.60  ? 74  ALA A CA  1 
ATOM   563  C  C   . ALA A 1 74  ? -2.574  -13.744 -1.308  1.00 42.73  ? 74  ALA A C   1 
ATOM   564  O  O   . ALA A 1 74  ? -2.960  -13.943 -2.474  1.00 40.19  ? 74  ALA A O   1 
ATOM   565  C  CB  . ALA A 1 74  ? -2.245  -15.930 -0.095  1.00 38.30  ? 74  ALA A CB  1 
ATOM   566  N  N   . VAL A 1 75  ? -1.771  -12.750 -0.926  1.00 34.77  ? 75  VAL A N   1 
ATOM   567  C  CA  . VAL A 1 75  ? -0.997  -11.874 -1.837  1.00 33.73  ? 75  VAL A CA  1 
ATOM   568  C  C   . VAL A 1 75  ? 0.505   -12.114 -1.520  1.00 31.80  ? 75  VAL A C   1 
ATOM   569  O  O   . VAL A 1 75  ? 0.905   -11.978 -0.343  1.00 31.22  ? 75  VAL A O   1 
ATOM   570  C  CB  . VAL A 1 75  ? -1.360  -10.394 -1.553  1.00 34.10  ? 75  VAL A CB  1 
ATOM   571  C  CG1 . VAL A 1 75  ? -0.373  -9.438  -2.246  1.00 31.87  ? 75  VAL A CG1 1 
ATOM   572  C  CG2 . VAL A 1 75  ? -2.817  -10.112 -1.900  1.00 28.55  ? 75  VAL A CG2 1 
ATOM   573  N  N   . PRO A 1 76  ? 1.350   -12.460 -2.516  1.00 31.25  ? 76  PRO A N   1 
ATOM   574  C  CA  . PRO A 1 76  ? 2.777   -12.804 -2.117  1.00 29.52  ? 76  PRO A CA  1 
ATOM   575  C  C   . PRO A 1 76  ? 3.546   -11.668 -1.402  1.00 23.73  ? 76  PRO A C   1 
ATOM   576  O  O   . PRO A 1 76  ? 3.312   -10.473 -1.695  1.00 20.52  ? 76  PRO A O   1 
ATOM   577  C  CB  . PRO A 1 76  ? 3.461   -13.184 -3.426  1.00 30.43  ? 76  PRO A CB  1 
ATOM   578  C  CG  . PRO A 1 76  ? 2.518   -12.736 -4.513  1.00 36.18  ? 76  PRO A CG  1 
ATOM   579  C  CD  . PRO A 1 76  ? 1.124   -12.623 -3.956  1.00 33.53  ? 76  PRO A CD  1 
ATOM   580  N  N   . LEU A 1 77  ? 4.384   -12.050 -0.427  1.00 21.64  ? 77  LEU A N   1 
ATOM   581  C  CA  . LEU A 1 77  ? 5.184   -11.075 0.335   1.00 22.91  ? 77  LEU A CA  1 
ATOM   582  C  C   . LEU A 1 77  ? 6.131   -10.358 -0.637  1.00 21.49  ? 77  LEU A C   1 
ATOM   583  O  O   . LEU A 1 77  ? 6.916   -11.020 -1.313  1.00 18.76  ? 77  LEU A O   1 
ATOM   584  C  CB  . LEU A 1 77  ? 5.950   -11.738 1.485   1.00 23.10  ? 77  LEU A CB  1 
ATOM   585  C  CG  . LEU A 1 77  ? 5.195   -11.953 2.807   1.00 23.31  ? 77  LEU A CG  1 
ATOM   586  C  CD1 . LEU A 1 77  ? 6.180   -12.590 3.784   1.00 22.83  ? 77  LEU A CD1 1 
ATOM   587  C  CD2 . LEU A 1 77  ? 4.665   -10.641 3.345   1.00 21.73  ? 77  LEU A CD2 1 
ATOM   588  N  N   . THR A 1 78  ? 5.965   -9.040  -0.808  1.00 19.65  ? 78  THR A N   1 
ATOM   589  C  CA  . THR A 1 78  ? 6.709   -8.368  -1.883  1.00 19.57  ? 78  THR A CA  1 
ATOM   590  C  C   . THR A 1 78  ? 7.289   -7.047  -1.401  1.00 20.32  ? 78  THR A C   1 
ATOM   591  O  O   . THR A 1 78  ? 6.608   -6.288  -0.694  1.00 19.54  ? 78  THR A O   1 
ATOM   592  C  CB  . THR A 1 78  ? 5.857   -8.092  -3.155  1.00 19.71  ? 78  THR A CB  1 
ATOM   593  O  OG1 . THR A 1 78  ? 5.178   -9.298  -3.574  1.00 17.66  ? 78  THR A OG1 1 
ATOM   594  C  CG2 . THR A 1 78  ? 6.761   -7.491  -4.322  1.00 18.28  ? 78  THR A CG2 1 
ATOM   595  N  N   . ALA A 1 79  ? 8.543   -6.777  -1.786  1.00 20.18  ? 79  ALA A N   1 
ATOM   596  C  CA  . ALA A 1 79  ? 9.132   -5.445  -1.577  1.00 18.74  ? 79  ALA A CA  1 
ATOM   597  C  C   . ALA A 1 79  ? 9.360   -4.884  -2.987  1.00 20.01  ? 79  ALA A C   1 
ATOM   598  O  O   . ALA A 1 79  ? 9.991   -5.558  -3.817  1.00 24.16  ? 79  ALA A O   1 
ATOM   599  C  CB  . ALA A 1 79  ? 10.434  -5.608  -0.835  1.00 17.24  ? 79  ALA A CB  1 
ATOM   600  N  N   . LEU A 1 80  ? 8.868   -3.688  -3.286  1.00 18.80  ? 80  LEU A N   1 
ATOM   601  C  CA  . LEU A 1 80  ? 8.948   -3.139  -4.641  1.00 17.75  ? 80  LEU A CA  1 
ATOM   602  C  C   . LEU A 1 80  ? 9.415   -1.713  -4.609  1.00 18.71  ? 80  LEU A C   1 
ATOM   603  O  O   . LEU A 1 80  ? 8.816   -0.855  -3.921  1.00 18.68  ? 80  LEU A O   1 
ATOM   604  C  CB  . LEU A 1 80  ? 7.586   -3.185  -5.319  1.00 18.87  ? 80  LEU A CB  1 
ATOM   605  C  CG  . LEU A 1 80  ? 7.271   -2.704  -6.747  1.00 18.42  ? 80  LEU A CG  1 
ATOM   606  C  CD1 . LEU A 1 80  ? 7.948   -3.677  -7.679  1.00 17.93  ? 80  LEU A CD1 1 
ATOM   607  C  CD2 . LEU A 1 80  ? 5.774   -2.720  -7.031  1.00 19.19  ? 80  LEU A CD2 1 
ATOM   608  N  N   . ALA A 1 81  ? 10.489  -1.464  -5.372  1.00 19.11  ? 81  ALA A N   1 
ATOM   609  C  CA  . ALA A 1 81  ? 11.082  -0.109  -5.537  1.00 17.39  ? 81  ALA A CA  1 
ATOM   610  C  C   . ALA A 1 81  ? 10.708  0.412   -6.921  1.00 17.82  ? 81  ALA A C   1 
ATOM   611  O  O   . ALA A 1 81  ? 10.597  -0.386  -7.892  1.00 16.83  ? 81  ALA A O   1 
ATOM   612  C  CB  . ALA A 1 81  ? 12.618  -0.137  -5.391  1.00 15.61  ? 81  ALA A CB  1 
ATOM   613  N  N   . ASN A 1 82  ? 10.525  1.737   -7.001  1.00 18.82  ? 82  ASN A N   1 
ATOM   614  C  CA  . ASN A 1 82  ? 10.373  2.448   -8.281  1.00 20.83  ? 82  ASN A CA  1 
ATOM   615  C  C   . ASN A 1 82  ? 9.173   1.915   -9.068  1.00 20.12  ? 82  ASN A C   1 
ATOM   616  O  O   . ASN A 1 82  ? 9.239   1.794   -10.299 1.00 19.25  ? 82  ASN A O   1 
ATOM   617  C  CB  . ASN A 1 82  ? 11.707  2.444   -9.063  1.00 17.28  ? 82  ASN A CB  1 
ATOM   618  C  CG  . ASN A 1 82  ? 12.823  3.043   -8.227  1.00 18.50  ? 82  ASN A CG  1 
ATOM   619  O  OD1 . ASN A 1 82  ? 12.556  3.824   -7.314  1.00 18.65  ? 82  ASN A OD1 1 
ATOM   620  N  ND2 . ASN A 1 82  ? 14.054  2.678   -8.496  1.00 17.75  ? 82  ASN A ND2 1 
ATOM   621  N  N   . ALA A 1 83  ? 8.128   1.572   -8.311  1.00 18.36  ? 83  ALA A N   1 
ATOM   622  C  CA  . ALA A 1 83  ? 6.848   1.084   -8.853  1.00 21.95  ? 83  ALA A CA  1 
ATOM   623  C  C   . ALA A 1 83  ? 6.284   1.946   -9.972  1.00 23.35  ? 83  ALA A C   1 
ATOM   624  O  O   . ALA A 1 83  ? 6.137   3.170   -9.832  1.00 21.12  ? 83  ALA A O   1 
ATOM   625  C  CB  . ALA A 1 83  ? 5.765   0.998   -7.754  1.00 19.52  ? 83  ALA A CB  1 
ATOM   626  N  N   . GLN A 1 84  ? 5.879   1.288   -11.040 1.00 25.94  ? 84  GLN A N   1 
ATOM   627  C  CA  . GLN A 1 84  ? 5.142   1.960   -12.095 1.00 31.38  ? 84  GLN A CA  1 
ATOM   628  C  C   . GLN A 1 84  ? 3.916   1.109   -12.351 1.00 30.05  ? 84  GLN A C   1 
ATOM   629  O  O   . GLN A 1 84  ? 4.024   -0.135  -12.386 1.00 25.24  ? 84  GLN A O   1 
ATOM   630  C  CB  . GLN A 1 84  ? 5.978   1.961   -13.367 1.00 36.84  ? 84  GLN A CB  1 
ATOM   631  C  CG  . GLN A 1 84  ? 6.776   3.205   -13.713 1.00 47.09  ? 84  GLN A CG  1 
ATOM   632  C  CD  . GLN A 1 84  ? 7.675   2.887   -14.934 1.00 60.87  ? 84  GLN A CD  1 
ATOM   633  O  OE1 . GLN A 1 84  ? 8.796   3.390   -15.027 1.00 55.43  ? 84  GLN A OE1 1 
ATOM   634  N  NE2 . GLN A 1 84  ? 7.193   1.987   -15.852 1.00 60.29  ? 84  GLN A NE2 1 
ATOM   635  N  N   . ILE A 1 85  ? 2.769   1.768   -12.573 1.00 27.70  ? 85  ILE A N   1 
ATOM   636  C  CA  . ILE A 1 85  ? 1.488   1.054   -12.728 1.00 26.37  ? 85  ILE A CA  1 
ATOM   637  C  C   . ILE A 1 85  ? 0.689   1.510   -13.986 1.00 26.24  ? 85  ILE A C   1 
ATOM   638  O  O   . ILE A 1 85  ? 0.581   2.723   -14.240 1.00 24.98  ? 85  ILE A O   1 
ATOM   639  C  CB  . ILE A 1 85  ? 0.606   1.330   -11.485 1.00 26.84  ? 85  ILE A CB  1 
ATOM   640  C  CG1 . ILE A 1 85  ? 1.166   0.625   -10.276 1.00 27.69  ? 85  ILE A CG1 1 
ATOM   641  C  CG2 . ILE A 1 85  ? -0.826  0.885   -11.699 1.00 23.97  ? 85  ILE A CG2 1 
ATOM   642  C  CD1 . ILE A 1 85  ? 0.286   0.874   -9.080  1.00 29.20  ? 85  ILE A CD1 1 
ATOM   643  N  N   . GLU A 1 86  ? 0.112   0.532   -14.704 1.00 23.96  ? 86  GLU A N   1 
ATOM   644  C  CA  . GLU A 1 86  ? -0.726  0.697   -15.885 1.00 23.82  ? 86  GLU A CA  1 
ATOM   645  C  C   . GLU A 1 86  ? -1.971  -0.180  -15.712 1.00 24.72  ? 86  GLU A C   1 
ATOM   646  O  O   . GLU A 1 86  ? -1.882  -1.386  -15.406 1.00 23.71  ? 86  GLU A O   1 
ATOM   647  C  CB  . GLU A 1 86  ? -0.001  0.119   -17.074 1.00 28.83  ? 86  GLU A CB  1 
ATOM   648  C  CG  . GLU A 1 86  ? -0.324  0.770   -18.404 1.00 36.81  ? 86  GLU A CG  1 
ATOM   649  C  CD  . GLU A 1 86  ? 0.463   0.118   -19.536 1.00 38.77  ? 86  GLU A CD  1 
ATOM   650  O  OE1 . GLU A 1 86  ? 1.724   0.226   -19.517 1.00 42.47  ? 86  GLU A OE1 1 
ATOM   651  O  OE2 . GLU A 1 86  ? -0.163  -0.531  -20.417 1.00 38.46  ? 86  GLU A OE2 1 
ATOM   652  N  N   . PRO A 1 87  ? -3.154  0.421   -15.865 1.00 27.07  ? 87  PRO A N   1 
ATOM   653  C  CA  . PRO A 1 87  ? -4.396  -0.370  -15.909 1.00 28.08  ? 87  PRO A CA  1 
ATOM   654  C  C   . PRO A 1 87  ? -4.374  -1.307  -17.134 1.00 26.31  ? 87  PRO A C   1 
ATOM   655  O  O   . PRO A 1 87  ? -3.999  -0.864  -18.193 1.00 23.06  ? 87  PRO A O   1 
ATOM   656  C  CB  . PRO A 1 87  ? -5.487  0.696   -16.113 1.00 28.75  ? 87  PRO A CB  1 
ATOM   657  C  CG  . PRO A 1 87  ? -4.783  1.883   -16.679 1.00 30.91  ? 87  PRO A CG  1 
ATOM   658  C  CD  . PRO A 1 87  ? -3.398  1.870   -16.050 1.00 28.53  ? 87  PRO A CD  1 
ATOM   659  N  N   . LEU A 1 88  ? -4.725  -2.577  -16.964 1.00 24.02  ? 88  LEU A N   1 
ATOM   660  C  CA  . LEU A 1 88  ? -4.908  -3.457  -18.113 1.00 26.63  ? 88  LEU A CA  1 
ATOM   661  C  C   . LEU A 1 88  ? -6.331  -3.380  -18.736 1.00 28.61  ? 88  LEU A C   1 
ATOM   662  O  O   . LEU A 1 88  ? -6.623  -4.034  -19.749 1.00 27.96  ? 88  LEU A O   1 
ATOM   663  C  CB  . LEU A 1 88  ? -4.642  -4.897  -17.698 1.00 24.96  ? 88  LEU A CB  1 
ATOM   664  C  CG  . LEU A 1 88  ? -3.179  -5.071  -17.292 1.00 25.22  ? 88  LEU A CG  1 
ATOM   665  C  CD1 . LEU A 1 88  ? -2.960  -6.572  -17.145 1.00 28.47  ? 88  LEU A CD1 1 
ATOM   666  C  CD2 . LEU A 1 88  ? -2.273  -4.424  -18.327 1.00 22.07  ? 88  LEU A CD2 1 
ATOM   667  N  N   . SER A 1 89  ? -7.209  -2.592  -18.118 1.00 27.57  ? 89  SER A N   1 
ATOM   668  C  CA  . SER A 1 89  ? -8.559  -2.385  -18.625 1.00 29.03  ? 89  SER A CA  1 
ATOM   669  C  C   . SER A 1 89  ? -9.126  -1.214  -17.904 1.00 31.29  ? 89  SER A C   1 
ATOM   670  O  O   . SER A 1 89  ? -8.492  -0.701  -16.958 1.00 31.68  ? 89  SER A O   1 
ATOM   671  C  CB  . SER A 1 89  ? -9.426  -3.672  -18.532 1.00 30.07  ? 89  SER A CB  1 
ATOM   672  O  OG  . SER A 1 89  ? -10.602 -3.571  -17.772 1.00 26.40  ? 89  SER A OG  1 
ATOM   673  N  N   . ASP A 1 90  ? -10.310 -0.798  -18.354 1.00 31.25  ? 90  ASP A N   1 
ATOM   674  C  CA  . ASP A 1 90  ? -11.023 0.334   -17.801 1.00 29.93  ? 90  ASP A CA  1 
ATOM   675  C  C   . ASP A 1 90  ? -11.946 -0.065  -16.668 1.00 26.95  ? 90  ASP A C   1 
ATOM   676  O  O   . ASP A 1 90  ? -12.411 0.777   -15.935 1.00 27.46  ? 90  ASP A O   1 
ATOM   677  C  CB  . ASP A 1 90  ? -11.818 1.015   -18.902 1.00 37.70  ? 90  ASP A CB  1 
ATOM   678  C  CG  . ASP A 1 90  ? -10.997 2.065   -19.632 1.00 45.27  ? 90  ASP A CG  1 
ATOM   679  O  OD1 . ASP A 1 90  ? -9.983  2.543   -19.045 1.00 48.89  ? 90  ASP A OD1 1 
ATOM   680  O  OD2 . ASP A 1 90  ? -11.386 2.439   -20.770 1.00 56.31  ? 90  ASP A OD2 1 
ATOM   681  N  N   . GLU A 1 91  ? -12.174 -1.350  -16.483 1.00 24.50  ? 91  GLU A N   1 
ATOM   682  C  CA  . GLU A 1 91  ? -13.052 -1.789  -15.410 1.00 28.08  ? 91  GLU A CA  1 
ATOM   683  C  C   . GLU A 1 91  ? -12.613 -1.357  -13.994 1.00 30.03  ? 91  GLU A C   1 
ATOM   684  O  O   . GLU A 1 91  ? -11.489 -1.627  -13.575 1.00 29.55  ? 91  GLU A O   1 
ATOM   685  C  CB  . GLU A 1 91  ? -13.271 -3.281  -15.485 1.00 28.22  ? 91  GLU A CB  1 
ATOM   686  C  CG  . GLU A 1 91  ? -14.386 -3.770  -14.599 1.00 32.21  ? 91  GLU A CG  1 
ATOM   687  C  CD  . GLU A 1 91  ? -14.548 -5.242  -14.766 1.00 40.27  ? 91  GLU A CD  1 
ATOM   688  O  OE1 . GLU A 1 91  ? -15.535 -5.824  -14.266 1.00 45.25  ? 91  GLU A OE1 1 
ATOM   689  O  OE2 . GLU A 1 91  ? -13.664 -5.823  -15.434 1.00 45.12  ? 91  GLU A OE2 1 
ATOM   690  N  N   . MET A 1 92  ? -13.509 -0.650  -13.297 1.00 30.04  ? 92  MET A N   1 
ATOM   691  C  CA  . MET A 1 92  ? -13.320 -0.248  -11.914 1.00 30.38  ? 92  MET A CA  1 
ATOM   692  C  C   . MET A 1 92  ? -14.022 -1.261  -11.004 1.00 31.25  ? 92  MET A C   1 
ATOM   693  O  O   . MET A 1 92  ? -14.964 -1.952  -11.428 1.00 30.28  ? 92  MET A O   1 
ATOM   694  C  CB  . MET A 1 92  ? -13.873 1.170   -11.675 1.00 31.05  ? 92  MET A CB  1 
ATOM   695  C  CG  . MET A 1 92  ? -13.282 2.265   -12.564 1.00 30.59  ? 92  MET A CG  1 
ATOM   696  S  SD  . MET A 1 92  ? -11.495 2.398   -12.431 1.00 36.21  ? 92  MET A SD  1 
ATOM   697  C  CE  . MET A 1 92  ? -11.257 3.351   -10.931 1.00 25.73  ? 92  MET A CE  1 
ATOM   698  N  N   . GLU A 1 93  ? -13.578 -1.358  -9.756  1.00 28.12  ? 93  GLU A N   1 
ATOM   699  C  CA  . GLU A 1 93  ? -14.283 -2.183  -8.803  1.00 27.88  ? 93  GLU A CA  1 
ATOM   700  C  C   . GLU A 1 93  ? -14.203 -1.576  -7.395  1.00 28.53  ? 93  GLU A C   1 
ATOM   701  O  O   . GLU A 1 93  ? -13.128 -1.084  -6.962  1.00 26.32  ? 93  GLU A O   1 
ATOM   702  C  CB  . GLU A 1 93  ? -13.749 -3.614  -8.857  1.00 28.96  ? 93  GLU A CB  1 
ATOM   703  C  CG  . GLU A 1 93  ? -14.256 -4.520  -7.750  1.00 33.64  ? 93  GLU A CG  1 
ATOM   704  C  CD  . GLU A 1 93  ? -13.802 -5.954  -7.962  1.00 39.95  ? 93  GLU A CD  1 
ATOM   705  O  OE1 . GLU A 1 93  ? -12.580 -6.158  -8.112  1.00 40.66  ? 93  GLU A OE1 1 
ATOM   706  O  OE2 . GLU A 1 93  ? -14.652 -6.883  -7.978  1.00 40.95  ? 93  GLU A OE2 1 
ATOM   707  N  N   . ASN A 1 94  ? -15.332 -1.575  -6.687  1.00 23.77  ? 94  ASN A N   1 
ATOM   708  C  CA  . ASN A 1 94  ? -15.349 -1.014  -5.361  1.00 22.23  ? 94  ASN A CA  1 
ATOM   709  C  C   . ASN A 1 94  ? -14.922 -2.066  -4.365  1.00 23.83  ? 94  ASN A C   1 
ATOM   710  O  O   . ASN A 1 94  ? -15.194 -3.269  -4.548  1.00 25.40  ? 94  ASN A O   1 
ATOM   711  C  CB  . ASN A 1 94  ? -16.740 -0.504  -4.991  1.00 23.36  ? 94  ASN A CB  1 
ATOM   712  C  CG  . ASN A 1 94  ? -17.151 0.712   -5.805  1.00 23.20  ? 94  ASN A CG  1 
ATOM   713  O  OD1 . ASN A 1 94  ? -16.404 1.678   -5.952  1.00 25.75  ? 94  ASN A OD1 1 
ATOM   714  N  ND2 . ASN A 1 94  ? -18.324 0.657   -6.353  1.00 20.51  ? 94  ASN A ND2 1 
ATOM   715  N  N   . GLY A 1 95  ? -14.274 -1.614  -3.290  1.00 21.02  ? 95  GLY A N   1 
ATOM   716  C  CA  . GLY A 1 95  ? -13.813 -2.483  -2.234  1.00 19.66  ? 95  GLY A CA  1 
ATOM   717  C  C   . GLY A 1 95  ? -13.458 -1.635  -1.033  1.00 20.80  ? 95  GLY A C   1 
ATOM   718  O  O   . GLY A 1 95  ? -13.209 -0.420  -1.183  1.00 21.45  ? 95  GLY A O   1 
ATOM   719  N  N   . TRP A 1 96  ? -13.449 -2.265  0.147   1.00 21.51  ? 96  TRP A N   1 
ATOM   720  C  CA  . TRP A 1 96  ? -13.122 -1.580  1.420   1.00 23.66  ? 96  TRP A CA  1 
ATOM   721  C  C   . TRP A 1 96  ? -11.595 -1.397  1.502   1.00 24.81  ? 96  TRP A C   1 
ATOM   722  O  O   . TRP A 1 96  ? -10.844 -2.389  1.297   1.00 22.04  ? 96  TRP A O   1 
ATOM   723  C  CB  . TRP A 1 96  ? -13.569 -2.457  2.607   1.00 23.14  ? 96  TRP A CB  1 
ATOM   724  C  CG  . TRP A 1 96  ? -15.074 -2.468  2.784   1.00 27.96  ? 96  TRP A CG  1 
ATOM   725  C  CD1 . TRP A 1 96  ? -15.963 -3.495  2.459   1.00 25.38  ? 96  TRP A CD1 1 
ATOM   726  C  CD2 . TRP A 1 96  ? -15.877 -1.379  3.288   1.00 27.99  ? 96  TRP A CD2 1 
ATOM   727  N  NE1 . TRP A 1 96  ? -17.244 -3.096  2.742   1.00 28.02  ? 96  TRP A NE1 1 
ATOM   728  C  CE2 . TRP A 1 96  ? -17.238 -1.812  3.241   1.00 27.19  ? 96  TRP A CE2 1 
ATOM   729  C  CE3 . TRP A 1 96  ? -15.579 -0.070  3.766   1.00 25.71  ? 96  TRP A CE3 1 
ATOM   730  C  CZ2 . TRP A 1 96  ? -18.306 -0.990  3.667   1.00 24.36  ? 96  TRP A CZ2 1 
ATOM   731  C  CZ3 . TRP A 1 96  ? -16.638 0.739   4.205   1.00 23.21  ? 96  TRP A CZ3 1 
ATOM   732  C  CH2 . TRP A 1 96  ? -17.988 0.270   4.148   1.00 24.67  ? 96  TRP A CH2 1 
ATOM   733  N  N   . GLU A 1 97  ? -11.143 -0.181  1.821   1.00 22.06  ? 97  GLU A N   1 
ATOM   734  C  CA  . GLU A 1 97  ? -9.733  0.047   2.184   1.00 22.25  ? 97  GLU A CA  1 
ATOM   735  C  C   . GLU A 1 97  ? -9.670  0.738   3.524   1.00 22.87  ? 97  GLU A C   1 
ATOM   736  O  O   . GLU A 1 97  ? -10.606 1.414   3.899   1.00 21.98  ? 97  GLU A O   1 
ATOM   737  C  CB  . GLU A 1 97  ? -9.062  0.943   1.145   1.00 20.30  ? 97  GLU A CB  1 
ATOM   738  C  CG  . GLU A 1 97  ? -8.997  0.270   -0.222  1.00 18.54  ? 97  GLU A CG  1 
ATOM   739  C  CD  . GLU A 1 97  ? -8.380  1.112   -1.295  1.00 19.27  ? 97  GLU A CD  1 
ATOM   740  O  OE1 . GLU A 1 97  ? -7.465  1.951   -1.025  1.00 21.78  ? 97  GLU A OE1 1 
ATOM   741  O  OE2 . GLU A 1 97  ? -8.791  0.934   -2.444  1.00 20.21  ? 97  GLU A OE2 1 
ATOM   742  N  N   . GLY A 1 98  ? -8.575  0.541   4.254   1.00 24.93  ? 98  GLY A N   1 
ATOM   743  C  CA  . GLY A 1 98  ? -8.178  1.391   5.391   1.00 24.54  ? 98  GLY A CA  1 
ATOM   744  C  C   . GLY A 1 98  ? -6.705  1.724   5.221   1.00 26.96  ? 98  GLY A C   1 
ATOM   745  O  O   . GLY A 1 98  ? -6.143  1.595   4.135   1.00 29.28  ? 98  GLY A O   1 
ATOM   746  N  N   . CYS A 1 99  ? -6.041  2.149   6.280   1.00 26.21  ? 99  CYS A N   1 
ATOM   747  C  CA  . CYS A 1 99  ? -4.715  2.668   6.126   1.00 24.15  ? 99  CYS A CA  1 
ATOM   748  C  C   . CYS A 1 99  ? -4.177  2.824   7.539   1.00 23.67  ? 99  CYS A C   1 
ATOM   749  O  O   . CYS A 1 99  ? -4.781  3.464   8.375   1.00 21.71  ? 99  CYS A O   1 
ATOM   750  C  CB  . CYS A 1 99  ? -4.807  4.019   5.387   1.00 24.87  ? 99  CYS A CB  1 
ATOM   751  S  SG  . CYS A 1 99  ? -3.229  4.833   5.032   1.00 26.00  ? 99  CYS A SG  1 
ATOM   752  N  N   . LEU A 1 100 ? -2.999  2.282   7.783   1.00 24.49  ? 100 LEU A N   1 
ATOM   753  C  CA  . LEU A 1 100 ? -2.363  2.386   9.109   1.00 24.21  ? 100 LEU A CA  1 
ATOM   754  C  C   . LEU A 1 100 ? -2.072  3.835   9.540   1.00 23.08  ? 100 LEU A C   1 
ATOM   755  O  O   . LEU A 1 100 ? -1.889  4.084   10.720  1.00 27.16  ? 100 LEU A O   1 
ATOM   756  C  CB  . LEU A 1 100 ? -1.068  1.534   9.113   1.00 23.98  ? 100 LEU A CB  1 
ATOM   757  C  CG  . LEU A 1 100 ? -1.295  0.094   8.655   1.00 22.77  ? 100 LEU A CG  1 
ATOM   758  C  CD1 . LEU A 1 100 ? 0.022   -0.635  8.364   1.00 20.62  ? 100 LEU A CD1 1 
ATOM   759  C  CD2 . LEU A 1 100 ? -2.105  -0.572  9.776   1.00 22.62  ? 100 LEU A CD2 1 
ATOM   760  N  N   . SER A 1 101 ? -2.013  4.770   8.586   1.00 23.70  ? 101 SER A N   1 
ATOM   761  C  CA  . SER A 1 101 ? -1.857  6.223   8.873   1.00 24.28  ? 101 SER A CA  1 
ATOM   762  C  C   . SER A 1 101 ? -3.213  6.893   9.221   1.00 25.06  ? 101 SER A C   1 
ATOM   763  O  O   . SER A 1 101 ? -3.231  8.049   9.639   1.00 25.22  ? 101 SER A O   1 
ATOM   764  C  CB  . SER A 1 101 ? -1.214  6.994   7.695   1.00 22.40  ? 101 SER A CB  1 
ATOM   765  O  OG  . SER A 1 101 ? 0.071   6.482   7.377   1.00 22.87  ? 101 SER A OG  1 
ATOM   766  N  N   . ILE A 1 102 ? -4.326  6.182   9.029   1.00 23.82  ? 102 ILE A N   1 
ATOM   767  C  CA  . ILE A 1 102 ? -5.662  6.727   9.329   1.00 24.94  ? 102 ILE A CA  1 
ATOM   768  C  C   . ILE A 1 102 ? -6.383  5.653   10.196  1.00 24.27  ? 102 ILE A C   1 
ATOM   769  O  O   . ILE A 1 102 ? -7.348  5.045   9.693   1.00 23.79  ? 102 ILE A O   1 
ATOM   770  C  CB  . ILE A 1 102 ? -6.507  6.961   8.026   1.00 23.83  ? 102 ILE A CB  1 
ATOM   771  C  CG1 . ILE A 1 102 ? -5.750  7.804   6.958   1.00 23.04  ? 102 ILE A CG1 1 
ATOM   772  C  CG2 . ILE A 1 102 ? -7.845  7.624   8.358   1.00 24.44  ? 102 ILE A CG2 1 
ATOM   773  C  CD1 . ILE A 1 102 ? -6.310  7.742   5.533   1.00 20.63  ? 102 ILE A CD1 1 
ATOM   774  N  N   . PRO A 1 103 ? -5.889  5.396   11.441  1.00 21.95  ? 103 PRO A N   1 
ATOM   775  C  CA  . PRO A 1 103 ? -6.349  4.275   12.279  1.00 21.52  ? 103 PRO A CA  1 
ATOM   776  C  C   . PRO A 1 103 ? -7.836  4.414   12.636  1.00 24.47  ? 103 PRO A C   1 
ATOM   777  O  O   . PRO A 1 103 ? -8.315  5.516   12.875  1.00 24.16  ? 103 PRO A O   1 
ATOM   778  C  CB  . PRO A 1 103 ? -5.521  4.395   13.586  1.00 19.58  ? 103 PRO A CB  1 
ATOM   779  C  CG  . PRO A 1 103 ? -4.650  5.618   13.487  1.00 18.85  ? 103 PRO A CG  1 
ATOM   780  C  CD  . PRO A 1 103 ? -4.830  6.223   12.109  1.00 22.14  ? 103 PRO A CD  1 
ATOM   781  N  N   . GLY A 1 104 ? -8.557  3.295   12.635  1.00 25.80  ? 104 GLY A N   1 
ATOM   782  C  CA  . GLY A 1 104 ? -9.917  3.260   13.116  1.00 25.51  ? 104 GLY A CA  1 
ATOM   783  C  C   . GLY A 1 104 ? -10.965 3.386   12.015  1.00 28.37  ? 104 GLY A C   1 
ATOM   784  O  O   . GLY A 1 104 ? -12.144 3.140   12.290  1.00 29.10  ? 104 GLY A O   1 
ATOM   785  N  N   . LEU A 1 105 ? -10.556 3.775   10.790  1.00 24.03  ? 105 LEU A N   1 
ATOM   786  C  CA  . LEU A 1 105 ? -11.516 4.233   9.762   1.00 23.63  ? 105 LEU A CA  1 
ATOM   787  C  C   . LEU A 1 105 ? -11.415 3.362   8.529   1.00 23.66  ? 105 LEU A C   1 
ATOM   788  O  O   . LEU A 1 105 ? -10.452 2.649   8.360   1.00 28.10  ? 105 LEU A O   1 
ATOM   789  C  CB  . LEU A 1 105 ? -11.305 5.719   9.389   1.00 22.32  ? 105 LEU A CB  1 
ATOM   790  C  CG  . LEU A 1 105 ? -11.766 6.678   10.502  1.00 26.17  ? 105 LEU A CG  1 
ATOM   791  C  CD1 . LEU A 1 105 ? -10.744 7.730   10.796  1.00 27.79  ? 105 LEU A CD1 1 
ATOM   792  C  CD2 . LEU A 1 105 ? -13.119 7.356   10.260  1.00 25.39  ? 105 LEU A CD2 1 
ATOM   793  N  N   . ARG A 1 106 ? -12.451 3.352   7.704   1.00 24.45  ? 106 ARG A N   1 
ATOM   794  C  CA  . ARG A 1 106 ? -12.405 2.694   6.407   1.00 24.34  ? 106 ARG A CA  1 
ATOM   795  C  C   . ARG A 1 106 ? -13.458 3.324   5.489   1.00 23.15  ? 106 ARG A C   1 
ATOM   796  O  O   . ARG A 1 106 ? -14.253 4.145   5.935   1.00 24.26  ? 106 ARG A O   1 
ATOM   797  C  CB  . ARG A 1 106 ? -12.474 1.176   6.500   1.00 25.16  ? 106 ARG A CB  1 
ATOM   798  C  CG  . ARG A 1 106 ? -13.748 0.674   7.075   1.00 29.84  ? 106 ARG A CG  1 
ATOM   799  C  CD  . ARG A 1 106 ? -13.708 -0.807  7.407   1.00 31.44  ? 106 ARG A CD  1 
ATOM   800  N  NE  . ARG A 1 106 ? -15.000 -1.311  6.985   1.00 41.46  ? 106 ARG A NE  1 
ATOM   801  C  CZ  . ARG A 1 106 ? -16.002 -1.723  7.760   1.00 41.30  ? 106 ARG A CZ  1 
ATOM   802  N  NH1 . ARG A 1 106 ? -15.896 -1.806  9.085   1.00 46.71  ? 106 ARG A NH1 1 
ATOM   803  N  NH2 . ARG A 1 106 ? -17.118 -2.098  7.169   1.00 37.33  ? 106 ARG A NH2 1 
ATOM   804  N  N   . ALA A 1 107 ? -13.354 3.037   4.187   1.00 21.32  ? 107 ALA A N   1 
ATOM   805  C  CA  . ALA A 1 107 ? -14.254 3.527   3.173   1.00 17.19  ? 107 ALA A CA  1 
ATOM   806  C  C   . ALA A 1 107 ? -14.226 2.575   2.008   1.00 17.88  ? 107 ALA A C   1 
ATOM   807  O  O   . ALA A 1 107 ? -13.334 1.682   1.908   1.00 16.05  ? 107 ALA A O   1 
ATOM   808  C  CB  . ALA A 1 107 ? -13.889 4.937   2.744   1.00 16.99  ? 107 ALA A CB  1 
ATOM   809  N  N   . VAL A 1 108 ? -15.243 2.692   1.144   1.00 17.77  ? 108 VAL A N   1 
ATOM   810  C  CA  . VAL A 1 108 ? -15.257 1.913   -0.075  1.00 17.09  ? 108 VAL A CA  1 
ATOM   811  C  C   . VAL A 1 108 ? -14.572 2.805   -1.111  1.00 18.65  ? 108 VAL A C   1 
ATOM   812  O  O   . VAL A 1 108 ? -14.879 4.008   -1.185  1.00 19.14  ? 108 VAL A O   1 
ATOM   813  C  CB  . VAL A 1 108 ? -16.708 1.604   -0.511  1.00 16.71  ? 108 VAL A CB  1 
ATOM   814  C  CG1 . VAL A 1 108 ? -16.762 0.994   -1.885  1.00 14.78  ? 108 VAL A CG1 1 
ATOM   815  C  CG2 . VAL A 1 108 ? -17.388 0.700   0.500   1.00 18.92  ? 108 VAL A CG2 1 
ATOM   816  N  N   . ILE A 1 109 ? -13.709 2.236   -1.959  1.00 18.98  ? 109 ILE A N   1 
ATOM   817  C  CA  . ILE A 1 109 ? -12.910 3.050   -2.881  1.00 18.46  ? 109 ILE A CA  1 
ATOM   818  C  C   . ILE A 1 109 ? -12.888 2.357   -4.232  1.00 18.93  ? 109 ILE A C   1 
ATOM   819  O  O   . ILE A 1 109 ? -12.649 1.154   -4.285  1.00 19.79  ? 109 ILE A O   1 
ATOM   820  C  CB  . ILE A 1 109 ? -11.450 3.145   -2.320  1.00 18.57  ? 109 ILE A CB  1 
ATOM   821  C  CG1 . ILE A 1 109 ? -11.452 3.643   -0.839  1.00 18.37  ? 109 ILE A CG1 1 
ATOM   822  C  CG2 . ILE A 1 109 ? -10.553 3.914   -3.257  1.00 16.19  ? 109 ILE A CG2 1 
ATOM   823  C  CD1 . ILE A 1 109 ? -11.715 5.148   -0.686  1.00 16.88  ? 109 ILE A CD1 1 
ATOM   824  N  N   . PRO A 1 110 ? -13.142 3.088   -5.337  1.00 20.05  ? 110 PRO A N   1 
ATOM   825  C  CA  . PRO A 1 110 ? -13.005 2.397   -6.623  1.00 19.82  ? 110 PRO A CA  1 
ATOM   826  C  C   . PRO A 1 110 ? -11.538 2.337   -7.066  1.00 20.95  ? 110 PRO A C   1 
ATOM   827  O  O   . PRO A 1 110 ? -10.808 3.314   -6.901  1.00 24.25  ? 110 PRO A O   1 
ATOM   828  C  CB  . PRO A 1 110 ? -13.828 3.277   -7.578  1.00 19.53  ? 110 PRO A CB  1 
ATOM   829  C  CG  . PRO A 1 110 ? -13.678 4.631   -7.045  1.00 19.34  ? 110 PRO A CG  1 
ATOM   830  C  CD  . PRO A 1 110 ? -13.538 4.503   -5.523  1.00 20.48  ? 110 PRO A CD  1 
ATOM   831  N  N   . ARG A 1 111 ? -11.131 1.209   -7.639  1.00 21.04  ? 111 ARG A N   1 
ATOM   832  C  CA  . ARG A 1 111 ? -9.775  0.960   -8.098  1.00 22.45  ? 111 ARG A CA  1 
ATOM   833  C  C   . ARG A 1 111 ? -9.891  0.189   -9.387  1.00 24.56  ? 111 ARG A C   1 
ATOM   834  O  O   . ARG A 1 111 ? -10.947 -0.404  -9.653  1.00 25.77  ? 111 ARG A O   1 
ATOM   835  C  CB  . ARG A 1 111 ? -9.018  0.060   -7.125  1.00 21.05  ? 111 ARG A CB  1 
ATOM   836  C  CG  . ARG A 1 111 ? -8.621  0.663   -5.797  1.00 21.60  ? 111 ARG A CG  1 
ATOM   837  C  CD  . ARG A 1 111 ? -7.760  1.922   -5.861  1.00 19.72  ? 111 ARG A CD  1 
ATOM   838  N  NE  . ARG A 1 111 ? -7.374  2.280   -4.488  1.00 18.55  ? 111 ARG A NE  1 
ATOM   839  C  CZ  . ARG A 1 111 ? -6.651  3.357   -4.164  1.00 18.86  ? 111 ARG A CZ  1 
ATOM   840  N  NH1 . ARG A 1 111 ? -6.178  4.155   -5.123  1.00 17.78  ? 111 ARG A NH1 1 
ATOM   841  N  NH2 . ARG A 1 111 ? -6.379  3.622   -2.880  1.00 17.77  ? 111 ARG A NH2 1 
ATOM   842  N  N   . TYR A 1 112 ? -8.823  0.166   -10.194 1.00 24.73  ? 112 TYR A N   1 
ATOM   843  C  CA  . TYR A 1 112 ? -8.832  -0.703  -11.380 1.00 23.85  ? 112 TYR A CA  1 
ATOM   844  C  C   . TYR A 1 112 ? -8.873  -2.143  -10.931 1.00 24.85  ? 112 TYR A C   1 
ATOM   845  O  O   . TYR A 1 112 ? -8.150  -2.503  -10.006 1.00 27.83  ? 112 TYR A O   1 
ATOM   846  C  CB  . TYR A 1 112 ? -7.610  -0.469  -12.245 1.00 22.37  ? 112 TYR A CB  1 
ATOM   847  C  CG  . TYR A 1 112 ? -7.645  0.864   -12.922 1.00 23.42  ? 112 TYR A CG  1 
ATOM   848  C  CD1 . TYR A 1 112 ? -8.461  1.063   -14.041 1.00 22.82  ? 112 TYR A CD1 1 
ATOM   849  C  CD2 . TYR A 1 112 ? -6.875  1.934   -12.446 1.00 25.52  ? 112 TYR A CD2 1 
ATOM   850  C  CE1 . TYR A 1 112 ? -8.547  2.281   -14.656 1.00 26.73  ? 112 TYR A CE1 1 
ATOM   851  C  CE2 . TYR A 1 112 ? -6.925  3.163   -13.073 1.00 28.97  ? 112 TYR A CE2 1 
ATOM   852  C  CZ  . TYR A 1 112 ? -7.773  3.333   -14.164 1.00 30.66  ? 112 TYR A CZ  1 
ATOM   853  O  OH  . TYR A 1 112 ? -7.837  4.541   -14.820 1.00 35.91  ? 112 TYR A OH  1 
ATOM   854  N  N   . ARG A 1 113 ? -9.700  -2.963  -11.565 1.00 24.57  ? 113 ARG A N   1 
ATOM   855  C  CA  . ARG A 1 113 ? -9.723  -4.374  -11.250 1.00 25.05  ? 113 ARG A CA  1 
ATOM   856  C  C   . ARG A 1 113 ? -8.418  -5.063  -11.700 1.00 24.43  ? 113 ARG A C   1 
ATOM   857  O  O   . ARG A 1 113 ? -7.957  -5.993  -11.031 1.00 24.42  ? 113 ARG A O   1 
ATOM   858  C  CB  . ARG A 1 113 ? -11.015 -5.069  -11.801 1.00 27.80  ? 113 ARG A CB  1 
ATOM   859  C  CG  . ARG A 1 113 ? -10.906 -6.592  -11.833 1.00 38.84  ? 113 ARG A CG  1 
ATOM   860  C  CD  . ARG A 1 113 ? -12.114 -7.460  -11.447 1.00 48.42  ? 113 ARG A CD  1 
ATOM   861  N  NE  . ARG A 1 113 ? -12.155 -7.949  -10.025 1.00 56.52  ? 113 ARG A NE  1 
ATOM   862  C  CZ  . ARG A 1 113 ? -11.521 -9.014  -9.471  1.00 54.98  ? 113 ARG A CZ  1 
ATOM   863  N  NH1 . ARG A 1 113 ? -10.678 -9.790  -10.164 1.00 53.12  ? 113 ARG A NH1 1 
ATOM   864  N  NH2 . ARG A 1 113 ? -11.718 -9.296  -8.173  1.00 46.04  ? 113 ARG A NH2 1 
ATOM   865  N  N   . TYR A 1 114 ? -7.839  -4.610  -12.836 1.00 26.10  ? 114 TYR A N   1 
ATOM   866  C  CA  . TYR A 1 114 ? -6.690  -5.238  -13.500 1.00 25.18  ? 114 TYR A CA  1 
ATOM   867  C  C   . TYR A 1 114 ? -5.597  -4.250  -13.745 1.00 26.55  ? 114 TYR A C   1 
ATOM   868  O  O   . TYR A 1 114 ? -5.842  -3.268  -14.460 1.00 26.98  ? 114 TYR A O   1 
ATOM   869  C  CB  . TYR A 1 114 ? -7.051  -5.826  -14.880 1.00 27.85  ? 114 TYR A CB  1 
ATOM   870  C  CG  . TYR A 1 114 ? -8.056  -6.925  -14.735 1.00 30.15  ? 114 TYR A CG  1 
ATOM   871  C  CD1 . TYR A 1 114 ? -9.429  -6.656  -14.886 1.00 32.49  ? 114 TYR A CD1 1 
ATOM   872  C  CD2 . TYR A 1 114 ? -7.675  -8.204  -14.374 1.00 30.34  ? 114 TYR A CD2 1 
ATOM   873  C  CE1 . TYR A 1 114 ? -10.384 -7.631  -14.692 1.00 33.85  ? 114 TYR A CE1 1 
ATOM   874  C  CE2 . TYR A 1 114 ? -8.641  -9.198  -14.202 1.00 34.57  ? 114 TYR A CE2 1 
ATOM   875  C  CZ  . TYR A 1 114 ? -9.986  -8.881  -14.353 1.00 32.94  ? 114 TYR A CZ  1 
ATOM   876  O  OH  . TYR A 1 114 ? -10.945 -9.801  -14.195 1.00 35.99  ? 114 TYR A OH  1 
ATOM   877  N  N   . ILE A 1 115 ? -4.389  -4.547  -13.224 1.00 21.57  ? 115 ILE A N   1 
ATOM   878  C  CA  . ILE A 1 115 ? -3.207  -3.762  -13.514 1.00 20.43  ? 115 ILE A CA  1 
ATOM   879  C  C   . ILE A 1 115 ? -2.025  -4.626  -13.875 1.00 19.95  ? 115 ILE A C   1 
ATOM   880  O  O   . ILE A 1 115 ? -2.007  -5.811  -13.557 1.00 19.57  ? 115 ILE A O   1 
ATOM   881  C  CB  . ILE A 1 115 ? -2.786  -2.830  -12.338 1.00 18.86  ? 115 ILE A CB  1 
ATOM   882  C  CG1 . ILE A 1 115 ? -2.346  -3.657  -11.142 1.00 16.08  ? 115 ILE A CG1 1 
ATOM   883  C  CG2 . ILE A 1 115 ? -3.921  -1.872  -11.978 1.00 20.92  ? 115 ILE A CG2 1 
ATOM   884  C  CD1 . ILE A 1 115 ? -1.939  -2.866  -9.944  1.00 15.31  ? 115 ILE A CD1 1 
ATOM   885  N  N   . ARG A 1 116 ? -1.045  -4.002  -14.516 1.00 18.90  ? 116 ARG A N   1 
ATOM   886  C  CA  . ARG A 1 116 ? 0.332   -4.452  -14.439 1.00 20.66  ? 116 ARG A CA  1 
ATOM   887  C  C   . ARG A 1 116 ? 1.129   -3.492  -13.561 1.00 22.72  ? 116 ARG A C   1 
ATOM   888  O  O   . ARG A 1 116 ? 1.011   -2.229  -13.654 1.00 23.33  ? 116 ARG A O   1 
ATOM   889  C  CB  . ARG A 1 116 ? 1.019   -4.478  -15.812 1.00 22.94  ? 116 ARG A CB  1 
ATOM   890  C  CG  . ARG A 1 116 ? 2.489   -5.001  -15.762 1.00 27.61  ? 116 ARG A CG  1 
ATOM   891  C  CD  . ARG A 1 116 ? 2.980   -5.580  -17.072 1.00 26.36  ? 116 ARG A CD  1 
ATOM   892  N  NE  . ARG A 1 116 ? 2.318   -4.851  -18.120 1.00 32.23  ? 116 ARG A NE  1 
ATOM   893  C  CZ  . ARG A 1 116 ? 1.653   -5.416  -19.112 1.00 32.28  ? 116 ARG A CZ  1 
ATOM   894  N  NH1 . ARG A 1 116 ? 1.588   -6.716  -19.239 1.00 33.74  ? 116 ARG A NH1 1 
ATOM   895  N  NH2 . ARG A 1 116 ? 1.034   -4.669  -19.966 1.00 34.11  ? 116 ARG A NH2 1 
ATOM   896  N  N   . TYR A 1 117 ? 1.987   -4.062  -12.739 1.00 22.57  ? 117 TYR A N   1 
ATOM   897  C  CA  . TYR A 1 117 ? 2.970   -3.212  -12.072 1.00 22.76  ? 117 TYR A CA  1 
ATOM   898  C  C   . TYR A 1 117 ? 4.403   -3.738  -12.326 1.00 22.84  ? 117 TYR A C   1 
ATOM   899  O  O   . TYR A 1 117 ? 4.576   -4.949  -12.529 1.00 21.93  ? 117 TYR A O   1 
ATOM   900  C  CB  . TYR A 1 117 ? 2.619   -3.067  -10.599 1.00 22.60  ? 117 TYR A CB  1 
ATOM   901  C  CG  . TYR A 1 117 ? 2.652   -4.340  -9.763  1.00 22.58  ? 117 TYR A CG  1 
ATOM   902  C  CD1 . TYR A 1 117 ? 1.479   -5.052  -9.498  1.00 23.15  ? 117 TYR A CD1 1 
ATOM   903  C  CD2 . TYR A 1 117 ? 3.863   -4.788  -9.174  1.00 22.51  ? 117 TYR A CD2 1 
ATOM   904  C  CE1 . TYR A 1 117 ? 1.485   -6.187  -8.669  1.00 24.33  ? 117 TYR A CE1 1 
ATOM   905  C  CE2 . TYR A 1 117 ? 3.909   -5.908  -8.359  1.00 22.56  ? 117 TYR A CE2 1 
ATOM   906  C  CZ  . TYR A 1 117 ? 2.714   -6.603  -8.077  1.00 27.00  ? 117 TYR A CZ  1 
ATOM   907  O  OH  . TYR A 1 117 ? 2.750   -7.738  -7.279  1.00 25.19  ? 117 TYR A OH  1 
ATOM   908  N  N   . ARG A 1 118 ? 5.369   -2.813  -12.393 1.00 23.13  ? 118 ARG A N   1 
ATOM   909  C  CA  . ARG A 1 118 ? 6.811   -3.060  -12.651 1.00 25.17  ? 118 ARG A CA  1 
ATOM   910  C  C   . ARG A 1 118 ? 7.661   -2.200  -11.693 1.00 24.55  ? 118 ARG A C   1 
ATOM   911  O  O   . ARG A 1 118 ? 7.219   -1.124  -11.228 1.00 24.23  ? 118 ARG A O   1 
ATOM   912  C  CB  . ARG A 1 118 ? 7.253   -2.625  -14.047 1.00 27.79  ? 118 ARG A CB  1 
ATOM   913  C  CG  . ARG A 1 118 ? 6.418   -3.022  -15.221 1.00 33.07  ? 118 ARG A CG  1 
ATOM   914  C  CD  . ARG A 1 118 ? 7.060   -2.349  -16.425 1.00 43.26  ? 118 ARG A CD  1 
ATOM   915  N  NE  . ARG A 1 118 ? 6.212   -2.367  -17.628 1.00 55.05  ? 118 ARG A NE  1 
ATOM   916  C  CZ  . ARG A 1 118 ? 6.146   -3.341  -18.561 1.00 54.09  ? 118 ARG A CZ  1 
ATOM   917  N  NH1 . ARG A 1 118 ? 6.888   -4.484  -18.460 1.00 44.44  ? 118 ARG A NH1 1 
ATOM   918  N  NH2 . ARG A 1 118 ? 5.310   -3.142  -19.612 1.00 38.85  ? 118 ARG A NH2 1 
ATOM   919  N  N   . GLY A 1 119 ? 8.869   -2.700  -11.409 1.00 21.70  ? 119 GLY A N   1 
ATOM   920  C  CA  . GLY A 1 119 ? 9.871   -2.015  -10.594 1.00 18.51  ? 119 GLY A CA  1 
ATOM   921  C  C   . GLY A 1 119 ? 10.947  -3.029  -10.266 1.00 18.69  ? 119 GLY A C   1 
ATOM   922  O  O   . GLY A 1 119 ? 11.236  -3.967  -11.066 1.00 17.08  ? 119 GLY A O   1 
ATOM   923  N  N   . PHE A 1 120 ? 11.508  -2.894  -9.068  1.00 17.64  ? 120 PHE A N   1 
ATOM   924  C  CA  . PHE A 1 120 ? 12.646  -3.716  -8.697  1.00 17.42  ? 120 PHE A CA  1 
ATOM   925  C  C   . PHE A 1 120 ? 12.472  -4.318  -7.327  1.00 17.23  ? 120 PHE A C   1 
ATOM   926  O  O   . PHE A 1 120 ? 12.075  -3.638  -6.381  1.00 17.55  ? 120 PHE A O   1 
ATOM   927  C  CB  . PHE A 1 120 ? 13.966  -2.853  -8.824  1.00 17.03  ? 120 PHE A CB  1 
ATOM   928  C  CG  . PHE A 1 120 ? 14.178  -2.341  -10.246 1.00 18.05  ? 120 PHE A CG  1 
ATOM   929  C  CD1 . PHE A 1 120 ? 14.802  -3.150  -11.222 1.00 18.32  ? 120 PHE A CD1 1 
ATOM   930  C  CD2 . PHE A 1 120 ? 13.581  -1.123  -10.678 1.00 18.89  ? 120 PHE A CD2 1 
ATOM   931  C  CE1 . PHE A 1 120 ? 14.929  -2.703  -12.556 1.00 18.62  ? 120 PHE A CE1 1 
ATOM   932  C  CE2 . PHE A 1 120 ? 13.664  -0.712  -12.042 1.00 18.81  ? 120 PHE A CE2 1 
ATOM   933  C  CZ  . PHE A 1 120 ? 14.336  -1.494  -12.971 1.00 17.32  ? 120 PHE A CZ  1 
ATOM   934  N  N   . ALA A 1 121 ? 12.842  -5.578  -7.204  1.00 18.84  ? 121 ALA A N   1 
ATOM   935  C  CA  . ALA A 1 121 ? 13.134  -6.165  -5.862  1.00 20.23  ? 121 ALA A CA  1 
ATOM   936  C  C   . ALA A 1 121 ? 14.301  -5.408  -5.236  1.00 20.15  ? 121 ALA A C   1 
ATOM   937  O  O   . ALA A 1 121 ? 15.106  -4.847  -5.960  1.00 22.97  ? 121 ALA A O   1 
ATOM   938  C  CB  . ALA A 1 121 ? 13.419  -7.675  -5.978  1.00 17.05  ? 121 ALA A CB  1 
ATOM   939  N  N   . PRO A 1 122 ? 14.408  -5.370  -3.898  1.00 22.02  ? 122 PRO A N   1 
ATOM   940  C  CA  . PRO A 1 122 ? 15.550  -4.689  -3.263  1.00 21.33  ? 122 PRO A CA  1 
ATOM   941  C  C   . PRO A 1 122 ? 16.936  -5.212  -3.695  1.00 20.30  ? 122 PRO A C   1 
ATOM   942  O  O   . PRO A 1 122 ? 17.898  -4.488  -3.550  1.00 19.94  ? 122 PRO A O   1 
ATOM   943  C  CB  . PRO A 1 122 ? 15.351  -5.014  -1.771  1.00 21.17  ? 122 PRO A CB  1 
ATOM   944  C  CG  . PRO A 1 122 ? 13.866  -5.231  -1.678  1.00 21.41  ? 122 PRO A CG  1 
ATOM   945  C  CD  . PRO A 1 122 ? 13.521  -5.977  -2.892  1.00 21.15  ? 122 PRO A CD  1 
ATOM   946  N  N   . ASP A 1 123 ? 17.059  -6.443  -4.159  1.00 19.80  ? 123 ASP A N   1 
ATOM   947  C  CA  . ASP A 1 123 ? 18.367  -6.904  -4.675  1.00 22.18  ? 123 ASP A CA  1 
ATOM   948  C  C   . ASP A 1 123 ? 18.619  -6.335  -6.091  1.00 22.71  ? 123 ASP A C   1 
ATOM   949  O  O   . ASP A 1 123 ? 19.650  -6.600  -6.716  1.00 22.61  ? 123 ASP A O   1 
ATOM   950  C  CB  . ASP A 1 123 ? 18.454  -8.453  -4.734  1.00 23.29  ? 123 ASP A CB  1 
ATOM   951  C  CG  . ASP A 1 123 ? 17.533  -9.078  -5.819  1.00 25.21  ? 123 ASP A CG  1 
ATOM   952  O  OD1 . ASP A 1 123 ? 17.588  -10.313 -6.010  1.00 24.10  ? 123 ASP A OD1 1 
ATOM   953  O  OD2 . ASP A 1 123 ? 16.768  -8.346  -6.490  1.00 25.35  ? 123 ASP A OD2 1 
ATOM   954  N  N   . GLY A 1 124 ? 17.640  -5.624  -6.631  1.00 21.36  ? 124 GLY A N   1 
ATOM   955  C  CA  . GLY A 1 124 ? 17.790  -5.074  -7.950  1.00 20.08  ? 124 GLY A CA  1 
ATOM   956  C  C   . GLY A 1 124 ? 17.305  -5.921  -9.108  1.00 21.22  ? 124 GLY A C   1 
ATOM   957  O  O   . GLY A 1 124 ? 17.326  -5.456  -10.244 1.00 21.83  ? 124 GLY A O   1 
ATOM   958  N  N   . SER A 1 125 ? 16.795  -7.125  -8.888  1.00 20.42  ? 125 SER A N   1 
ATOM   959  C  CA  . SER A 1 125 ? 16.187  -7.750  -10.064 1.00 23.01  ? 125 SER A CA  1 
ATOM   960  C  C   . SER A 1 125 ? 14.874  -7.111  -10.391 1.00 24.69  ? 125 SER A C   1 
ATOM   961  O  O   . SER A 1 125 ? 14.168  -6.665  -9.510  1.00 23.30  ? 125 SER A O   1 
ATOM   962  C  CB  . SER A 1 125 ? 16.032  -9.271  -9.947  1.00 22.68  ? 125 SER A CB  1 
ATOM   963  O  OG  . SER A 1 125 ? 15.728  -9.563  -8.628  1.00 22.11  ? 125 SER A OG  1 
ATOM   964  N  N   . PRO A 1 126 ? 14.565  -7.030  -11.690 1.00 29.59  ? 126 PRO A N   1 
ATOM   965  C  CA  . PRO A 1 126 ? 13.297  -6.446  -12.147 1.00 29.06  ? 126 PRO A CA  1 
ATOM   966  C  C   . PRO A 1 126 ? 12.112  -7.315  -11.692 1.00 29.21  ? 126 PRO A C   1 
ATOM   967  O  O   . PRO A 1 126 ? 12.227  -8.542  -11.663 1.00 32.96  ? 126 PRO A O   1 
ATOM   968  C  CB  . PRO A 1 126 ? 13.445  -6.456  -13.681 1.00 26.29  ? 126 PRO A CB  1 
ATOM   969  C  CG  . PRO A 1 126 ? 14.373  -7.600  -13.946 1.00 29.89  ? 126 PRO A CG  1 
ATOM   970  C  CD  . PRO A 1 126 ? 15.378  -7.543  -12.821 1.00 29.00  ? 126 PRO A CD  1 
ATOM   971  N  N   . ILE A 1 127 ? 11.022  -6.666  -11.295 1.00 26.43  ? 127 ILE A N   1 
ATOM   972  C  CA  . ILE A 1 127 ? 9.760   -7.321  -10.982 1.00 24.89  ? 127 ILE A CA  1 
ATOM   973  C  C   . ILE A 1 127 ? 8.732   -6.713  -11.964 1.00 23.45  ? 127 ILE A C   1 
ATOM   974  O  O   . ILE A 1 127 ? 8.702   -5.488  -12.198 1.00 23.19  ? 127 ILE A O   1 
ATOM   975  C  CB  . ILE A 1 127 ? 9.256   -7.001  -9.538  1.00 23.54  ? 127 ILE A CB  1 
ATOM   976  C  CG1 . ILE A 1 127 ? 10.037  -7.733  -8.445  1.00 23.96  ? 127 ILE A CG1 1 
ATOM   977  C  CG2 . ILE A 1 127 ? 7.771   -7.383  -9.380  1.00 23.69  ? 127 ILE A CG2 1 
ATOM   978  C  CD1 . ILE A 1 127 ? 9.830   -7.114  -7.069  1.00 20.08  ? 127 ILE A CD1 1 
ATOM   979  N  N   . GLU A 1 128 ? 7.840   -7.564  -12.446 1.00 24.39  ? 128 GLU A N   1 
ATOM   980  C  CA  . GLU A 1 128 ? 6.854   -7.217  -13.446 1.00 24.79  ? 128 GLU A CA  1 
ATOM   981  C  C   . GLU A 1 128 ? 5.705   -8.184  -13.282 1.00 24.90  ? 128 GLU A C   1 
ATOM   982  O  O   . GLU A 1 128 ? 5.854   -9.363  -13.568 1.00 22.48  ? 128 GLU A O   1 
ATOM   983  C  CB  . GLU A 1 128 ? 7.550   -7.381  -14.795 1.00 29.05  ? 128 GLU A CB  1 
ATOM   984  C  CG  . GLU A 1 128 ? 6.736   -7.076  -15.993 1.00 30.75  ? 128 GLU A CG  1 
ATOM   985  C  CD  . GLU A 1 128 ? 5.993   -8.319  -16.397 1.00 33.89  ? 128 GLU A CD  1 
ATOM   986  O  OE1 . GLU A 1 128 ? 4.746   -8.288  -16.359 1.00 28.15  ? 128 GLU A OE1 1 
ATOM   987  O  OE2 . GLU A 1 128 ? 6.671   -9.336  -16.708 1.00 32.65  ? 128 GLU A OE2 1 
ATOM   988  N  N   . ARG A 1 129 ? 4.542   -7.701  -12.816 1.00 24.72  ? 129 ARG A N   1 
ATOM   989  C  CA  . ARG A 1 129 ? 3.388   -8.590  -12.609 1.00 23.61  ? 129 ARG A CA  1 
ATOM   990  C  C   . ARG A 1 129 ? 2.053   -8.053  -13.049 1.00 23.91  ? 129 ARG A C   1 
ATOM   991  O  O   . ARG A 1 129 ? 1.781   -6.854  -12.930 1.00 24.68  ? 129 ARG A O   1 
ATOM   992  C  CB  . ARG A 1 129 ? 3.249   -8.976  -11.130 1.00 25.31  ? 129 ARG A CB  1 
ATOM   993  C  CG  . ARG A 1 129 ? 4.403   -9.783  -10.562 1.00 26.66  ? 129 ARG A CG  1 
ATOM   994  C  CD  . ARG A 1 129 ? 4.166   -9.869  -9.051  1.00 27.82  ? 129 ARG A CD  1 
ATOM   995  N  NE  . ARG A 1 129 ? 5.262   -10.504 -8.314  1.00 27.98  ? 129 ARG A NE  1 
ATOM   996  C  CZ  . ARG A 1 129 ? 5.495   -10.341 -7.007  1.00 25.36  ? 129 ARG A CZ  1 
ATOM   997  N  NH1 . ARG A 1 129 ? 4.768   -9.548  -6.223  1.00 21.68  ? 129 ARG A NH1 1 
ATOM   998  N  NH2 . ARG A 1 129 ? 6.497   -10.951 -6.486  1.00 21.85  ? 129 ARG A NH2 1 
ATOM   999  N  N   . GLU A 1 130 ? 1.191   -8.962  -13.504 1.00 23.65  ? 130 GLU A N   1 
ATOM   1000 C  CA  . GLU A 1 130 ? -0.208  -8.606  -13.690 1.00 24.32  ? 130 GLU A CA  1 
ATOM   1001 C  C   . GLU A 1 130 ? -0.940  -8.980  -12.417 1.00 25.45  ? 130 GLU A C   1 
ATOM   1002 O  O   . GLU A 1 130 ? -0.665  -10.043 -11.844 1.00 23.07  ? 130 GLU A O   1 
ATOM   1003 C  CB  . GLU A 1 130 ? -0.846  -9.295  -14.886 1.00 22.89  ? 130 GLU A CB  1 
ATOM   1004 C  CG  . GLU A 1 130 ? -0.345  -8.742  -16.193 1.00 23.94  ? 130 GLU A CG  1 
ATOM   1005 C  CD  . GLU A 1 130 ? 1.005   -9.336  -16.529 1.00 24.62  ? 130 GLU A CD  1 
ATOM   1006 O  OE1 . GLU A 1 130 ? 1.910   -8.574  -16.930 1.00 23.69  ? 130 GLU A OE1 1 
ATOM   1007 O  OE2 . GLU A 1 130 ? 1.125   -10.571 -16.346 1.00 25.74  ? 130 GLU A OE2 1 
ATOM   1008 N  N   . ALA A 1 131 ? -1.807  -8.068  -11.950 1.00 24.62  ? 131 ALA A N   1 
ATOM   1009 C  CA  . ALA A 1 131 ? -2.506  -8.284  -10.713 1.00 25.15  ? 131 ALA A CA  1 
ATOM   1010 C  C   . ALA A 1 131 ? -3.994  -7.943  -10.895 1.00 25.80  ? 131 ALA A C   1 
ATOM   1011 O  O   . ALA A 1 131 ? -4.385  -7.197  -11.797 1.00 24.45  ? 131 ALA A O   1 
ATOM   1012 C  CB  . ALA A 1 131 ? -1.834  -7.500  -9.575  1.00 22.13  ? 131 ALA A CB  1 
ATOM   1013 N  N   . GLU A 1 132 ? -4.838  -8.497  -10.045 1.00 28.84  ? 132 GLU A N   1 
ATOM   1014 C  CA  . GLU A 1 132 ? -6.251  -8.196  -10.165 1.00 28.90  ? 132 GLU A CA  1 
ATOM   1015 C  C   . GLU A 1 132 ? -6.924  -8.157  -8.782  1.00 27.92  ? 132 GLU A C   1 
ATOM   1016 O  O   . GLU A 1 132 ? -6.361  -8.657  -7.775  1.00 27.89  ? 132 GLU A O   1 
ATOM   1017 C  CB  . GLU A 1 132 ? -6.845  -9.274  -11.019 1.00 33.18  ? 132 GLU A CB  1 
ATOM   1018 C  CG  . GLU A 1 132 ? -7.109  -10.469 -10.163 1.00 39.79  ? 132 GLU A CG  1 
ATOM   1019 C  CD  . GLU A 1 132 ? -7.783  -11.536 -10.955 1.00 52.75  ? 132 GLU A CD  1 
ATOM   1020 O  OE1 . GLU A 1 132 ? -7.073  -12.506 -11.280 1.00 55.18  ? 132 GLU A OE1 1 
ATOM   1021 O  OE2 . GLU A 1 132 ? -8.988  -11.383 -11.270 1.00 56.86  ? 132 GLU A OE2 1 
ATOM   1022 N  N   . GLY A 1 133 ? -8.125  -7.584  -8.690  1.00 23.17  ? 133 GLY A N   1 
ATOM   1023 C  CA  . GLY A 1 133 ? -8.827  -7.623  -7.401  1.00 19.66  ? 133 GLY A CA  1 
ATOM   1024 C  C   . GLY A 1 133 ? -7.988  -7.076  -6.246  1.00 21.48  ? 133 GLY A C   1 
ATOM   1025 O  O   . GLY A 1 133 ? -7.373  -5.977  -6.356  1.00 18.77  ? 133 GLY A O   1 
ATOM   1026 N  N   . PHE A 1 134 ? -7.952  -7.808  -5.124  1.00 19.64  ? 134 PHE A N   1 
ATOM   1027 C  CA  . PHE A 1 134 ? -7.363  -7.248  -3.894  1.00 19.35  ? 134 PHE A CA  1 
ATOM   1028 C  C   . PHE A 1 134 ? -5.830  -6.961  -4.034  1.00 20.12  ? 134 PHE A C   1 
ATOM   1029 O  O   . PHE A 1 134 ? -5.343  -5.893  -3.625  1.00 19.63  ? 134 PHE A O   1 
ATOM   1030 C  CB  . PHE A 1 134 ? -7.677  -8.145  -2.701  1.00 20.81  ? 134 PHE A CB  1 
ATOM   1031 C  CG  . PHE A 1 134 ? -7.364  -7.500  -1.368  1.00 22.91  ? 134 PHE A CG  1 
ATOM   1032 C  CD1 . PHE A 1 134 ? -8.119  -6.436  -0.899  1.00 23.62  ? 134 PHE A CD1 1 
ATOM   1033 C  CD2 . PHE A 1 134 ? -6.306  -7.959  -0.584  1.00 21.80  ? 134 PHE A CD2 1 
ATOM   1034 C  CE1 . PHE A 1 134 ? -7.793  -5.818  0.317   1.00 24.88  ? 134 PHE A CE1 1 
ATOM   1035 C  CE2 . PHE A 1 134 ? -5.988  -7.351  0.611   1.00 20.14  ? 134 PHE A CE2 1 
ATOM   1036 C  CZ  . PHE A 1 134 ? -6.716  -6.295  1.063   1.00 20.73  ? 134 PHE A CZ  1 
ATOM   1037 N  N   . HIS A 1 135 ? -5.109  -7.877  -4.703  1.00 19.37  ? 135 HIS A N   1 
ATOM   1038 C  CA  . HIS A 1 135 ? -3.682  -7.747  -4.972  1.00 18.65  ? 135 HIS A CA  1 
ATOM   1039 C  C   . HIS A 1 135 ? -3.450  -6.420  -5.688  1.00 18.14  ? 135 HIS A C   1 
ATOM   1040 O  O   . HIS A 1 135 ? -2.636  -5.569  -5.252  1.00 19.66  ? 135 HIS A O   1 
ATOM   1041 C  CB  . HIS A 1 135 ? -3.222  -8.973  -5.772  1.00 20.32  ? 135 HIS A CB  1 
ATOM   1042 C  CG  . HIS A 1 135 ? -1.750  -9.013  -6.124  1.00 24.31  ? 135 HIS A CG  1 
ATOM   1043 N  ND1 . HIS A 1 135 ? -1.175  -10.121 -6.730  1.00 23.45  ? 135 HIS A ND1 1 
ATOM   1044 C  CD2 . HIS A 1 135 ? -0.757  -8.089  -6.008  1.00 22.07  ? 135 HIS A CD2 1 
ATOM   1045 C  CE1 . HIS A 1 135 ? 0.104   -9.883  -6.952  1.00 24.17  ? 135 HIS A CE1 1 
ATOM   1046 N  NE2 . HIS A 1 135 ? 0.382   -8.663  -6.518  1.00 24.99  ? 135 HIS A NE2 1 
ATOM   1047 N  N   . ALA A 1 136 ? -4.179  -6.213  -6.760  1.00 19.05  ? 136 ALA A N   1 
ATOM   1048 C  CA  . ALA A 1 136 ? -4.122  -4.951  -7.514  1.00 19.68  ? 136 ALA A CA  1 
ATOM   1049 C  C   . ALA A 1 136 ? -4.505  -3.707  -6.723  1.00 19.55  ? 136 ALA A C   1 
ATOM   1050 O  O   . ALA A 1 136 ? -3.874  -2.623  -6.861  1.00 23.61  ? 136 ALA A O   1 
ATOM   1051 C  CB  . ALA A 1 136 ? -5.000  -5.082  -8.750  1.00 20.10  ? 136 ALA A CB  1 
ATOM   1052 N  N   . ARG A 1 137 ? -5.493  -3.851  -5.857  1.00 18.08  ? 137 ARG A N   1 
ATOM   1053 C  CA  . ARG A 1 137 ? -5.961  -2.737  -5.018  1.00 18.94  ? 137 ARG A CA  1 
ATOM   1054 C  C   . ARG A 1 137 ? -4.857  -2.325  -4.035  1.00 18.52  ? 137 ARG A C   1 
ATOM   1055 O  O   . ARG A 1 137 ? -4.588  -1.126  -3.780  1.00 16.44  ? 137 ARG A O   1 
ATOM   1056 C  CB  . ARG A 1 137 ? -7.250  -3.182  -4.238  1.00 19.50  ? 137 ARG A CB  1 
ATOM   1057 C  CG  . ARG A 1 137 ? -7.630  -2.328  -3.021  1.00 18.64  ? 137 ARG A CG  1 
ATOM   1058 C  CD  . ARG A 1 137 ? -8.953  -2.764  -2.379  1.00 18.85  ? 137 ARG A CD  1 
ATOM   1059 N  NE  . ARG A 1 137 ? -9.964  -2.956  -3.423  1.00 19.44  ? 137 ARG A NE  1 
ATOM   1060 C  CZ  . ARG A 1 137 ? -10.766 -2.007  -3.929  1.00 19.35  ? 137 ARG A CZ  1 
ATOM   1061 N  NH1 . ARG A 1 137 ? -10.775 -0.752  -3.443  1.00 15.28  ? 137 ARG A NH1 1 
ATOM   1062 N  NH2 . ARG A 1 137 ? -11.580 -2.352  -4.958  1.00 19.39  ? 137 ARG A NH2 1 
ATOM   1063 N  N   . VAL A 1 138 ? -4.252  -3.347  -3.410  1.00 18.86  ? 138 VAL A N   1 
ATOM   1064 C  CA  . VAL A 1 138 ? -3.177  -3.057  -2.446  1.00 18.25  ? 138 VAL A CA  1 
ATOM   1065 C  C   . VAL A 1 138 ? -2.053  -2.270  -3.117  1.00 19.02  ? 138 VAL A C   1 
ATOM   1066 O  O   . VAL A 1 138 ? -1.653  -1.197  -2.615  1.00 20.60  ? 138 VAL A O   1 
ATOM   1067 C  CB  . VAL A 1 138 ? -2.660  -4.319  -1.753  1.00 19.06  ? 138 VAL A CB  1 
ATOM   1068 C  CG1 . VAL A 1 138 ? -1.415  -3.952  -0.974  1.00 18.73  ? 138 VAL A CG1 1 
ATOM   1069 C  CG2 . VAL A 1 138 ? -3.747  -4.913  -0.837  1.00 17.04  ? 138 VAL A CG2 1 
ATOM   1070 N  N   . VAL A 1 139 ? -1.578  -2.767  -4.261  1.00 17.81  ? 139 VAL A N   1 
ATOM   1071 C  CA  . VAL A 1 139 ? -0.538  -2.081  -4.989  1.00 18.19  ? 139 VAL A CA  1 
ATOM   1072 C  C   . VAL A 1 139 ? -0.922  -0.641  -5.424  1.00 18.12  ? 139 VAL A C   1 
ATOM   1073 O  O   . VAL A 1 139 ? -0.185  0.313   -5.118  1.00 18.60  ? 139 VAL A O   1 
ATOM   1074 C  CB  . VAL A 1 139 ? -0.057  -2.945  -6.180  1.00 21.16  ? 139 VAL A CB  1 
ATOM   1075 C  CG1 . VAL A 1 139 ? 0.907   -2.136  -7.028  1.00 20.93  ? 139 VAL A CG1 1 
ATOM   1076 C  CG2 . VAL A 1 139 ? 0.575   -4.273  -5.694  1.00 17.69  ? 139 VAL A CG2 1 
ATOM   1077 N  N   . GLN A 1 140 ? -2.094  -0.445  -6.047  1.00 18.05  ? 140 GLN A N   1 
ATOM   1078 C  CA  . GLN A 1 140 ? -2.567  0.910   -6.331  1.00 17.80  ? 140 GLN A CA  1 
ATOM   1079 C  C   . GLN A 1 140 ? -2.640  1.843   -5.112  1.00 18.29  ? 140 GLN A C   1 
ATOM   1080 O  O   . GLN A 1 140 ? -2.296  3.023   -5.178  1.00 18.43  ? 140 GLN A O   1 
ATOM   1081 C  CB  . GLN A 1 140 ? -3.940  0.872   -6.945  1.00 18.84  ? 140 GLN A CB  1 
ATOM   1082 C  CG  . GLN A 1 140 ? -4.000  0.141   -8.238  1.00 18.91  ? 140 GLN A CG  1 
ATOM   1083 C  CD  . GLN A 1 140 ? -5.416  0.005   -8.754  1.00 18.35  ? 140 GLN A CD  1 
ATOM   1084 O  OE1 . GLN A 1 140 ? -6.026  0.995   -9.152  1.00 18.79  ? 140 GLN A OE1 1 
ATOM   1085 N  NE2 . GLN A 1 140 ? -5.926  -1.222  -8.809  1.00 17.94  ? 140 GLN A NE2 1 
ATOM   1086 N  N   . HIS A 1 141 ? -3.121  1.330   -4.003  1.00 17.82  ? 141 HIS A N   1 
ATOM   1087 C  CA  . HIS A 1 141 ? -3.222  2.105   -2.762  1.00 17.86  ? 141 HIS A CA  1 
ATOM   1088 C  C   . HIS A 1 141 ? -1.829  2.512   -2.232  1.00 18.31  ? 141 HIS A C   1 
ATOM   1089 O  O   . HIS A 1 141 ? -1.652  3.646   -1.748  1.00 19.06  ? 141 HIS A O   1 
ATOM   1090 C  CB  . HIS A 1 141 ? -3.936  1.208   -1.735  1.00 18.10  ? 141 HIS A CB  1 
ATOM   1091 C  CG  . HIS A 1 141 ? -3.976  1.758   -0.351  1.00 18.79  ? 141 HIS A CG  1 
ATOM   1092 N  ND1 . HIS A 1 141 ? -5.152  2.101   0.284   1.00 19.90  ? 141 HIS A ND1 1 
ATOM   1093 C  CD2 . HIS A 1 141 ? -2.987  1.989   0.539   1.00 21.40  ? 141 HIS A CD2 1 
ATOM   1094 C  CE1 . HIS A 1 141 ? -4.872  2.617   1.466   1.00 21.53  ? 141 HIS A CE1 1 
ATOM   1095 N  NE2 . HIS A 1 141 ? -3.570  2.524   1.661   1.00 20.78  ? 141 HIS A NE2 1 
ATOM   1096 N  N   . GLU A 1 142 ? -0.872  1.582   -2.269  1.00 16.88  ? 142 GLU A N   1 
ATOM   1097 C  CA  . GLU A 1 142 ? 0.471   1.897   -1.755  1.00 19.03  ? 142 GLU A CA  1 
ATOM   1098 C  C   . GLU A 1 142 ? 1.152   2.831   -2.736  1.00 20.24  ? 142 GLU A C   1 
ATOM   1099 O  O   . GLU A 1 142 ? 1.818   3.728   -2.317  1.00 23.46  ? 142 GLU A O   1 
ATOM   1100 C  CB  . GLU A 1 142 ? 1.324   0.647   -1.523  1.00 18.02  ? 142 GLU A CB  1 
ATOM   1101 C  CG  . GLU A 1 142 ? 0.859   -0.304  -0.438  1.00 18.59  ? 142 GLU A CG  1 
ATOM   1102 C  CD  . GLU A 1 142 ? 0.421   0.419   0.846   1.00 20.43  ? 142 GLU A CD  1 
ATOM   1103 O  OE1 . GLU A 1 142 ? 1.066   1.417   1.257   1.00 21.39  ? 142 GLU A OE1 1 
ATOM   1104 O  OE2 . GLU A 1 142 ? -0.613  0.028   1.451   1.00 20.27  ? 142 GLU A OE2 1 
ATOM   1105 N  N   . TYR A 1 143 ? 0.930   2.659   -4.036  1.00 20.35  ? 143 TYR A N   1 
ATOM   1106 C  CA  . TYR A 1 143 ? 1.501   3.561   -5.013  1.00 21.63  ? 143 TYR A CA  1 
ATOM   1107 C  C   . TYR A 1 143 ? 1.082   4.998   -4.730  1.00 23.70  ? 143 TYR A C   1 
ATOM   1108 O  O   . TYR A 1 143 ? 1.921   5.930   -4.823  1.00 21.88  ? 143 TYR A O   1 
ATOM   1109 C  CB  . TYR A 1 143 ? 1.070   3.153   -6.439  1.00 24.44  ? 143 TYR A CB  1 
ATOM   1110 C  CG  . TYR A 1 143 ? 1.545   4.133   -7.492  1.00 25.98  ? 143 TYR A CG  1 
ATOM   1111 C  CD1 . TYR A 1 143 ? 2.840   3.997   -8.054  1.00 27.06  ? 143 TYR A CD1 1 
ATOM   1112 C  CD2 . TYR A 1 143 ? 0.734   5.219   -7.918  1.00 25.33  ? 143 TYR A CD2 1 
ATOM   1113 C  CE1 . TYR A 1 143 ? 3.322   4.894   -9.005  1.00 26.12  ? 143 TYR A CE1 1 
ATOM   1114 C  CE2 . TYR A 1 143 ? 1.198   6.124   -8.892  1.00 25.94  ? 143 TYR A CE2 1 
ATOM   1115 C  CZ  . TYR A 1 143 ? 2.500   5.940   -9.429  1.00 30.38  ? 143 TYR A CZ  1 
ATOM   1116 O  OH  . TYR A 1 143 ? 3.028   6.782   -10.386 1.00 31.19  ? 143 TYR A OH  1 
ATOM   1117 N  N   . ASP A 1 144 ? -0.219  5.181   -4.394  1.00 23.36  ? 144 ASP A N   1 
ATOM   1118 C  CA  . ASP A 1 144 ? -0.759  6.498   -4.121  1.00 21.31  ? 144 ASP A CA  1 
ATOM   1119 C  C   . ASP A 1 144 ? 0.069   7.182   -3.048  1.00 20.09  ? 144 ASP A C   1 
ATOM   1120 O  O   . ASP A 1 144 ? 0.278   8.386   -3.115  1.00 23.00  ? 144 ASP A O   1 
ATOM   1121 C  CB  . ASP A 1 144 ? -2.217  6.404   -3.635  1.00 23.95  ? 144 ASP A CB  1 
ATOM   1122 C  CG  . ASP A 1 144 ? -3.232  6.500   -4.762  1.00 25.67  ? 144 ASP A CG  1 
ATOM   1123 O  OD1 . ASP A 1 144 ? -2.841  6.676   -5.933  1.00 26.01  ? 144 ASP A OD1 1 
ATOM   1124 O  OD2 . ASP A 1 144 ? -4.443  6.374   -4.468  1.00 27.23  ? 144 ASP A OD2 1 
ATOM   1125 N  N   . HIS A 1 145 ? 0.506   6.476   -2.019  1.00 18.69  ? 145 HIS A N   1 
ATOM   1126 C  CA  . HIS A 1 145 ? 1.392   7.145   -1.023  1.00 20.99  ? 145 HIS A CA  1 
ATOM   1127 C  C   . HIS A 1 145 ? 2.647   7.728   -1.623  1.00 19.96  ? 145 HIS A C   1 
ATOM   1128 O  O   . HIS A 1 145 ? 3.147   8.697   -1.099  1.00 19.25  ? 145 HIS A O   1 
ATOM   1129 C  CB  . HIS A 1 145 ? 1.921   6.189   0.008   1.00 20.64  ? 145 HIS A CB  1 
ATOM   1130 C  CG  . HIS A 1 145 ? 0.893   5.754   0.961   1.00 22.25  ? 145 HIS A CG  1 
ATOM   1131 N  ND1 . HIS A 1 145 ? 0.198   6.651   1.738   1.00 20.48  ? 145 HIS A ND1 1 
ATOM   1132 C  CD2 . HIS A 1 145 ? 0.431   4.519   1.279   1.00 22.28  ? 145 HIS A CD2 1 
ATOM   1133 C  CE1 . HIS A 1 145 ? -0.658  5.993   2.497   1.00 18.70  ? 145 HIS A CE1 1 
ATOM   1134 N  NE2 . HIS A 1 145 ? -0.525  4.705   2.245   1.00 22.04  ? 145 HIS A NE2 1 
ATOM   1135 N  N   . LEU A 1 146 ? 3.178   7.075   -2.667  1.00 19.00  ? 146 LEU A N   1 
ATOM   1136 C  CA  . LEU A 1 146 ? 4.480   7.503   -3.278  1.00 18.80  ? 146 LEU A CA  1 
ATOM   1137 C  C   . LEU A 1 146 ? 4.310   8.794   -4.062  1.00 21.39  ? 146 LEU A C   1 
ATOM   1138 O  O   . LEU A 1 146 ? 5.330   9.414   -4.477  1.00 21.87  ? 146 LEU A O   1 
ATOM   1139 C  CB  . LEU A 1 146 ? 5.080   6.391   -4.169  1.00 16.87  ? 146 LEU A CB  1 
ATOM   1140 C  CG  . LEU A 1 146 ? 5.073   4.961   -3.545  1.00 15.54  ? 146 LEU A CG  1 
ATOM   1141 C  CD1 . LEU A 1 146 ? 5.662   3.982   -4.520  1.00 14.00  ? 146 LEU A CD1 1 
ATOM   1142 C  CD2 . LEU A 1 146 ? 5.808   4.973   -2.189  1.00 14.01  ? 146 LEU A CD2 1 
ATOM   1143 N  N   . VAL A 1 147 ? 3.033   9.178   -4.296  1.00 20.62  ? 147 VAL A N   1 
ATOM   1144 C  CA  . VAL A 1 147 ? 2.687   10.462  -4.957  1.00 21.05  ? 147 VAL A CA  1 
ATOM   1145 C  C   . VAL A 1 147 ? 1.925   11.429  -4.011  1.00 22.23  ? 147 VAL A C   1 
ATOM   1146 O  O   . VAL A 1 147 ? 1.428   12.438  -4.438  1.00 24.95  ? 147 VAL A O   1 
ATOM   1147 C  CB  . VAL A 1 147 ? 2.018   10.302  -6.394  1.00 22.40  ? 147 VAL A CB  1 
ATOM   1148 C  CG1 . VAL A 1 147 ? 2.976   9.589   -7.381  1.00 19.71  ? 147 VAL A CG1 1 
ATOM   1149 C  CG2 . VAL A 1 147 ? 0.629   9.607   -6.358  1.00 18.92  ? 147 VAL A CG2 1 
ATOM   1150 N  N   . GLY A 1 148 ? 1.847   11.138  -2.723  1.00 22.57  ? 148 GLY A N   1 
ATOM   1151 C  CA  . GLY A 1 148 ? 1.295   12.083  -1.763  1.00 22.25  ? 148 GLY A CA  1 
ATOM   1152 C  C   . GLY A 1 148 ? -0.214  12.084  -1.686  1.00 23.53  ? 148 GLY A C   1 
ATOM   1153 O  O   . GLY A 1 148 ? -0.851  13.118  -1.397  1.00 24.68  ? 148 GLY A O   1 
ATOM   1154 N  N   . ARG A 1 149 ? -0.788  10.923  -1.925  1.00 22.69  ? 149 ARG A N   1 
ATOM   1155 C  CA  . ARG A 1 149 ? -2.236  10.773  -2.046  1.00 21.50  ? 149 ARG A CA  1 
ATOM   1156 C  C   . ARG A 1 149 ? -2.725  9.685   -1.077  1.00 20.78  ? 149 ARG A C   1 
ATOM   1157 O  O   . ARG A 1 149 ? -2.157  8.561   -1.008  1.00 18.02  ? 149 ARG A O   1 
ATOM   1158 C  CB  . ARG A 1 149 ? -2.583  10.465  -3.517  1.00 24.88  ? 149 ARG A CB  1 
ATOM   1159 C  CG  . ARG A 1 149 ? -4.060  10.425  -3.779  1.00 33.61  ? 149 ARG A CG  1 
ATOM   1160 C  CD  . ARG A 1 149 ? -4.419  11.068  -5.073  1.00 37.48  ? 149 ARG A CD  1 
ATOM   1161 N  NE  . ARG A 1 149 ? -5.826  11.428  -5.026  1.00 41.90  ? 149 ARG A NE  1 
ATOM   1162 C  CZ  . ARG A 1 149 ? -6.631  11.323  -6.074  1.00 46.03  ? 149 ARG A CZ  1 
ATOM   1163 N  NH1 . ARG A 1 149 ? -6.160  10.844  -7.220  1.00 44.74  ? 149 ARG A NH1 1 
ATOM   1164 N  NH2 . ARG A 1 149 ? -7.905  11.674  -5.997  1.00 37.97  ? 149 ARG A NH2 1 
ATOM   1165 N  N   . LEU A 1 150 ? -3.725  10.041  -0.266  1.00 20.21  ? 150 LEU A N   1 
ATOM   1166 C  CA  . LEU A 1 150 ? -4.392  9.050   0.618   1.00 21.26  ? 150 LEU A CA  1 
ATOM   1167 C  C   . LEU A 1 150 ? -5.802  8.744   0.075   1.00 21.36  ? 150 LEU A C   1 
ATOM   1168 O  O   . LEU A 1 150 ? -6.289  9.489   -0.787  1.00 18.52  ? 150 LEU A O   1 
ATOM   1169 C  CB  . LEU A 1 150 ? -4.462  9.565   2.044   1.00 23.45  ? 150 LEU A CB  1 
ATOM   1170 C  CG  . LEU A 1 150 ? -3.083  9.873   2.599   1.00 25.55  ? 150 LEU A CG  1 
ATOM   1171 C  CD1 . LEU A 1 150 ? -2.930  11.340  2.937   1.00 25.68  ? 150 LEU A CD1 1 
ATOM   1172 C  CD2 . LEU A 1 150 ? -2.787  8.997   3.790   1.00 27.64  ? 150 LEU A CD2 1 
ATOM   1173 N  N   . TYR A 1 151 ? -6.425  7.670   0.587   1.00 22.04  ? 151 TYR A N   1 
ATOM   1174 C  CA  . TYR A 1 151 ? -7.706  7.159   0.063   1.00 21.43  ? 151 TYR A CA  1 
ATOM   1175 C  C   . TYR A 1 151 ? -8.948  8.112   0.248   1.00 20.84  ? 151 TYR A C   1 
ATOM   1176 O  O   . TYR A 1 151 ? -9.855  8.112   -0.591  1.00 21.29  ? 151 TYR A O   1 
ATOM   1177 C  CB  . TYR A 1 151 ? -7.977  5.746   0.584   1.00 20.03  ? 151 TYR A CB  1 
ATOM   1178 C  CG  . TYR A 1 151 ? -8.510  5.628   2.023   1.00 22.14  ? 151 TYR A CG  1 
ATOM   1179 C  CD1 . TYR A 1 151 ? -9.794  6.106   2.387   1.00 21.88  ? 151 TYR A CD1 1 
ATOM   1180 C  CD2 . TYR A 1 151 ? -7.763  5.013   2.988   1.00 21.05  ? 151 TYR A CD2 1 
ATOM   1181 C  CE1 . TYR A 1 151 ? -10.274 5.990   3.665   1.00 20.80  ? 151 TYR A CE1 1 
ATOM   1182 C  CE2 . TYR A 1 151 ? -8.218  4.887   4.269   1.00 23.32  ? 151 TYR A CE2 1 
ATOM   1183 C  CZ  . TYR A 1 151 ? -9.497  5.345   4.599   1.00 24.99  ? 151 TYR A CZ  1 
ATOM   1184 O  OH  . TYR A 1 151 ? -9.935  5.176   5.901   1.00 22.73  ? 151 TYR A OH  1 
ATOM   1185 N  N   . PRO A 1 152 ? -8.962  8.957   1.292   1.00 20.11  ? 152 PRO A N   1 
ATOM   1186 C  CA  . PRO A 1 152 ? -10.185 9.810   1.349   1.00 20.80  ? 152 PRO A CA  1 
ATOM   1187 C  C   . PRO A 1 152 ? -10.414 10.635  0.077   1.00 22.37  ? 152 PRO A C   1 
ATOM   1188 O  O   . PRO A 1 152 ? -11.590 10.772  -0.360  1.00 25.84  ? 152 PRO A O   1 
ATOM   1189 C  CB  . PRO A 1 152 ? -9.967  10.689  2.597   1.00 18.98  ? 152 PRO A CB  1 
ATOM   1190 C  CG  . PRO A 1 152 ? -8.992  9.904   3.461   1.00 17.73  ? 152 PRO A CG  1 
ATOM   1191 C  CD  . PRO A 1 152 ? -8.125  9.100   2.512   1.00 19.24  ? 152 PRO A CD  1 
ATOM   1192 N  N   . SER A 1 153 ? -9.341  11.145  -0.538  1.00 20.66  ? 153 SER A N   1 
ATOM   1193 C  CA  . SER A 1 153 ? -9.483  11.924  -1.776  1.00 19.52  ? 153 SER A CA  1 
ATOM   1194 C  C   . SER A 1 153 ? -9.959  11.059  -2.931  1.00 18.75  ? 153 SER A C   1 
ATOM   1195 O  O   . SER A 1 153 ? -10.280 11.582  -3.996  1.00 18.16  ? 153 SER A O   1 
ATOM   1196 C  CB  . SER A 1 153 ? -8.192  12.595  -2.177  1.00 19.60  ? 153 SER A CB  1 
ATOM   1197 O  OG  . SER A 1 153 ? -7.229  11.578  -2.454  1.00 21.75  ? 153 SER A OG  1 
ATOM   1198 N  N   . ARG A 1 154 ? -10.075 9.757   -2.717  1.00 19.33  ? 154 ARG A N   1 
ATOM   1199 C  CA  . ARG A 1 154 ? -10.654 8.884   -3.736  1.00 21.86  ? 154 ARG A CA  1 
ATOM   1200 C  C   . ARG A 1 154 ? -12.097 8.352   -3.475  1.00 22.73  ? 154 ARG A C   1 
ATOM   1201 O  O   . ARG A 1 154 ? -12.662 7.613   -4.307  1.00 21.96  ? 154 ARG A O   1 
ATOM   1202 C  CB  . ARG A 1 154 ? -9.694  7.710   -3.981  1.00 22.71  ? 154 ARG A CB  1 
ATOM   1203 C  CG  . ARG A 1 154 ? -8.429  8.215   -4.663  1.00 27.62  ? 154 ARG A CG  1 
ATOM   1204 C  CD  . ARG A 1 154 ? -7.802  7.042   -5.345  1.00 29.64  ? 154 ARG A CD  1 
ATOM   1205 N  NE  . ARG A 1 154 ? -6.522  7.237   -5.998  1.00 29.28  ? 154 ARG A NE  1 
ATOM   1206 C  CZ  . ARG A 1 154 ? -6.379  7.717   -7.225  1.00 29.81  ? 154 ARG A CZ  1 
ATOM   1207 N  NH1 . ARG A 1 154 ? -7.427  8.110   -7.910  1.00 28.80  ? 154 ARG A NH1 1 
ATOM   1208 N  NH2 . ARG A 1 154 ? -5.189  7.792   -7.780  1.00 23.75  ? 154 ARG A NH2 1 
ATOM   1209 N  N   . ILE A 1 155 ? -12.662 8.671   -2.304  1.00 25.08  ? 155 ILE A N   1 
ATOM   1210 C  CA  . ILE A 1 155 ? -14.003 8.168   -1.912  1.00 23.03  ? 155 ILE A CA  1 
ATOM   1211 C  C   . ILE A 1 155 ? -15.040 8.850   -2.838  1.00 24.32  ? 155 ILE A C   1 
ATOM   1212 O  O   . ILE A 1 155 ? -14.981 10.092  -3.066  1.00 22.21  ? 155 ILE A O   1 
ATOM   1213 C  CB  . ILE A 1 155 ? -14.331 8.618   -0.474  1.00 21.83  ? 155 ILE A CB  1 
ATOM   1214 C  CG1 . ILE A 1 155 ? -13.401 7.986   0.568   1.00 21.35  ? 155 ILE A CG1 1 
ATOM   1215 C  CG2 . ILE A 1 155 ? -15.793 8.392   -0.134  1.00 20.76  ? 155 ILE A CG2 1 
ATOM   1216 C  CD1 . ILE A 1 155 ? -13.575 8.628   1.940   1.00 19.34  ? 155 ILE A CD1 1 
ATOM   1217 N  N   . GLU A 1 156 ? -15.974 8.068   -3.374  1.00 25.74  ? 156 GLU A N   1 
ATOM   1218 C  CA  . GLU A 1 156 ? -17.065 8.679   -4.180  1.00 27.49  ? 156 GLU A CA  1 
ATOM   1219 C  C   . GLU A 1 156 ? -18.358 8.689   -3.420  1.00 25.83  ? 156 GLU A C   1 
ATOM   1220 O  O   . GLU A 1 156 ? -19.130 9.603   -3.573  1.00 22.07  ? 156 GLU A O   1 
ATOM   1221 C  CB  . GLU A 1 156 ? -17.256 7.996   -5.525  1.00 31.13  ? 156 GLU A CB  1 
ATOM   1222 C  CG  . GLU A 1 156 ? -16.031 8.144   -6.437  1.00 35.80  ? 156 GLU A CG  1 
ATOM   1223 C  CD  . GLU A 1 156 ? -16.212 7.315   -7.690  1.00 43.30  ? 156 GLU A CD  1 
ATOM   1224 O  OE1 . GLU A 1 156 ? -17.047 6.356   -7.682  1.00 42.69  ? 156 GLU A OE1 1 
ATOM   1225 O  OE2 . GLU A 1 156 ? -15.540 7.632   -8.692  1.00 43.43  ? 156 GLU A OE2 1 
ATOM   1226 N  N   . ASN A 1 157 ? -18.554 7.698   -2.556  1.00 24.14  ? 157 ASN A N   1 
ATOM   1227 C  CA  . ASN A 1 157 ? -19.763 7.607   -1.772  1.00 22.87  ? 157 ASN A CA  1 
ATOM   1228 C  C   . ASN A 1 157 ? -19.441 7.798   -0.283  1.00 22.07  ? 157 ASN A C   1 
ATOM   1229 O  O   . ASN A 1 157 ? -18.995 6.874   0.369   1.00 22.34  ? 157 ASN A O   1 
ATOM   1230 C  CB  . ASN A 1 157 ? -20.357 6.241   -2.057  1.00 23.12  ? 157 ASN A CB  1 
ATOM   1231 C  CG  . ASN A 1 157 ? -21.612 5.968   -1.281  1.00 23.35  ? 157 ASN A CG  1 
ATOM   1232 O  OD1 . ASN A 1 157 ? -22.081 6.795   -0.476  1.00 22.87  ? 157 ASN A OD1 1 
ATOM   1233 N  ND2 . ASN A 1 157 ? -22.138 4.772   -1.471  1.00 20.73  ? 157 ASN A ND2 1 
ATOM   1234 N  N   . PHE A 1 158 ? -19.648 9.005   0.256   1.00 22.72  ? 158 PHE A N   1 
ATOM   1235 C  CA  . PHE A 1 158 ? -19.265 9.267   1.633   1.00 21.80  ? 158 PHE A CA  1 
ATOM   1236 C  C   . PHE A 1 158 ? -20.116 8.528   2.672   1.00 24.33  ? 158 PHE A C   1 
ATOM   1237 O  O   . PHE A 1 158 ? -19.738 8.542   3.846   1.00 27.08  ? 158 PHE A O   1 
ATOM   1238 C  CB  . PHE A 1 158 ? -19.157 10.773  1.906   1.00 23.28  ? 158 PHE A CB  1 
ATOM   1239 C  CG  . PHE A 1 158 ? -17.888 11.392  1.362   1.00 22.35  ? 158 PHE A CG  1 
ATOM   1240 C  CD1 . PHE A 1 158 ? -16.745 11.444  2.128   1.00 22.87  ? 158 PHE A CD1 1 
ATOM   1241 C  CD2 . PHE A 1 158 ? -17.831 11.882  0.060   1.00 24.80  ? 158 PHE A CD2 1 
ATOM   1242 C  CE1 . PHE A 1 158 ? -15.541 11.971  1.627   1.00 25.18  ? 158 PHE A CE1 1 
ATOM   1243 C  CE2 . PHE A 1 158 ? -16.651 12.433  -0.459  1.00 23.28  ? 158 PHE A CE2 1 
ATOM   1244 C  CZ  . PHE A 1 158 ? -15.493 12.474  0.324   1.00 22.98  ? 158 PHE A CZ  1 
ATOM   1245 N  N   . ASP A 1 159 ? -21.201 7.830   2.256   1.00 23.80  ? 159 ASP A N   1 
ATOM   1246 C  CA  . ASP A 1 159 ? -21.997 7.010   3.192   1.00 25.54  ? 159 ASP A CA  1 
ATOM   1247 C  C   . ASP A 1 159 ? -21.199 5.836   3.723   1.00 26.44  ? 159 ASP A C   1 
ATOM   1248 O  O   . ASP A 1 159 ? -21.484 5.331   4.823   1.00 24.63  ? 159 ASP A O   1 
ATOM   1249 C  CB  . ASP A 1 159 ? -23.290 6.456   2.569   1.00 27.96  ? 159 ASP A CB  1 
ATOM   1250 C  CG  . ASP A 1 159 ? -24.356 7.545   2.307   1.00 29.62  ? 159 ASP A CG  1 
ATOM   1251 O  OD1 . ASP A 1 159 ? -24.191 8.759   2.583   1.00 26.58  ? 159 ASP A OD1 1 
ATOM   1252 O  OD2 . ASP A 1 159 ? -25.384 7.148   1.782   1.00 32.03  ? 159 ASP A OD2 1 
ATOM   1253 N  N   . THR A 1 160 ? -20.193 5.412   2.942   1.00 24.30  ? 160 THR A N   1 
ATOM   1254 C  CA  . THR A 1 160 ? -19.368 4.244   3.274   1.00 24.27  ? 160 THR A CA  1 
ATOM   1255 C  C   . THR A 1 160 ? -18.107 4.564   4.096   1.00 24.59  ? 160 THR A C   1 
ATOM   1256 O  O   . THR A 1 160 ? -17.374 3.646   4.421   1.00 25.03  ? 160 THR A O   1 
ATOM   1257 C  CB  . THR A 1 160 ? -18.853 3.561   2.010   1.00 26.97  ? 160 THR A CB  1 
ATOM   1258 O  OG1 . THR A 1 160 ? -17.908 4.447   1.306   1.00 26.35  ? 160 THR A OG1 1 
ATOM   1259 C  CG2 . THR A 1 160 ? -20.056 3.136   1.145   1.00 24.31  ? 160 THR A CG2 1 
ATOM   1260 N  N   . PHE A 1 161 ? -17.856 5.844   4.385   1.00 21.53  ? 161 PHE A N   1 
ATOM   1261 C  CA  . PHE A 1 161 ? -16.703 6.281   5.150   1.00 21.67  ? 161 PHE A CA  1 
ATOM   1262 C  C   . PHE A 1 161 ? -17.129 6.378   6.621   1.00 24.07  ? 161 PHE A C   1 
ATOM   1263 O  O   . PHE A 1 161 ? -18.061 7.126   6.943   1.00 25.05  ? 161 PHE A O   1 
ATOM   1264 C  CB  . PHE A 1 161 ? -16.259 7.661   4.614   1.00 18.47  ? 161 PHE A CB  1 
ATOM   1265 C  CG  . PHE A 1 161 ? -14.997 8.197   5.221   1.00 18.30  ? 161 PHE A CG  1 
ATOM   1266 C  CD1 . PHE A 1 161 ? -13.989 7.343   5.686   1.00 16.84  ? 161 PHE A CD1 1 
ATOM   1267 C  CD2 . PHE A 1 161 ? -14.771 9.592   5.261   1.00 17.94  ? 161 PHE A CD2 1 
ATOM   1268 C  CE1 . PHE A 1 161 ? -12.811 7.870   6.200   1.00 16.80  ? 161 PHE A CE1 1 
ATOM   1269 C  CE2 . PHE A 1 161 ? -13.564 10.106  5.753   1.00 18.57  ? 161 PHE A CE2 1 
ATOM   1270 C  CZ  . PHE A 1 161 ? -12.569 9.240   6.227   1.00 16.05  ? 161 PHE A CZ  1 
ATOM   1271 N  N   . GLY A 1 162 ? -16.486 5.611   7.501   1.00 22.40  ? 162 GLY A N   1 
ATOM   1272 C  CA  . GLY A 1 162 ? -16.805 5.678   8.919   1.00 20.14  ? 162 GLY A CA  1 
ATOM   1273 C  C   . GLY A 1 162 ? -15.819 4.835   9.705   1.00 21.96  ? 162 GLY A C   1 
ATOM   1274 O  O   . GLY A 1 162 ? -14.867 4.269   9.140   1.00 21.10  ? 162 GLY A O   1 
ATOM   1275 N  N   . PHE A 1 163 ? -16.011 4.791   11.013  1.00 21.12  ? 163 PHE A N   1 
ATOM   1276 C  CA  . PHE A 1 163 ? -15.203 3.953   11.875  1.00 23.77  ? 163 PHE A CA  1 
ATOM   1277 C  C   . PHE A 1 163 ? -15.494 2.486   11.687  1.00 25.29  ? 163 PHE A C   1 
ATOM   1278 O  O   . PHE A 1 163 ? -16.638 2.090   11.421  1.00 27.74  ? 163 PHE A O   1 
ATOM   1279 C  CB  . PHE A 1 163 ? -15.331 4.376   13.330  1.00 20.93  ? 163 PHE A CB  1 
ATOM   1280 C  CG  . PHE A 1 163 ? -14.715 5.713   13.606  1.00 22.57  ? 163 PHE A CG  1 
ATOM   1281 C  CD1 . PHE A 1 163 ? -15.461 6.894   13.470  1.00 21.90  ? 163 PHE A CD1 1 
ATOM   1282 C  CD2 . PHE A 1 163 ? -13.357 5.808   13.971  1.00 22.07  ? 163 PHE A CD2 1 
ATOM   1283 C  CE1 . PHE A 1 163 ? -14.889 8.135   13.719  1.00 22.76  ? 163 PHE A CE1 1 
ATOM   1284 C  CE2 . PHE A 1 163 ? -12.791 7.051   14.252  1.00 24.30  ? 163 PHE A CE2 1 
ATOM   1285 C  CZ  . PHE A 1 163 ? -13.537 8.229   14.096  1.00 22.89  ? 163 PHE A CZ  1 
ATOM   1286 N  N   . ASP A 1 164 ? -14.444 1.683   11.830  1.00 30.71  ? 164 ASP A N   1 
ATOM   1287 C  CA  . ASP A 1 164 ? -14.480 0.277   11.453  1.00 35.82  ? 164 ASP A CA  1 
ATOM   1288 C  C   . ASP A 1 164 ? -15.461 -0.530  12.320  1.00 34.47  ? 164 ASP A C   1 
ATOM   1289 O  O   . ASP A 1 164 ? -16.133 -1.446  11.838  1.00 33.95  ? 164 ASP A O   1 
ATOM   1290 C  CB  . ASP A 1 164 ? -13.037 -0.317  11.460  1.00 40.54  ? 164 ASP A CB  1 
ATOM   1291 C  CG  . ASP A 1 164 ? -13.039 -1.868  11.277  1.00 47.72  ? 164 ASP A CG  1 
ATOM   1292 O  OD1 . ASP A 1 164 ? -12.744 -2.557  12.258  1.00 48.74  ? 164 ASP A OD1 1 
ATOM   1293 O  OD2 . ASP A 1 164 ? -13.399 -2.416  10.195  1.00 46.56  ? 164 ASP A OD2 1 
ATOM   1294 N  N   . ASP A 1 165 ? -15.534 -0.185  13.604  1.00 36.23  ? 165 ASP A N   1 
ATOM   1295 C  CA  . ASP A 1 165 ? -16.375 -0.923  14.561  1.00 40.13  ? 165 ASP A CA  1 
ATOM   1296 C  C   . ASP A 1 165 ? -17.875 -0.491  14.595  1.00 39.86  ? 165 ASP A C   1 
ATOM   1297 O  O   . ASP A 1 165 ? -18.633 -1.016  15.340  1.00 40.88  ? 165 ASP A O   1 
ATOM   1298 C  CB  . ASP A 1 165 ? -15.745 -0.810  15.950  1.00 41.92  ? 165 ASP A CB  1 
ATOM   1299 C  CG  . ASP A 1 165 ? -15.777 0.604   16.480  1.00 48.19  ? 165 ASP A CG  1 
ATOM   1300 O  OD1 . ASP A 1 165 ? -15.870 1.562   15.683  1.00 48.62  ? 165 ASP A OD1 1 
ATOM   1301 O  OD2 . ASP A 1 165 ? -15.720 0.788   17.708  1.00 55.13  ? 165 ASP A OD2 1 
ATOM   1302 N  N   . VAL A 1 166 ? -18.281 0.455   13.759  1.00 40.18  ? 166 VAL A N   1 
ATOM   1303 C  CA  . VAL A 1 166 ? -19.593 1.042   13.780  1.00 38.05  ? 166 VAL A CA  1 
ATOM   1304 C  C   . VAL A 1 166 ? -20.236 0.812   12.389  1.00 42.14  ? 166 VAL A C   1 
ATOM   1305 O  O   . VAL A 1 166 ? -21.454 0.779   12.256  1.00 44.35  ? 166 VAL A O   1 
ATOM   1306 C  CB  . VAL A 1 166 ? -19.465 2.568   13.985  1.00 37.69  ? 166 VAL A CB  1 
ATOM   1307 C  CG1 . VAL A 1 166 ? -20.771 3.234   13.689  1.00 35.32  ? 166 VAL A CG1 1 
ATOM   1308 C  CG2 . VAL A 1 166 ? -18.967 2.937   15.380  1.00 37.72  ? 166 VAL A CG2 1 
ATOM   1309 N  N   . LEU A 1 167 ? -19.433 0.686   11.333  1.00 42.61  ? 167 LEU A N   1 
ATOM   1310 C  CA  . LEU A 1 167 ? -19.991 0.609   9.964   1.00 42.58  ? 167 LEU A CA  1 
ATOM   1311 C  C   . LEU A 1 167 ? -20.811 -0.677  9.726   1.00 44.73  ? 167 LEU A C   1 
ATOM   1312 O  O   . LEU A 1 167 ? -20.436 -1.753  10.198  1.00 40.45  ? 167 LEU A O   1 
ATOM   1313 C  CB  . LEU A 1 167 ? -18.893 0.708   8.905   1.00 39.00  ? 167 LEU A CB  1 
ATOM   1314 C  CG  . LEU A 1 167 ? -18.420 2.060   8.413   1.00 41.31  ? 167 LEU A CG  1 
ATOM   1315 C  CD1 . LEU A 1 167 ? -17.033 1.802   7.866   1.00 40.13  ? 167 LEU A CD1 1 
ATOM   1316 C  CD2 . LEU A 1 167 ? -19.323 2.655   7.332   1.00 35.60  ? 167 LEU A CD2 1 
ATOM   1317 N  N   . SER A 1 168 ? -21.937 -0.535  9.017   1.00 51.76  ? 168 SER A N   1 
ATOM   1318 C  CA  . SER A 1 168 ? -22.767 -1.676  8.546   1.00 55.74  ? 168 SER A CA  1 
ATOM   1319 C  C   . SER A 1 168 ? -23.265 -1.414  7.092   1.00 57.63  ? 168 SER A C   1 
ATOM   1320 O  O   . SER A 1 168 ? -24.384 -1.811  6.710   1.00 58.63  ? 168 SER A O   1 
ATOM   1321 C  CB  . SER A 1 168 ? -23.938 -1.974  9.525   1.00 49.53  ? 168 SER A CB  1 
ATOM   1322 O  OG  . SER A 1 168 ? -24.843 -0.884  9.507   1.00 46.56  ? 168 SER A OG  1 
ATOM   1323 N  N   . TYR A 1 169 ? -22.444 -0.708  6.298   1.00 61.46  ? 169 TYR A N   1 
ATOM   1324 C  CA  . TYR A 1 169 ? -22.687 -0.620  4.859   1.00 59.37  ? 169 TYR A CA  1 
ATOM   1325 C  C   . TYR A 1 169 ? -22.376 -1.984  4.258   1.00 61.30  ? 169 TYR A C   1 
ATOM   1326 O  O   . TYR A 1 169 ? -21.353 -2.585  4.562   1.00 62.12  ? 169 TYR A O   1 
ATOM   1327 C  CB  . TYR A 1 169 ? -21.858 0.464   4.178   1.00 54.07  ? 169 TYR A CB  1 
ATOM   1328 C  CG  . TYR A 1 169 ? -22.266 0.692   2.712   1.00 58.11  ? 169 TYR A CG  1 
ATOM   1329 C  CD1 . TYR A 1 169 ? -23.363 1.540   2.382   1.00 54.15  ? 169 TYR A CD1 1 
ATOM   1330 C  CD2 . TYR A 1 169 ? -21.567 0.047   1.649   1.00 51.90  ? 169 TYR A CD2 1 
ATOM   1331 C  CE1 . TYR A 1 169 ? -23.733 1.751   1.045   1.00 56.41  ? 169 TYR A CE1 1 
ATOM   1332 C  CE2 . TYR A 1 169 ? -21.924 0.248   0.311   1.00 52.39  ? 169 TYR A CE2 1 
ATOM   1333 C  CZ  . TYR A 1 169 ? -23.002 1.097   0.011   1.00 55.79  ? 169 TYR A CZ  1 
ATOM   1334 O  OH  . TYR A 1 169 ? -23.361 1.282   -1.305  1.00 51.61  ? 169 TYR A OH  1 
ATOM   1335 N  N   . ASP A 1 170 ? -23.285 -2.482  3.429   1.00 66.21  ? 170 ASP A N   1 
ATOM   1336 C  CA  . ASP A 1 170 ? -23.126 -3.781  2.818   1.00 63.05  ? 170 ASP A CA  1 
ATOM   1337 C  C   . ASP A 1 170 ? -22.707 -3.675  1.354   1.00 60.67  ? 170 ASP A C   1 
ATOM   1338 O  O   . ASP A 1 170 ? -23.548 -3.411  0.474   1.00 57.76  ? 170 ASP A O   1 
ATOM   1339 C  CB  . ASP A 1 170 ? -24.425 -4.548  2.928   1.00 66.53  ? 170 ASP A CB  1 
ATOM   1340 C  CG  . ASP A 1 170 ? -24.186 -5.996  3.044   1.00 77.53  ? 170 ASP A CG  1 
ATOM   1341 O  OD1 . ASP A 1 170 ? -24.288 -6.703  2.004   1.00 82.44  ? 170 ASP A OD1 1 
ATOM   1342 O  OD2 . ASP A 1 170 ? -23.845 -6.402  4.177   1.00 74.52  ? 170 ASP A OD2 1 
ATOM   1343 N  N   . LEU A 1 171 ? -21.419 -3.885  1.088   1.00 56.66  ? 171 LEU A N   1 
ATOM   1344 C  CA  . LEU A 1 171 ? -20.897 -3.698  -0.275  1.00 62.81  ? 171 LEU A CA  1 
ATOM   1345 C  C   . LEU A 1 171 ? -21.490 -4.678  -1.329  1.00 58.39  ? 171 LEU A C   1 
ATOM   1346 O  O   . LEU A 1 171 ? -21.518 -5.890  -1.123  1.00 59.48  ? 171 LEU A O   1 
ATOM   1347 C  CB  . LEU A 1 171 ? -19.361 -3.731  -0.268  1.00 57.35  ? 171 LEU A CB  1 
ATOM   1348 C  CG  . LEU A 1 171 ? -18.619 -3.124  -1.455  1.00 48.95  ? 171 LEU A CG  1 
ATOM   1349 C  CD1 . LEU A 1 171 ? -17.529 -4.110  -1.839  1.00 52.21  ? 171 LEU A CD1 1 
ATOM   1350 C  CD2 . LEU A 1 171 ? -19.537 -2.866  -2.637  1.00 45.88  ? 171 LEU A CD2 1 
HETATM 1351 CD CD  . CD  B 2 .   ? -2.133  3.300   3.466   1.00 56.17  ? 201 CD  A CD  1 
HETATM 1352 C  C   . ACT C 3 .   ? -4.616  13.704  -0.940  1.00 25.94  ? 202 ACT A C   1 
HETATM 1353 O  O   . ACT C 3 .   ? -5.053  12.528  -0.953  1.00 25.54  ? 202 ACT A O   1 
HETATM 1354 O  OXT . ACT C 3 .   ? -4.817  14.487  -1.884  1.00 28.85  ? 202 ACT A OXT 1 
HETATM 1355 C  CH3 . ACT C 3 .   ? -3.840  14.233  0.208   1.00 25.46  ? 202 ACT A CH3 1 
HETATM 1356 CD CD  . CD  D 2 .   ? 3.834   -10.003 -17.238 1.00 29.09  ? 203 CD  A CD  1 
HETATM 1357 CD CD  . CD  E 2 .   ? -8.208  -13.632 -13.499 1.00 100.44 ? 204 CD  A CD  1 
HETATM 1358 C  C1  . 56U F 4 .   ? -6.296  -1.782  2.032   1.00 47.01  ? 205 56U A C1  1 
HETATM 1359 C  C2  . 56U F 4 .   ? -5.657  -1.517  3.259   1.00 56.98  ? 205 56U A C2  1 
HETATM 1360 C  C3  . 56U F 4 .   ? -4.193  -1.139  3.327   1.00 60.77  ? 205 56U A C3  1 
HETATM 1361 C  C4  . 56U F 4 .   ? -3.467  -1.043  2.133   1.00 50.52  ? 205 56U A C4  1 
HETATM 1362 C  C5  . 56U F 4 .   ? -4.168  -1.307  0.944   1.00 47.61  ? 205 56U A C5  1 
HETATM 1363 F  F12 . 56U F 4 .   ? -4.641  -2.297  7.368   1.00 66.22  ? 205 56U A F12 1 
HETATM 1364 C  C10 . 56U F 4 .   ? -5.144  -1.125  6.863   1.00 61.29  ? 205 56U A C10 1 
HETATM 1365 F  F11 . 56U F 4 .   ? -6.450  -1.020  7.274   1.00 66.78  ? 205 56U A F11 1 
HETATM 1366 C  C8  . 56U F 4 .   ? -5.031  -1.191  5.382   1.00 59.27  ? 205 56U A C8  1 
HETATM 1367 N  N7  . 56U F 4 .   ? -6.068  -1.524  4.560   1.00 59.77  ? 205 56U A N7  1 
HETATM 1368 N  N9  . 56U F 4 .   ? -3.903  -0.970  4.643   1.00 57.77  ? 205 56U A N9  1 
HETATM 1369 C  C6  . 56U F 4 .   ? -5.536  -1.658  0.877   1.00 42.95  ? 205 56U A C6  1 
HETATM 1370 NA NA  . NA  G 5 .   ? 1.283   16.646  -2.729  1.00 45.41  ? 206 NA  A NA  1 
HETATM 1371 O  O   . HOH H 6 .   ? -16.301 -7.360  -14.848 1.00 16.47  ? 301 HOH A O   1 
HETATM 1372 O  O   . HOH H 6 .   ? -2.338  -2.045  5.545   1.00 31.36  ? 302 HOH A O   1 
HETATM 1373 O  O   . HOH H 6 .   ? -4.597  16.671  -1.914  1.00 28.71  ? 303 HOH A O   1 
HETATM 1374 O  O   . HOH H 6 .   ? -0.624  1.846   3.114   1.00 4.82   ? 304 HOH A O   1 
HETATM 1375 O  O   . HOH H 6 .   ? 21.133  -7.603  -2.545  1.00 35.02  ? 305 HOH A O   1 
HETATM 1376 O  O   . HOH H 6 .   ? 5.039   10.659  -0.355  1.00 36.09  ? 306 HOH A O   1 
HETATM 1377 O  O   . HOH H 6 .   ? 1.386   9.214   1.459   1.00 27.67  ? 307 HOH A O   1 
HETATM 1378 O  O   . HOH H 6 .   ? 10.011  14.465  -1.981  1.00 19.07  ? 308 HOH A O   1 
HETATM 1379 O  O   . HOH H 6 .   ? -8.525  -4.067  -7.561  1.00 21.90  ? 309 HOH A O   1 
HETATM 1380 O  O   . HOH H 6 .   ? 6.697   9.075   -6.594  1.00 25.54  ? 310 HOH A O   1 
HETATM 1381 O  O   . HOH H 6 .   ? 17.299  7.666   -3.826  1.00 32.95  ? 311 HOH A O   1 
HETATM 1382 O  O   . HOH H 6 .   ? -8.294  3.869   7.605   1.00 19.99  ? 312 HOH A O   1 
HETATM 1383 O  O   . HOH H 6 .   ? 14.258  -5.532  10.494  1.00 35.25  ? 313 HOH A O   1 
HETATM 1384 O  O   . HOH H 6 .   ? 7.530   10.797  0.921   1.00 25.43  ? 314 HOH A O   1 
HETATM 1385 O  O   . HOH H 6 .   ? 21.570  -4.760  5.835   1.00 34.21  ? 315 HOH A O   1 
HETATM 1386 O  O   . HOH H 6 .   ? 5.547   -8.179  7.064   1.00 16.62  ? 316 HOH A O   1 
HETATM 1387 O  O   . HOH H 6 .   ? -1.107  13.898  5.752   1.00 15.99  ? 317 HOH A O   1 
HETATM 1388 O  O   . HOH H 6 .   ? -12.060 -6.041  -17.488 1.00 33.98  ? 318 HOH A O   1 
HETATM 1389 O  O   . HOH H 6 .   ? -7.094  -12.799 5.141   1.00 52.93  ? 319 HOH A O   1 
HETATM 1390 O  O   . HOH H 6 .   ? 8.949   6.659   11.430  1.00 24.46  ? 320 HOH A O   1 
HETATM 1391 O  O   . HOH H 6 .   ? -8.702  7.253   14.815  1.00 34.17  ? 321 HOH A O   1 
HETATM 1392 O  O   . HOH H 6 .   ? 18.788  1.362   6.178   1.00 29.70  ? 322 HOH A O   1 
HETATM 1393 O  O   . HOH H 6 .   ? 0.777   -6.532  17.100  1.00 18.82  ? 323 HOH A O   1 
HETATM 1394 O  O   . HOH H 6 .   ? 13.627  10.334  -8.193  1.00 34.00  ? 324 HOH A O   1 
HETATM 1395 O  O   . HOH H 6 .   ? -10.201 -12.331 -13.432 1.00 34.76  ? 325 HOH A O   1 
HETATM 1396 O  O   . HOH H 6 .   ? -18.851 -2.595  12.160  1.00 33.85  ? 326 HOH A O   1 
HETATM 1397 O  O   . HOH H 6 .   ? -2.279  -12.529 -6.475  1.00 34.90  ? 327 HOH A O   1 
HETATM 1398 O  O   . HOH H 6 .   ? -13.965 -9.096  -11.609 1.00 38.59  ? 328 HOH A O   1 
HETATM 1399 O  O   . HOH H 6 .   ? -0.367  -20.836 6.837   1.00 44.68  ? 329 HOH A O   1 
HETATM 1400 O  O   . HOH H 6 .   ? -24.716 1.465   10.796  1.00 37.49  ? 330 HOH A O   1 
HETATM 1401 O  O   . HOH H 6 .   ? 14.913  10.340  -0.108  1.00 33.56  ? 331 HOH A O   1 
HETATM 1402 O  O   . HOH H 6 .   ? 7.878   10.641  3.667   1.00 38.29  ? 332 HOH A O   1 
HETATM 1403 O  O   . HOH H 6 .   ? -19.784 -2.166  6.728   1.00 27.40  ? 333 HOH A O   1 
HETATM 1404 O  O   . HOH H 6 .   ? 15.449  2.055   -10.726 1.00 30.92  ? 334 HOH A O   1 
HETATM 1405 O  O   . HOH H 6 .   ? -16.570 5.400   -2.776  1.00 20.78  ? 335 HOH A O   1 
HETATM 1406 O  O   . HOH H 6 .   ? 3.224   -1.615  -18.197 1.00 35.26  ? 336 HOH A O   1 
HETATM 1407 O  O   . HOH H 6 .   ? 24.507  -6.549  -3.313  1.00 30.60  ? 337 HOH A O   1 
HETATM 1408 O  O   . HOH H 6 .   ? -20.763 6.853   7.264   1.00 20.50  ? 338 HOH A O   1 
HETATM 1409 O  O   . HOH H 6 .   ? 7.010   4.838   -7.833  1.00 31.39  ? 339 HOH A O   1 
HETATM 1410 O  O   . HOH H 6 .   ? -14.452 -8.344  -14.660 1.00 24.72  ? 340 HOH A O   1 
HETATM 1411 O  O   . HOH H 6 .   ? -11.124 -4.946  0.295   1.00 29.29  ? 341 HOH A O   1 
HETATM 1412 O  O   . HOH H 6 .   ? -21.271 10.744  -1.155  1.00 19.79  ? 342 HOH A O   1 
HETATM 1413 O  O   . HOH H 6 .   ? 18.082  -2.968  -11.201 1.00 37.30  ? 343 HOH A O   1 
HETATM 1414 O  O   . HOH H 6 .   ? -9.273  -2.876  -14.687 1.00 26.12  ? 344 HOH A O   1 
HETATM 1415 O  O   . HOH H 6 .   ? -13.072 12.193  -2.239  1.00 16.98  ? 345 HOH A O   1 
HETATM 1416 O  O   . HOH H 6 .   ? 7.596   1.319   -5.188  1.00 24.80  ? 346 HOH A O   1 
HETATM 1417 O  O   . HOH H 6 .   ? 4.807   1.368   14.464  1.00 27.84  ? 347 HOH A O   1 
HETATM 1418 O  O   . HOH H 6 .   ? 6.677   -7.320  13.758  1.00 33.51  ? 348 HOH A O   1 
HETATM 1419 O  O   . HOH H 6 .   ? -0.858  15.904  -1.728  1.00 21.87  ? 349 HOH A O   1 
HETATM 1420 O  O   . HOH H 6 .   ? -5.195  5.912   -1.768  1.00 19.58  ? 350 HOH A O   1 
HETATM 1421 O  O   . HOH H 6 .   ? -10.831 -4.591  -6.554  1.00 27.17  ? 351 HOH A O   1 
HETATM 1422 O  O   . HOH H 6 .   ? -15.978 -4.573  -11.658 1.00 37.37  ? 352 HOH A O   1 
HETATM 1423 O  O   . HOH H 6 .   ? 1.109   15.239  -4.498  1.00 29.20  ? 353 HOH A O   1 
HETATM 1424 O  O   . HOH H 6 .   ? -2.682  5.896   -0.224  1.00 19.65  ? 354 HOH A O   1 
HETATM 1425 O  O   . HOH H 6 .   ? 13.540  10.033  4.107   1.00 30.42  ? 355 HOH A O   1 
HETATM 1426 O  O   . HOH H 6 .   ? 5.602   7.428   -9.383  1.00 43.58  ? 356 HOH A O   1 
HETATM 1427 O  O   . HOH H 6 .   ? 13.723  13.638  0.765   1.00 36.17  ? 357 HOH A O   1 
HETATM 1428 O  O   . HOH H 6 .   ? 10.456  -8.374  -3.743  1.00 28.62  ? 358 HOH A O   1 
HETATM 1429 O  O   . HOH H 6 .   ? 2.656   4.630   -12.473 1.00 31.88  ? 359 HOH A O   1 
HETATM 1430 O  O   . HOH H 6 .   ? 4.407   -4.907  -21.686 1.00 31.76  ? 360 HOH A O   1 
HETATM 1431 O  O   . HOH H 6 .   ? 7.760   -11.774 -3.952  1.00 24.68  ? 361 HOH A O   1 
HETATM 1432 O  O   . HOH H 6 .   ? -25.214 4.549   0.571   1.00 42.55  ? 362 HOH A O   1 
HETATM 1433 O  O   . HOH H 6 .   ? 17.513  5.124   -2.581  1.00 31.84  ? 363 HOH A O   1 
HETATM 1434 O  O   . HOH H 6 .   ? 10.300  8.528   -10.630 1.00 40.02  ? 364 HOH A O   1 
HETATM 1435 O  O   . HOH H 6 .   ? 11.523  13.332  8.233   1.00 29.74  ? 365 HOH A O   1 
HETATM 1436 O  O   . HOH H 6 .   ? -5.655  -5.743  13.942  1.00 37.76  ? 366 HOH A O   1 
HETATM 1437 O  O   . HOH H 6 .   ? -10.271 14.427  -4.617  1.00 27.78  ? 367 HOH A O   1 
HETATM 1438 O  O   . HOH H 6 .   ? 6.638   16.706  -3.846  1.00 32.75  ? 368 HOH A O   1 
HETATM 1439 O  O   . HOH H 6 .   ? 4.685   18.056  2.029   1.00 41.30  ? 369 HOH A O   1 
HETATM 1440 O  O   . HOH H 6 .   ? -2.999  4.350   -7.728  1.00 24.49  ? 370 HOH A O   1 
HETATM 1441 O  O   . HOH H 6 .   ? 17.742  3.115   1.866   1.00 34.96  ? 371 HOH A O   1 
HETATM 1442 O  O   . HOH H 6 .   ? 1.084   -8.327  8.408   1.00 28.23  ? 372 HOH A O   1 
HETATM 1443 O  O   . HOH H 6 .   ? 9.788   5.297   -11.260 1.00 27.91  ? 373 HOH A O   1 
HETATM 1444 O  O   . HOH H 6 .   ? 3.428   3.351   14.843  1.00 23.14  ? 374 HOH A O   1 
HETATM 1445 O  O   . HOH H 6 .   ? -14.086 -5.859  -3.575  1.00 35.11  ? 375 HOH A O   1 
HETATM 1446 O  O   . HOH H 6 .   ? -7.087  11.821  1.303   1.00 24.92  ? 376 HOH A O   1 
HETATM 1447 O  O   . HOH H 6 .   ? -19.320 -2.826  17.635  1.00 42.70  ? 377 HOH A O   1 
HETATM 1448 O  O   . HOH H 6 .   ? -16.033 -0.361  -14.900 1.00 35.36  ? 378 HOH A O   1 
HETATM 1449 O  O   . HOH H 6 .   ? -4.405  5.916   1.962   1.00 19.09  ? 379 HOH A O   1 
HETATM 1450 O  O   . HOH H 6 .   ? -12.912 1.722   15.033  1.00 30.99  ? 380 HOH A O   1 
HETATM 1451 O  O   . HOH H 6 .   ? -1.196  1.074   5.621   1.00 32.31  ? 381 HOH A O   1 
HETATM 1452 O  O   . HOH H 6 .   ? -14.206 -5.156  -0.568  1.00 38.00  ? 382 HOH A O   1 
HETATM 1453 O  O   . HOH H 6 .   ? -10.099 5.021   -16.854 1.00 33.27  ? 383 HOH A O   1 
HETATM 1454 O  O   . HOH H 6 .   ? -17.965 -2.581  -7.941  1.00 31.56  ? 384 HOH A O   1 
HETATM 1455 O  O   . HOH H 6 .   ? -28.062 7.835   3.150   1.00 27.98  ? 385 HOH A O   1 
HETATM 1456 O  O   . HOH H 6 .   ? -3.649  -11.043 -8.739  1.00 30.25  ? 386 HOH A O   1 
HETATM 1457 O  O   . HOH H 6 .   ? -5.949  3.986   -8.344  1.00 27.40  ? 387 HOH A O   1 
HETATM 1458 O  O   . HOH H 6 .   ? -6.264  -10.720 -5.173  1.00 35.08  ? 388 HOH A O   1 
HETATM 1459 O  O   . HOH H 6 .   ? 2.316   -11.851 -13.280 1.00 22.34  ? 389 HOH A O   1 
HETATM 1460 O  O   . HOH H 6 .   ? -8.225  11.860  -9.315  1.00 48.69  ? 390 HOH A O   1 
HETATM 1461 O  O   . HOH H 6 .   ? 12.646  -10.070 -8.612  1.00 31.35  ? 391 HOH A O   1 
HETATM 1462 O  O   . HOH H 6 .   ? 10.386  13.854  -6.522  1.00 39.06  ? 392 HOH A O   1 
HETATM 1463 O  O   . HOH H 6 .   ? 2.144   11.312  13.345  1.00 30.39  ? 393 HOH A O   1 
HETATM 1464 O  O   . HOH H 6 .   ? 4.116   -11.392 -15.251 1.00 22.86  ? 394 HOH A O   1 
HETATM 1465 O  O   . HOH H 6 .   ? 3.716   17.819  -2.862  1.00 28.84  ? 395 HOH A O   1 
HETATM 1466 O  O   . HOH H 6 .   ? 15.441  -8.912  -2.878  1.00 35.38  ? 396 HOH A O   1 
HETATM 1467 O  O   . HOH H 6 .   ? 20.365  -7.919  -9.566  1.00 31.52  ? 397 HOH A O   1 
HETATM 1468 O  O   . HOH H 6 .   ? -6.377  -14.014 10.043  1.00 45.24  ? 398 HOH A O   1 
HETATM 1469 O  O   . HOH H 6 .   ? 3.446   -1.083  -15.573 1.00 33.77  ? 399 HOH A O   1 
HETATM 1470 O  O   . HOH H 6 .   ? -23.450 2.908   5.933   1.00 40.24  ? 400 HOH A O   1 
HETATM 1471 O  O   . HOH H 6 .   ? -17.281 -6.670  -5.959  1.00 40.85  ? 401 HOH A O   1 
HETATM 1472 O  O   . HOH H 6 .   ? -9.168  -10.887 -4.683  1.00 34.33  ? 402 HOH A O   1 
HETATM 1473 O  O   . HOH H 6 .   ? 21.357  5.826   -2.384  1.00 29.68  ? 403 HOH A O   1 
HETATM 1474 O  O   . HOH H 6 .   ? 16.827  -5.229  13.028  1.00 34.45  ? 404 HOH A O   1 
HETATM 1475 O  O   . HOH H 6 .   ? -0.139  5.693   -12.759 1.00 34.06  ? 405 HOH A O   1 
HETATM 1476 O  O   . HOH H 6 .   ? -16.340 -4.793  12.405  1.00 38.05  ? 406 HOH A O   1 
HETATM 1477 O  O   . HOH H 6 .   ? -27.669 9.632   0.907   1.00 45.62  ? 407 HOH A O   1 
HETATM 1478 O  O   . HOH H 6 .   ? -2.814  4.332   -13.415 1.00 39.77  ? 408 HOH A O   1 
HETATM 1479 O  O   . HOH H 6 .   ? -1.653  15.915  -4.053  1.00 34.45  ? 409 HOH A O   1 
HETATM 1480 O  O   . HOH H 6 .   ? -19.960 -2.918  -5.788  1.00 42.08  ? 410 HOH A O   1 
HETATM 1481 O  O   . HOH H 6 .   ? -22.045 0.110   -8.264  1.00 40.66  ? 411 HOH A O   1 
HETATM 1482 O  O   . HOH H 6 .   ? 1.904   16.651  -6.839  1.00 33.09  ? 412 HOH A O   1 
# 
loop_
_pdbx_poly_seq_scheme.asym_id 
_pdbx_poly_seq_scheme.entity_id 
_pdbx_poly_seq_scheme.seq_id 
_pdbx_poly_seq_scheme.mon_id 
_pdbx_poly_seq_scheme.ndb_seq_num 
_pdbx_poly_seq_scheme.pdb_seq_num 
_pdbx_poly_seq_scheme.auth_seq_num 
_pdbx_poly_seq_scheme.pdb_mon_id 
_pdbx_poly_seq_scheme.auth_mon_id 
_pdbx_poly_seq_scheme.pdb_strand_id 
_pdbx_poly_seq_scheme.pdb_ins_code 
_pdbx_poly_seq_scheme.hetero 
A 1 1   MET 1   1   1   MET MET A . n 
A 1 2   ILE 2   2   2   ILE ILE A . n 
A 1 3   ARG 3   3   3   ARG ARG A . n 
A 1 4   ASP 4   4   4   ASP ASP A . n 
A 1 5   ILE 5   5   5   ILE ILE A . n 
A 1 6   ILE 6   6   6   ILE ILE A . n 
A 1 7   ARG 7   7   7   ARG ARG A . n 
A 1 8   MET 8   8   8   MET MET A . n 
A 1 9   GLY 9   9   9   GLY GLY A . n 
A 1 10  ASP 10  10  10  ASP ASP A . n 
A 1 11  LYS 11  11  11  LYS LYS A . n 
A 1 12  ARG 12  12  12  ARG ARG A . n 
A 1 13  LEU 13  13  13  LEU LEU A . n 
A 1 14  LEU 14  14  14  LEU LEU A . n 
A 1 15  ARG 15  15  15  ARG ARG A . n 
A 1 16  VAL 16  16  16  VAL VAL A . n 
A 1 17  ALA 17  17  17  ALA ALA A . n 
A 1 18  PRO 18  18  18  PRO PRO A . n 
A 1 19  GLN 19  19  19  GLN GLN A . n 
A 1 20  VAL 20  20  20  VAL VAL A . n 
A 1 21  THR 21  21  21  THR THR A . n 
A 1 22  ASN 22  22  22  ASN ASN A . n 
A 1 23  LEU 23  23  23  LEU LEU A . n 
A 1 24  GLY 24  24  24  GLY GLY A . n 
A 1 25  SER 25  25  25  SER SER A . n 
A 1 26  ALA 26  26  26  ALA ALA A . n 
A 1 27  GLU 27  27  27  GLU GLU A . n 
A 1 28  LEU 28  28  28  LEU LEU A . n 
A 1 29  HIS 29  29  29  HIS HIS A . n 
A 1 30  ALA 30  30  30  ALA ALA A . n 
A 1 31  LEU 31  31  31  LEU LEU A . n 
A 1 32  VAL 32  32  32  VAL VAL A . n 
A 1 33  SER 33  33  33  SER SER A . n 
A 1 34  ASP 34  34  34  ASP ASP A . n 
A 1 35  MET 35  35  35  MET MET A . n 
A 1 36  PHE 36  36  36  PHE PHE A . n 
A 1 37  GLU 37  37  37  GLU GLU A . n 
A 1 38  THR 38  38  38  THR THR A . n 
A 1 39  MET 39  39  39  MET MET A . n 
A 1 40  GLY 40  40  40  GLY GLY A . n 
A 1 41  ALA 41  41  41  ALA ALA A . n 
A 1 42  ALA 42  42  42  ALA ALA A . n 
A 1 43  HIS 43  43  43  HIS HIS A . n 
A 1 44  GLY 44  44  44  GLY GLY A . n 
A 1 45  VAL 45  45  45  VAL VAL A . n 
A 1 46  GLY 46  46  46  GLY GLY A . n 
A 1 47  LEU 47  47  47  LEU LEU A . n 
A 1 48  ALA 48  48  48  ALA ALA A . n 
A 1 49  ALA 49  49  49  ALA ALA A . n 
A 1 50  PRO 50  50  50  PRO PRO A . n 
A 1 51  GLN 51  51  51  GLN GLN A . n 
A 1 52  ILE 52  52  52  ILE ILE A . n 
A 1 53  ALA 53  53  53  ALA ALA A . n 
A 1 54  VAL 54  54  54  VAL VAL A . n 
A 1 55  ASP 55  55  55  ASP ASP A . n 
A 1 56  LEU 56  56  56  LEU LEU A . n 
A 1 57  GLN 57  57  57  GLN GLN A . n 
A 1 58  LEU 58  58  58  LEU LEU A . n 
A 1 59  MET 59  59  59  MET MET A . n 
A 1 60  VAL 60  60  60  VAL VAL A . n 
A 1 61  PHE 61  61  61  PHE PHE A . n 
A 1 62  GLY 62  62  62  GLY GLY A . n 
A 1 63  PHE 63  63  63  PHE PHE A . n 
A 1 64  GLU 64  64  64  GLU GLU A . n 
A 1 65  ALA 65  65  65  ALA ALA A . n 
A 1 66  SER 66  66  66  SER SER A . n 
A 1 67  GLU 67  67  67  GLU GLU A . n 
A 1 68  ARG 68  68  68  ARG ARG A . n 
A 1 69  TYR 69  69  69  TYR TYR A . n 
A 1 70  PRO 70  70  70  PRO PRO A . n 
A 1 71  GLU 71  71  71  GLU GLU A . n 
A 1 72  ALA 72  72  72  ALA ALA A . n 
A 1 73  PRO 73  73  73  PRO PRO A . n 
A 1 74  ALA 74  74  74  ALA ALA A . n 
A 1 75  VAL 75  75  75  VAL VAL A . n 
A 1 76  PRO 76  76  76  PRO PRO A . n 
A 1 77  LEU 77  77  77  LEU LEU A . n 
A 1 78  THR 78  78  78  THR THR A . n 
A 1 79  ALA 79  79  79  ALA ALA A . n 
A 1 80  LEU 80  80  80  LEU LEU A . n 
A 1 81  ALA 81  81  81  ALA ALA A . n 
A 1 82  ASN 82  82  82  ASN ASN A . n 
A 1 83  ALA 83  83  83  ALA ALA A . n 
A 1 84  GLN 84  84  84  GLN GLN A . n 
A 1 85  ILE 85  85  85  ILE ILE A . n 
A 1 86  GLU 86  86  86  GLU GLU A . n 
A 1 87  PRO 87  87  87  PRO PRO A . n 
A 1 88  LEU 88  88  88  LEU LEU A . n 
A 1 89  SER 89  89  89  SER SER A . n 
A 1 90  ASP 90  90  90  ASP ASP A . n 
A 1 91  GLU 91  91  91  GLU GLU A . n 
A 1 92  MET 92  92  92  MET MET A . n 
A 1 93  GLU 93  93  93  GLU GLU A . n 
A 1 94  ASN 94  94  94  ASN ASN A . n 
A 1 95  GLY 95  95  95  GLY GLY A . n 
A 1 96  TRP 96  96  96  TRP TRP A . n 
A 1 97  GLU 97  97  97  GLU GLU A . n 
A 1 98  GLY 98  98  98  GLY GLY A . n 
A 1 99  CYS 99  99  99  CYS CYS A . n 
A 1 100 LEU 100 100 100 LEU LEU A . n 
A 1 101 SER 101 101 101 SER SER A . n 
A 1 102 ILE 102 102 102 ILE ILE A . n 
A 1 103 PRO 103 103 103 PRO PRO A . n 
A 1 104 GLY 104 104 104 GLY GLY A . n 
A 1 105 LEU 105 105 105 LEU LEU A . n 
A 1 106 ARG 106 106 106 ARG ARG A . n 
A 1 107 ALA 107 107 107 ALA ALA A . n 
A 1 108 VAL 108 108 108 VAL VAL A . n 
A 1 109 ILE 109 109 109 ILE ILE A . n 
A 1 110 PRO 110 110 110 PRO PRO A . n 
A 1 111 ARG 111 111 111 ARG ARG A . n 
A 1 112 TYR 112 112 112 TYR TYR A . n 
A 1 113 ARG 113 113 113 ARG ARG A . n 
A 1 114 TYR 114 114 114 TYR TYR A . n 
A 1 115 ILE 115 115 115 ILE ILE A . n 
A 1 116 ARG 116 116 116 ARG ARG A . n 
A 1 117 TYR 117 117 117 TYR TYR A . n 
A 1 118 ARG 118 118 118 ARG ARG A . n 
A 1 119 GLY 119 119 119 GLY GLY A . n 
A 1 120 PHE 120 120 120 PHE PHE A . n 
A 1 121 ALA 121 121 121 ALA ALA A . n 
A 1 122 PRO 122 122 122 PRO PRO A . n 
A 1 123 ASP 123 123 123 ASP ASP A . n 
A 1 124 GLY 124 124 124 GLY GLY A . n 
A 1 125 SER 125 125 125 SER SER A . n 
A 1 126 PRO 126 126 126 PRO PRO A . n 
A 1 127 ILE 127 127 127 ILE ILE A . n 
A 1 128 GLU 128 128 128 GLU GLU A . n 
A 1 129 ARG 129 129 129 ARG ARG A . n 
A 1 130 GLU 130 130 130 GLU GLU A . n 
A 1 131 ALA 131 131 131 ALA ALA A . n 
A 1 132 GLU 132 132 132 GLU GLU A . n 
A 1 133 GLY 133 133 133 GLY GLY A . n 
A 1 134 PHE 134 134 134 PHE PHE A . n 
A 1 135 HIS 135 135 135 HIS HIS A . n 
A 1 136 ALA 136 136 136 ALA ALA A . n 
A 1 137 ARG 137 137 137 ARG ARG A . n 
A 1 138 VAL 138 138 138 VAL VAL A . n 
A 1 139 VAL 139 139 139 VAL VAL A . n 
A 1 140 GLN 140 140 140 GLN GLN A . n 
A 1 141 HIS 141 141 141 HIS HIS A . n 
A 1 142 GLU 142 142 142 GLU GLU A . n 
A 1 143 TYR 143 143 143 TYR TYR A . n 
A 1 144 ASP 144 144 144 ASP ASP A . n 
A 1 145 HIS 145 145 145 HIS HIS A . n 
A 1 146 LEU 146 146 146 LEU LEU A . n 
A 1 147 VAL 147 147 147 VAL VAL A . n 
A 1 148 GLY 148 148 148 GLY GLY A . n 
A 1 149 ARG 149 149 149 ARG ARG A . n 
A 1 150 LEU 150 150 150 LEU LEU A . n 
A 1 151 TYR 151 151 151 TYR TYR A . n 
A 1 152 PRO 152 152 152 PRO PRO A . n 
A 1 153 SER 153 153 153 SER SER A . n 
A 1 154 ARG 154 154 154 ARG ARG A . n 
A 1 155 ILE 155 155 155 ILE ILE A . n 
A 1 156 GLU 156 156 156 GLU GLU A . n 
A 1 157 ASN 157 157 157 ASN ASN A . n 
A 1 158 PHE 158 158 158 PHE PHE A . n 
A 1 159 ASP 159 159 159 ASP ASP A . n 
A 1 160 THR 160 160 160 THR THR A . n 
A 1 161 PHE 161 161 161 PHE PHE A . n 
A 1 162 GLY 162 162 162 GLY GLY A . n 
A 1 163 PHE 163 163 163 PHE PHE A . n 
A 1 164 ASP 164 164 164 ASP ASP A . n 
A 1 165 ASP 165 165 165 ASP ASP A . n 
A 1 166 VAL 166 166 166 VAL VAL A . n 
A 1 167 LEU 167 167 167 LEU LEU A . n 
A 1 168 SER 168 168 168 SER SER A . n 
A 1 169 TYR 169 169 169 TYR TYR A . n 
A 1 170 ASP 170 170 170 ASP ASP A . n 
A 1 171 LEU 171 171 171 LEU LEU A . n 
# 
loop_
_pdbx_nonpoly_scheme.asym_id 
_pdbx_nonpoly_scheme.entity_id 
_pdbx_nonpoly_scheme.mon_id 
_pdbx_nonpoly_scheme.ndb_seq_num 
_pdbx_nonpoly_scheme.pdb_seq_num 
_pdbx_nonpoly_scheme.auth_seq_num 
_pdbx_nonpoly_scheme.pdb_mon_id 
_pdbx_nonpoly_scheme.auth_mon_id 
_pdbx_nonpoly_scheme.pdb_strand_id 
_pdbx_nonpoly_scheme.pdb_ins_code 
B 2 CD  1   201 1   CD  CD  A . 
C 3 ACT 1   202 1   ACT ACT A . 
D 2 CD  1   203 1   CD  CD  A . 
E 2 CD  1   204 1   CD  CD  A . 
F 4 56U 1   205 1   56U 275 A . 
G 5 NA  1   206 1   NA  NA  A . 
H 6 HOH 1   301 58  HOH HOH A . 
H 6 HOH 2   302 7   HOH HOH A . 
H 6 HOH 3   303 41  HOH HOH A . 
H 6 HOH 4   304 10  HOH HOH A . 
H 6 HOH 5   305 33  HOH HOH A . 
H 6 HOH 6   306 1   HOH HOH A . 
H 6 HOH 7   307 43  HOH HOH A . 
H 6 HOH 8   308 27  HOH HOH A . 
H 6 HOH 9   309 3   HOH HOH A . 
H 6 HOH 10  310 13  HOH HOH A . 
H 6 HOH 11  311 39  HOH HOH A . 
H 6 HOH 12  312 38  HOH HOH A . 
H 6 HOH 13  313 96  HOH HOH A . 
H 6 HOH 14  314 1   HOH HOH A . 
H 6 HOH 15  315 44  HOH HOH A . 
H 6 HOH 16  316 29  HOH HOH A . 
H 6 HOH 17  317 7   HOH HOH A . 
H 6 HOH 18  318 72  HOH HOH A . 
H 6 HOH 19  319 76  HOH HOH A . 
H 6 HOH 20  320 14  HOH HOH A . 
H 6 HOH 21  321 53  HOH HOH A . 
H 6 HOH 22  322 68  HOH HOH A . 
H 6 HOH 23  323 82  HOH HOH A . 
H 6 HOH 24  324 55  HOH HOH A . 
H 6 HOH 25  325 46  HOH HOH A . 
H 6 HOH 26  326 87  HOH HOH A . 
H 6 HOH 27  327 60  HOH HOH A . 
H 6 HOH 28  328 78  HOH HOH A . 
H 6 HOH 29  329 93  HOH HOH A . 
H 6 HOH 30  330 67  HOH HOH A . 
H 6 HOH 31  331 84  HOH HOH A . 
H 6 HOH 32  332 2   HOH HOH A . 
H 6 HOH 33  333 25  HOH HOH A . 
H 6 HOH 34  334 22  HOH HOH A . 
H 6 HOH 35  335 18  HOH HOH A . 
H 6 HOH 36  336 45  HOH HOH A . 
H 6 HOH 37  337 42  HOH HOH A . 
H 6 HOH 38  338 13  HOH HOH A . 
H 6 HOH 39  339 50  HOH HOH A . 
H 6 HOH 40  340 21  HOH HOH A . 
H 6 HOH 41  341 23  HOH HOH A . 
H 6 HOH 42  342 17  HOH HOH A . 
H 6 HOH 43  343 75  HOH HOH A . 
H 6 HOH 44  344 15  HOH HOH A . 
H 6 HOH 45  345 12  HOH HOH A . 
H 6 HOH 46  346 32  HOH HOH A . 
H 6 HOH 47  347 95  HOH HOH A . 
H 6 HOH 48  348 28  HOH HOH A . 
H 6 HOH 49  349 10  HOH HOH A . 
H 6 HOH 50  350 4   HOH HOH A . 
H 6 HOH 51  351 3   HOH HOH A . 
H 6 HOH 52  352 12  HOH HOH A . 
H 6 HOH 53  353 30  HOH HOH A . 
H 6 HOH 54  354 6   HOH HOH A . 
H 6 HOH 55  355 88  HOH HOH A . 
H 6 HOH 56  356 64  HOH HOH A . 
H 6 HOH 57  357 92  HOH HOH A . 
H 6 HOH 58  358 16  HOH HOH A . 
H 6 HOH 59  359 71  HOH HOH A . 
H 6 HOH 60  360 35  HOH HOH A . 
H 6 HOH 61  361 54  HOH HOH A . 
H 6 HOH 62  362 49  HOH HOH A . 
H 6 HOH 63  363 52  HOH HOH A . 
H 6 HOH 64  364 59  HOH HOH A . 
H 6 HOH 65  365 34  HOH HOH A . 
H 6 HOH 66  366 86  HOH HOH A . 
H 6 HOH 67  367 19  HOH HOH A . 
H 6 HOH 68  368 40  HOH HOH A . 
H 6 HOH 69  369 26  HOH HOH A . 
H 6 HOH 70  370 37  HOH HOH A . 
H 6 HOH 71  371 85  HOH HOH A . 
H 6 HOH 72  372 8   HOH HOH A . 
H 6 HOH 73  373 11  HOH HOH A . 
H 6 HOH 74  374 9   HOH HOH A . 
H 6 HOH 75  375 83  HOH HOH A . 
H 6 HOH 76  376 5   HOH HOH A . 
H 6 HOH 77  377 94  HOH HOH A . 
H 6 HOH 78  378 65  HOH HOH A . 
H 6 HOH 79  379 5   HOH HOH A . 
H 6 HOH 80  380 61  HOH HOH A . 
H 6 HOH 81  381 81  HOH HOH A . 
H 6 HOH 82  382 69  HOH HOH A . 
H 6 HOH 83  383 74  HOH HOH A . 
H 6 HOH 84  384 20  HOH HOH A . 
H 6 HOH 85  385 9   HOH HOH A . 
H 6 HOH 86  386 31  HOH HOH A . 
H 6 HOH 87  387 36  HOH HOH A . 
H 6 HOH 88  388 47  HOH HOH A . 
H 6 HOH 89  389 6   HOH HOH A . 
H 6 HOH 90  390 91  HOH HOH A . 
H 6 HOH 91  391 70  HOH HOH A . 
H 6 HOH 92  392 80  HOH HOH A . 
H 6 HOH 93  393 24  HOH HOH A . 
H 6 HOH 94  394 11  HOH HOH A . 
H 6 HOH 95  395 77  HOH HOH A . 
H 6 HOH 96  396 2   HOH HOH A . 
H 6 HOH 97  397 4   HOH HOH A . 
H 6 HOH 98  398 63  HOH HOH A . 
H 6 HOH 99  399 56  HOH HOH A . 
H 6 HOH 100 400 62  HOH HOH A . 
H 6 HOH 101 401 90  HOH HOH A . 
H 6 HOH 102 402 97  HOH HOH A . 
H 6 HOH 103 403 48  HOH HOH A . 
H 6 HOH 104 404 51  HOH HOH A . 
H 6 HOH 105 405 89  HOH HOH A . 
H 6 HOH 106 406 100 HOH HOH A . 
H 6 HOH 107 407 79  HOH HOH A . 
H 6 HOH 108 408 99  HOH HOH A . 
H 6 HOH 109 409 8   HOH HOH A . 
H 6 HOH 110 410 66  HOH HOH A . 
H 6 HOH 111 411 98  HOH HOH A . 
H 6 HOH 112 412 73  HOH HOH A . 
# 
_pdbx_struct_assembly.id                   1 
_pdbx_struct_assembly.details              author_and_software_defined_assembly 
_pdbx_struct_assembly.method_details       PISA 
_pdbx_struct_assembly.oligomeric_details   dimeric 
_pdbx_struct_assembly.oligomeric_count     2 
# 
_pdbx_struct_assembly_gen.assembly_id       1 
_pdbx_struct_assembly_gen.oper_expression   1,2 
_pdbx_struct_assembly_gen.asym_id_list      A,B,C,D,E,F,G,H 
# 
loop_
_pdbx_struct_assembly_prop.biol_id 
_pdbx_struct_assembly_prop.type 
_pdbx_struct_assembly_prop.value 
_pdbx_struct_assembly_prop.details 
1 'ABSA (A^2)' 3420  ? 
1 MORE         -68   ? 
1 'SSA (A^2)'  15250 ? 
# 
loop_
_pdbx_struct_oper_list.id 
_pdbx_struct_oper_list.type 
_pdbx_struct_oper_list.name 
_pdbx_struct_oper_list.symmetry_operation 
_pdbx_struct_oper_list.matrix[1][1] 
_pdbx_struct_oper_list.matrix[1][2] 
_pdbx_struct_oper_list.matrix[1][3] 
_pdbx_struct_oper_list.vector[1] 
_pdbx_struct_oper_list.matrix[2][1] 
_pdbx_struct_oper_list.matrix[2][2] 
_pdbx_struct_oper_list.matrix[2][3] 
_pdbx_struct_oper_list.vector[2] 
_pdbx_struct_oper_list.matrix[3][1] 
_pdbx_struct_oper_list.matrix[3][2] 
_pdbx_struct_oper_list.matrix[3][3] 
_pdbx_struct_oper_list.vector[3] 
1 'identity operation'         1_555 x,y,z     1.0000000000  0.0000000000  0.0000000000 0.0000000000   0.0000000000  1.0000000000  0.0000000000  0.0000000000  0.0000000000 0.0000000000  1.0000000000 0.0000000000  
2 'crystal symmetry operation' 8_555 x-y,-y,-z -0.8742380303 -0.1657721738 0.4563194635 -23.5158974658 -0.1657721738 -0.7814886833 -0.6014939936 21.8759353038 0.4563194635 -0.6014939936 0.6557267136 14.4281089444 
# 
loop_
_pdbx_struct_conn_angle.id 
_pdbx_struct_conn_angle.ptnr1_label_atom_id 
_pdbx_struct_conn_angle.ptnr1_label_alt_id 
_pdbx_struct_conn_angle.ptnr1_label_asym_id 
_pdbx_struct_conn_angle.ptnr1_label_comp_id 
_pdbx_struct_conn_angle.ptnr1_label_seq_id 
_pdbx_struct_conn_angle.ptnr1_auth_atom_id 
_pdbx_struct_conn_angle.ptnr1_auth_asym_id 
_pdbx_struct_conn_angle.ptnr1_auth_comp_id 
_pdbx_struct_conn_angle.ptnr1_auth_seq_id 
_pdbx_struct_conn_angle.ptnr1_PDB_ins_code 
_pdbx_struct_conn_angle.ptnr1_symmetry 
_pdbx_struct_conn_angle.ptnr2_label_atom_id 
_pdbx_struct_conn_angle.ptnr2_label_alt_id 
_pdbx_struct_conn_angle.ptnr2_label_asym_id 
_pdbx_struct_conn_angle.ptnr2_label_comp_id 
_pdbx_struct_conn_angle.ptnr2_label_seq_id 
_pdbx_struct_conn_angle.ptnr2_auth_atom_id 
_pdbx_struct_conn_angle.ptnr2_auth_asym_id 
_pdbx_struct_conn_angle.ptnr2_auth_comp_id 
_pdbx_struct_conn_angle.ptnr2_auth_seq_id 
_pdbx_struct_conn_angle.ptnr2_PDB_ins_code 
_pdbx_struct_conn_angle.ptnr2_symmetry 
_pdbx_struct_conn_angle.ptnr3_label_atom_id 
_pdbx_struct_conn_angle.ptnr3_label_alt_id 
_pdbx_struct_conn_angle.ptnr3_label_asym_id 
_pdbx_struct_conn_angle.ptnr3_label_comp_id 
_pdbx_struct_conn_angle.ptnr3_label_seq_id 
_pdbx_struct_conn_angle.ptnr3_auth_atom_id 
_pdbx_struct_conn_angle.ptnr3_auth_asym_id 
_pdbx_struct_conn_angle.ptnr3_auth_comp_id 
_pdbx_struct_conn_angle.ptnr3_auth_seq_id 
_pdbx_struct_conn_angle.ptnr3_PDB_ins_code 
_pdbx_struct_conn_angle.ptnr3_symmetry 
_pdbx_struct_conn_angle.value 
_pdbx_struct_conn_angle.value_esd 
1  O   ? A LEU 14  ? A LEU 14  ? 1_555 NA ? G NA . ? A NA 206 ? 1_555 O   ? H HOH .   ? A HOH 349 ? 1_555 91.9  ? 
2  O   ? A LEU 14  ? A LEU 14  ? 1_555 NA ? G NA . ? A NA 206 ? 1_555 O   ? H HOH .   ? A HOH 353 ? 1_555 105.4 ? 
3  O   ? H HOH .   ? A HOH 349 ? 1_555 NA ? G NA . ? A NA 206 ? 1_555 O   ? H HOH .   ? A HOH 353 ? 1_555 93.6  ? 
4  O   ? A LEU 14  ? A LEU 14  ? 1_555 NA ? G NA . ? A NA 206 ? 1_555 O   ? H HOH .   ? A HOH 385 ? 8_555 86.2  ? 
5  O   ? H HOH .   ? A HOH 349 ? 1_555 NA ? G NA . ? A NA 206 ? 1_555 O   ? H HOH .   ? A HOH 385 ? 8_555 84.5  ? 
6  O   ? H HOH .   ? A HOH 353 ? 1_555 NA ? G NA . ? A NA 206 ? 1_555 O   ? H HOH .   ? A HOH 385 ? 8_555 168.4 ? 
7  O   ? A LEU 14  ? A LEU 14  ? 1_555 NA ? G NA . ? A NA 206 ? 1_555 O   ? H HOH .   ? A HOH 395 ? 1_555 76.9  ? 
8  O   ? H HOH .   ? A HOH 349 ? 1_555 NA ? G NA . ? A NA 206 ? 1_555 O   ? H HOH .   ? A HOH 395 ? 1_555 158.0 ? 
9  O   ? H HOH .   ? A HOH 353 ? 1_555 NA ? G NA . ? A NA 206 ? 1_555 O   ? H HOH .   ? A HOH 395 ? 1_555 107.5 ? 
10 O   ? H HOH .   ? A HOH 385 ? 8_555 NA ? G NA . ? A NA 206 ? 1_555 O   ? H HOH .   ? A HOH 395 ? 1_555 76.0  ? 
11 O   ? A LEU 14  ? A LEU 14  ? 1_555 NA ? G NA . ? A NA 206 ? 1_555 O   ? H HOH .   ? A HOH 407 ? 8_555 151.7 ? 
12 O   ? H HOH .   ? A HOH 349 ? 1_555 NA ? G NA . ? A NA 206 ? 1_555 O   ? H HOH .   ? A HOH 407 ? 8_555 73.0  ? 
13 O   ? H HOH .   ? A HOH 353 ? 1_555 NA ? G NA . ? A NA 206 ? 1_555 O   ? H HOH .   ? A HOH 407 ? 8_555 99.4  ? 
14 O   ? H HOH .   ? A HOH 385 ? 8_555 NA ? G NA . ? A NA 206 ? 1_555 O   ? H HOH .   ? A HOH 407 ? 8_555 69.0  ? 
15 O   ? H HOH .   ? A HOH 395 ? 1_555 NA ? G NA . ? A NA 206 ? 1_555 O   ? H HOH .   ? A HOH 407 ? 8_555 108.5 ? 
16 OE2 ? A GLU 37  ? A GLU 37  ? 1_555 CD ? E CD . ? A CD 204 ? 8_445 O   ? H HOH .   ? A HOH 325 ? 1_555 20.2  ? 
17 NE2 ? A HIS 43  ? A HIS 43  ? 1_555 CD ? D CD . ? A CD 203 ? 8_445 OE1 ? A GLU 128 ? A GLU 128 ? 1_555 53.3  ? 
18 NE2 ? A HIS 43  ? A HIS 43  ? 1_555 CD ? D CD . ? A CD 203 ? 8_445 OE1 ? A GLU 130 ? A GLU 130 ? 1_555 48.9  ? 
19 OE1 ? A GLU 128 ? A GLU 128 ? 1_555 CD ? D CD . ? A CD 203 ? 8_445 OE1 ? A GLU 130 ? A GLU 130 ? 1_555 5.0   ? 
20 NE2 ? A HIS 43  ? A HIS 43  ? 1_555 CD ? D CD . ? A CD 203 ? 8_445 O   ? H HOH .   ? A HOH 323 ? 8_545 53.5  ? 
21 OE1 ? A GLU 128 ? A GLU 128 ? 1_555 CD ? D CD . ? A CD 203 ? 8_445 O   ? H HOH .   ? A HOH 323 ? 8_545 6.8   ? 
22 OE1 ? A GLU 130 ? A GLU 130 ? 1_555 CD ? D CD . ? A CD 203 ? 8_445 O   ? H HOH .   ? A HOH 323 ? 8_545 6.2   ? 
23 NE2 ? A HIS 43  ? A HIS 43  ? 1_555 CD ? D CD . ? A CD 203 ? 8_445 O   ? H HOH .   ? A HOH 394 ? 1_555 54.7  ? 
24 OE1 ? A GLU 128 ? A GLU 128 ? 1_555 CD ? D CD . ? A CD 203 ? 8_445 O   ? H HOH .   ? A HOH 394 ? 1_555 5.6   ? 
25 OE1 ? A GLU 130 ? A GLU 130 ? 1_555 CD ? D CD . ? A CD 203 ? 8_445 O   ? H HOH .   ? A HOH 394 ? 1_555 6.5   ? 
26 O   ? H HOH .   ? A HOH 323 ? 8_545 CD ? D CD . ? A CD 203 ? 8_445 O   ? H HOH .   ? A HOH 394 ? 1_555 1.9   ? 
27 SG  ? A CYS 99  ? A CYS 99  ? 1_555 CD ? B CD . ? A CD 201 ? 1_555 NE2 ? A HIS 141 ? A HIS 141 ? 1_555 114.1 ? 
28 SG  ? A CYS 99  ? A CYS 99  ? 1_555 CD ? B CD . ? A CD 201 ? 1_555 NE2 ? A HIS 145 ? A HIS 145 ? 1_555 104.6 ? 
29 NE2 ? A HIS 141 ? A HIS 141 ? 1_555 CD ? B CD . ? A CD 201 ? 1_555 NE2 ? A HIS 145 ? A HIS 145 ? 1_555 101.5 ? 
30 SG  ? A CYS 99  ? A CYS 99  ? 1_555 CD ? B CD . ? A CD 201 ? 1_555 O   ? H HOH .   ? A HOH 304 ? 1_555 148.4 ? 
31 NE2 ? A HIS 141 ? A HIS 141 ? 1_555 CD ? B CD . ? A CD 201 ? 1_555 O   ? H HOH .   ? A HOH 304 ? 1_555 94.5  ? 
32 NE2 ? A HIS 145 ? A HIS 145 ? 1_555 CD ? B CD . ? A CD 201 ? 1_555 O   ? H HOH .   ? A HOH 304 ? 1_555 81.1  ? 
# 
loop_
_pdbx_audit_revision_history.ordinal 
_pdbx_audit_revision_history.data_content_type 
_pdbx_audit_revision_history.major_revision 
_pdbx_audit_revision_history.minor_revision 
_pdbx_audit_revision_history.revision_date 
1 'Structure model' 1 0 2016-08-03 
2 'Structure model' 1 1 2023-11-08 
# 
_pdbx_audit_revision_details.ordinal             1 
_pdbx_audit_revision_details.revision_ordinal    1 
_pdbx_audit_revision_details.data_content_type   'Structure model' 
_pdbx_audit_revision_details.provider            repository 
_pdbx_audit_revision_details.type                'Initial release' 
_pdbx_audit_revision_details.description         ? 
_pdbx_audit_revision_details.details             ? 
# 
loop_
_pdbx_audit_revision_group.ordinal 
_pdbx_audit_revision_group.revision_ordinal 
_pdbx_audit_revision_group.data_content_type 
_pdbx_audit_revision_group.group 
1 2 'Structure model' 'Data collection'        
2 2 'Structure model' 'Database references'    
3 2 'Structure model' 'Derived calculations'   
4 2 'Structure model' 'Refinement description' 
# 
loop_
_pdbx_audit_revision_category.ordinal 
_pdbx_audit_revision_category.revision_ordinal 
_pdbx_audit_revision_category.data_content_type 
_pdbx_audit_revision_category.category 
1 2 'Structure model' chem_comp_atom                
2 2 'Structure model' chem_comp_bond                
3 2 'Structure model' database_2                    
4 2 'Structure model' pdbx_initial_refinement_model 
5 2 'Structure model' pdbx_struct_conn_angle        
6 2 'Structure model' pdbx_struct_oper_list         
7 2 'Structure model' struct_conn                   
# 
loop_
_pdbx_audit_revision_item.ordinal 
_pdbx_audit_revision_item.revision_ordinal 
_pdbx_audit_revision_item.data_content_type 
_pdbx_audit_revision_item.item 
1  2 'Structure model' '_database_2.pdbx_DOI'                        
2  2 'Structure model' '_database_2.pdbx_database_accession'         
3  2 'Structure model' '_pdbx_struct_conn_angle.ptnr1_auth_comp_id'  
4  2 'Structure model' '_pdbx_struct_conn_angle.ptnr1_auth_seq_id'   
5  2 'Structure model' '_pdbx_struct_conn_angle.ptnr1_label_asym_id' 
6  2 'Structure model' '_pdbx_struct_conn_angle.ptnr1_label_atom_id' 
7  2 'Structure model' '_pdbx_struct_conn_angle.ptnr1_label_comp_id' 
8  2 'Structure model' '_pdbx_struct_conn_angle.ptnr1_label_seq_id'  
9  2 'Structure model' '_pdbx_struct_conn_angle.ptnr1_symmetry'      
10 2 'Structure model' '_pdbx_struct_conn_angle.ptnr2_auth_seq_id'   
11 2 'Structure model' '_pdbx_struct_conn_angle.ptnr2_label_asym_id' 
12 2 'Structure model' '_pdbx_struct_conn_angle.ptnr2_symmetry'      
13 2 'Structure model' '_pdbx_struct_conn_angle.ptnr3_auth_comp_id'  
14 2 'Structure model' '_pdbx_struct_conn_angle.ptnr3_auth_seq_id'   
15 2 'Structure model' '_pdbx_struct_conn_angle.ptnr3_label_asym_id' 
16 2 'Structure model' '_pdbx_struct_conn_angle.ptnr3_label_atom_id' 
17 2 'Structure model' '_pdbx_struct_conn_angle.ptnr3_label_comp_id' 
18 2 'Structure model' '_pdbx_struct_conn_angle.ptnr3_label_seq_id'  
19 2 'Structure model' '_pdbx_struct_conn_angle.ptnr3_symmetry'      
20 2 'Structure model' '_pdbx_struct_conn_angle.value'               
21 2 'Structure model' '_pdbx_struct_oper_list.symmetry_operation'   
22 2 'Structure model' '_struct_conn.pdbx_dist_value'                
23 2 'Structure model' '_struct_conn.ptnr1_auth_comp_id'             
24 2 'Structure model' '_struct_conn.ptnr1_auth_seq_id'              
25 2 'Structure model' '_struct_conn.ptnr1_label_asym_id'            
26 2 'Structure model' '_struct_conn.ptnr1_label_atom_id'            
27 2 'Structure model' '_struct_conn.ptnr1_label_comp_id'            
28 2 'Structure model' '_struct_conn.ptnr1_label_seq_id'             
29 2 'Structure model' '_struct_conn.ptnr2_auth_comp_id'             
30 2 'Structure model' '_struct_conn.ptnr2_auth_seq_id'              
31 2 'Structure model' '_struct_conn.ptnr2_label_asym_id'            
32 2 'Structure model' '_struct_conn.ptnr2_label_atom_id'            
33 2 'Structure model' '_struct_conn.ptnr2_label_comp_id'            
34 2 'Structure model' '_struct_conn.ptnr2_symmetry'                 
# 
loop_
_software.citation_id 
_software.classification 
_software.compiler_name 
_software.compiler_version 
_software.contact_author 
_software.contact_author_email 
_software.date 
_software.description 
_software.dependencies 
_software.hardware 
_software.language 
_software.location 
_software.mods 
_software.name 
_software.os 
_software.os_version 
_software.type 
_software.version 
_software.pdbx_ordinal 
? refinement       ? ? ? ? ? ? ? ? ? ? ? REFMAC   ? ? ? 5.7.0032 1 
? 'data reduction' ? ? ? ? ? ? ? ? ? ? ? HKL-2000 ? ? ? .        2 
? 'data scaling'   ? ? ? ? ? ? ? ? ? ? ? HKL-2000 ? ? ? .        3 
? phasing          ? ? ? ? ? ? ? ? ? ? ? HKL-2000 ? ? ? .        4 
# 
loop_
_pdbx_validate_close_contact.id 
_pdbx_validate_close_contact.PDB_model_num 
_pdbx_validate_close_contact.auth_atom_id_1 
_pdbx_validate_close_contact.auth_asym_id_1 
_pdbx_validate_close_contact.auth_comp_id_1 
_pdbx_validate_close_contact.auth_seq_id_1 
_pdbx_validate_close_contact.PDB_ins_code_1 
_pdbx_validate_close_contact.label_alt_id_1 
_pdbx_validate_close_contact.auth_atom_id_2 
_pdbx_validate_close_contact.auth_asym_id_2 
_pdbx_validate_close_contact.auth_comp_id_2 
_pdbx_validate_close_contact.auth_seq_id_2 
_pdbx_validate_close_contact.PDB_ins_code_2 
_pdbx_validate_close_contact.label_alt_id_2 
_pdbx_validate_close_contact.dist 
1 1 OE1 A GLU 91  ? ? O A HOH 301 ? ? 1.81 
2 1 N9  A 56U 205 ? ? O A HOH 302 ? ? 2.10 
3 1 O   A HOH 301 ? ? O A HOH 340 ? ? 2.10 
# 
_pdbx_validate_symm_contact.id                1 
_pdbx_validate_symm_contact.PDB_model_num     1 
_pdbx_validate_symm_contact.auth_atom_id_1    NE2 
_pdbx_validate_symm_contact.auth_asym_id_1    A 
_pdbx_validate_symm_contact.auth_comp_id_1    HIS 
_pdbx_validate_symm_contact.auth_seq_id_1     29 
_pdbx_validate_symm_contact.PDB_ins_code_1    ? 
_pdbx_validate_symm_contact.label_alt_id_1    B 
_pdbx_validate_symm_contact.site_symmetry_1   1_555 
_pdbx_validate_symm_contact.auth_atom_id_2    O 
_pdbx_validate_symm_contact.auth_asym_id_2    A 
_pdbx_validate_symm_contact.auth_comp_id_2    HOH 
_pdbx_validate_symm_contact.auth_seq_id_2     301 
_pdbx_validate_symm_contact.PDB_ins_code_2    ? 
_pdbx_validate_symm_contact.label_alt_id_2    ? 
_pdbx_validate_symm_contact.site_symmetry_2   8_445 
_pdbx_validate_symm_contact.dist              2.18 
# 
_pdbx_validate_rmsd_angle.id                         1 
_pdbx_validate_rmsd_angle.PDB_model_num              1 
_pdbx_validate_rmsd_angle.auth_atom_id_1             NE 
_pdbx_validate_rmsd_angle.auth_asym_id_1             A 
_pdbx_validate_rmsd_angle.auth_comp_id_1             ARG 
_pdbx_validate_rmsd_angle.auth_seq_id_1              129 
_pdbx_validate_rmsd_angle.PDB_ins_code_1             ? 
_pdbx_validate_rmsd_angle.label_alt_id_1             ? 
_pdbx_validate_rmsd_angle.auth_atom_id_2             CZ 
_pdbx_validate_rmsd_angle.auth_asym_id_2             A 
_pdbx_validate_rmsd_angle.auth_comp_id_2             ARG 
_pdbx_validate_rmsd_angle.auth_seq_id_2              129 
_pdbx_validate_rmsd_angle.PDB_ins_code_2             ? 
_pdbx_validate_rmsd_angle.label_alt_id_2             ? 
_pdbx_validate_rmsd_angle.auth_atom_id_3             NH1 
_pdbx_validate_rmsd_angle.auth_asym_id_3             A 
_pdbx_validate_rmsd_angle.auth_comp_id_3             ARG 
_pdbx_validate_rmsd_angle.auth_seq_id_3              129 
_pdbx_validate_rmsd_angle.PDB_ins_code_3             ? 
_pdbx_validate_rmsd_angle.label_alt_id_3             ? 
_pdbx_validate_rmsd_angle.angle_value                123.55 
_pdbx_validate_rmsd_angle.angle_target_value         120.30 
_pdbx_validate_rmsd_angle.angle_deviation            3.25 
_pdbx_validate_rmsd_angle.angle_standard_deviation   0.50 
_pdbx_validate_rmsd_angle.linker_flag                N 
# 
_pdbx_validate_torsion.id              1 
_pdbx_validate_torsion.PDB_model_num   1 
_pdbx_validate_torsion.auth_comp_id    CYS 
_pdbx_validate_torsion.auth_asym_id    A 
_pdbx_validate_torsion.auth_seq_id     99 
_pdbx_validate_torsion.PDB_ins_code    ? 
_pdbx_validate_torsion.label_alt_id    ? 
_pdbx_validate_torsion.phi             -170.29 
_pdbx_validate_torsion.psi             128.74 
# 
loop_
_chem_comp_atom.comp_id 
_chem_comp_atom.atom_id 
_chem_comp_atom.type_symbol 
_chem_comp_atom.pdbx_aromatic_flag 
_chem_comp_atom.pdbx_stereo_config 
_chem_comp_atom.pdbx_ordinal 
56U C1   C  Y N 1   
56U C2   C  Y N 2   
56U C3   C  Y N 3   
56U C4   C  Y N 4   
56U C5   C  Y N 5   
56U F12  F  N N 6   
56U C10  C  N N 7   
56U F11  F  N N 8   
56U C8   C  Y N 9   
56U N7   N  Y N 10  
56U N9   N  Y N 11  
56U C6   C  Y N 12  
56U H1   H  N N 13  
56U H2   H  N N 14  
56U H3   H  N N 15  
56U H4   H  N N 16  
56U H5   H  N N 17  
56U H7   H  N N 18  
ACT C    C  N N 19  
ACT O    O  N N 20  
ACT OXT  O  N N 21  
ACT CH3  C  N N 22  
ACT H1   H  N N 23  
ACT H2   H  N N 24  
ACT H3   H  N N 25  
ALA N    N  N N 26  
ALA CA   C  N S 27  
ALA C    C  N N 28  
ALA O    O  N N 29  
ALA CB   C  N N 30  
ALA OXT  O  N N 31  
ALA H    H  N N 32  
ALA H2   H  N N 33  
ALA HA   H  N N 34  
ALA HB1  H  N N 35  
ALA HB2  H  N N 36  
ALA HB3  H  N N 37  
ALA HXT  H  N N 38  
ARG N    N  N N 39  
ARG CA   C  N S 40  
ARG C    C  N N 41  
ARG O    O  N N 42  
ARG CB   C  N N 43  
ARG CG   C  N N 44  
ARG CD   C  N N 45  
ARG NE   N  N N 46  
ARG CZ   C  N N 47  
ARG NH1  N  N N 48  
ARG NH2  N  N N 49  
ARG OXT  O  N N 50  
ARG H    H  N N 51  
ARG H2   H  N N 52  
ARG HA   H  N N 53  
ARG HB2  H  N N 54  
ARG HB3  H  N N 55  
ARG HG2  H  N N 56  
ARG HG3  H  N N 57  
ARG HD2  H  N N 58  
ARG HD3  H  N N 59  
ARG HE   H  N N 60  
ARG HH11 H  N N 61  
ARG HH12 H  N N 62  
ARG HH21 H  N N 63  
ARG HH22 H  N N 64  
ARG HXT  H  N N 65  
ASN N    N  N N 66  
ASN CA   C  N S 67  
ASN C    C  N N 68  
ASN O    O  N N 69  
ASN CB   C  N N 70  
ASN CG   C  N N 71  
ASN OD1  O  N N 72  
ASN ND2  N  N N 73  
ASN OXT  O  N N 74  
ASN H    H  N N 75  
ASN H2   H  N N 76  
ASN HA   H  N N 77  
ASN HB2  H  N N 78  
ASN HB3  H  N N 79  
ASN HD21 H  N N 80  
ASN HD22 H  N N 81  
ASN HXT  H  N N 82  
ASP N    N  N N 83  
ASP CA   C  N S 84  
ASP C    C  N N 85  
ASP O    O  N N 86  
ASP CB   C  N N 87  
ASP CG   C  N N 88  
ASP OD1  O  N N 89  
ASP OD2  O  N N 90  
ASP OXT  O  N N 91  
ASP H    H  N N 92  
ASP H2   H  N N 93  
ASP HA   H  N N 94  
ASP HB2  H  N N 95  
ASP HB3  H  N N 96  
ASP HD2  H  N N 97  
ASP HXT  H  N N 98  
CD  CD   CD N N 99  
CYS N    N  N N 100 
CYS CA   C  N R 101 
CYS C    C  N N 102 
CYS O    O  N N 103 
CYS CB   C  N N 104 
CYS SG   S  N N 105 
CYS OXT  O  N N 106 
CYS H    H  N N 107 
CYS H2   H  N N 108 
CYS HA   H  N N 109 
CYS HB2  H  N N 110 
CYS HB3  H  N N 111 
CYS HG   H  N N 112 
CYS HXT  H  N N 113 
GLN N    N  N N 114 
GLN CA   C  N S 115 
GLN C    C  N N 116 
GLN O    O  N N 117 
GLN CB   C  N N 118 
GLN CG   C  N N 119 
GLN CD   C  N N 120 
GLN OE1  O  N N 121 
GLN NE2  N  N N 122 
GLN OXT  O  N N 123 
GLN H    H  N N 124 
GLN H2   H  N N 125 
GLN HA   H  N N 126 
GLN HB2  H  N N 127 
GLN HB3  H  N N 128 
GLN HG2  H  N N 129 
GLN HG3  H  N N 130 
GLN HE21 H  N N 131 
GLN HE22 H  N N 132 
GLN HXT  H  N N 133 
GLU N    N  N N 134 
GLU CA   C  N S 135 
GLU C    C  N N 136 
GLU O    O  N N 137 
GLU CB   C  N N 138 
GLU CG   C  N N 139 
GLU CD   C  N N 140 
GLU OE1  O  N N 141 
GLU OE2  O  N N 142 
GLU OXT  O  N N 143 
GLU H    H  N N 144 
GLU H2   H  N N 145 
GLU HA   H  N N 146 
GLU HB2  H  N N 147 
GLU HB3  H  N N 148 
GLU HG2  H  N N 149 
GLU HG3  H  N N 150 
GLU HE2  H  N N 151 
GLU HXT  H  N N 152 
GLY N    N  N N 153 
GLY CA   C  N N 154 
GLY C    C  N N 155 
GLY O    O  N N 156 
GLY OXT  O  N N 157 
GLY H    H  N N 158 
GLY H2   H  N N 159 
GLY HA2  H  N N 160 
GLY HA3  H  N N 161 
GLY HXT  H  N N 162 
HIS N    N  N N 163 
HIS CA   C  N S 164 
HIS C    C  N N 165 
HIS O    O  N N 166 
HIS CB   C  N N 167 
HIS CG   C  Y N 168 
HIS ND1  N  Y N 169 
HIS CD2  C  Y N 170 
HIS CE1  C  Y N 171 
HIS NE2  N  Y N 172 
HIS OXT  O  N N 173 
HIS H    H  N N 174 
HIS H2   H  N N 175 
HIS HA   H  N N 176 
HIS HB2  H  N N 177 
HIS HB3  H  N N 178 
HIS HD1  H  N N 179 
HIS HD2  H  N N 180 
HIS HE1  H  N N 181 
HIS HE2  H  N N 182 
HIS HXT  H  N N 183 
HOH O    O  N N 184 
HOH H1   H  N N 185 
HOH H2   H  N N 186 
ILE N    N  N N 187 
ILE CA   C  N S 188 
ILE C    C  N N 189 
ILE O    O  N N 190 
ILE CB   C  N S 191 
ILE CG1  C  N N 192 
ILE CG2  C  N N 193 
ILE CD1  C  N N 194 
ILE OXT  O  N N 195 
ILE H    H  N N 196 
ILE H2   H  N N 197 
ILE HA   H  N N 198 
ILE HB   H  N N 199 
ILE HG12 H  N N 200 
ILE HG13 H  N N 201 
ILE HG21 H  N N 202 
ILE HG22 H  N N 203 
ILE HG23 H  N N 204 
ILE HD11 H  N N 205 
ILE HD12 H  N N 206 
ILE HD13 H  N N 207 
ILE HXT  H  N N 208 
LEU N    N  N N 209 
LEU CA   C  N S 210 
LEU C    C  N N 211 
LEU O    O  N N 212 
LEU CB   C  N N 213 
LEU CG   C  N N 214 
LEU CD1  C  N N 215 
LEU CD2  C  N N 216 
LEU OXT  O  N N 217 
LEU H    H  N N 218 
LEU H2   H  N N 219 
LEU HA   H  N N 220 
LEU HB2  H  N N 221 
LEU HB3  H  N N 222 
LEU HG   H  N N 223 
LEU HD11 H  N N 224 
LEU HD12 H  N N 225 
LEU HD13 H  N N 226 
LEU HD21 H  N N 227 
LEU HD22 H  N N 228 
LEU HD23 H  N N 229 
LEU HXT  H  N N 230 
LYS N    N  N N 231 
LYS CA   C  N S 232 
LYS C    C  N N 233 
LYS O    O  N N 234 
LYS CB   C  N N 235 
LYS CG   C  N N 236 
LYS CD   C  N N 237 
LYS CE   C  N N 238 
LYS NZ   N  N N 239 
LYS OXT  O  N N 240 
LYS H    H  N N 241 
LYS H2   H  N N 242 
LYS HA   H  N N 243 
LYS HB2  H  N N 244 
LYS HB3  H  N N 245 
LYS HG2  H  N N 246 
LYS HG3  H  N N 247 
LYS HD2  H  N N 248 
LYS HD3  H  N N 249 
LYS HE2  H  N N 250 
LYS HE3  H  N N 251 
LYS HZ1  H  N N 252 
LYS HZ2  H  N N 253 
LYS HZ3  H  N N 254 
LYS HXT  H  N N 255 
MET N    N  N N 256 
MET CA   C  N S 257 
MET C    C  N N 258 
MET O    O  N N 259 
MET CB   C  N N 260 
MET CG   C  N N 261 
MET SD   S  N N 262 
MET CE   C  N N 263 
MET OXT  O  N N 264 
MET H    H  N N 265 
MET H2   H  N N 266 
MET HA   H  N N 267 
MET HB2  H  N N 268 
MET HB3  H  N N 269 
MET HG2  H  N N 270 
MET HG3  H  N N 271 
MET HE1  H  N N 272 
MET HE2  H  N N 273 
MET HE3  H  N N 274 
MET HXT  H  N N 275 
NA  NA   NA N N 276 
PHE N    N  N N 277 
PHE CA   C  N S 278 
PHE C    C  N N 279 
PHE O    O  N N 280 
PHE CB   C  N N 281 
PHE CG   C  Y N 282 
PHE CD1  C  Y N 283 
PHE CD2  C  Y N 284 
PHE CE1  C  Y N 285 
PHE CE2  C  Y N 286 
PHE CZ   C  Y N 287 
PHE OXT  O  N N 288 
PHE H    H  N N 289 
PHE H2   H  N N 290 
PHE HA   H  N N 291 
PHE HB2  H  N N 292 
PHE HB3  H  N N 293 
PHE HD1  H  N N 294 
PHE HD2  H  N N 295 
PHE HE1  H  N N 296 
PHE HE2  H  N N 297 
PHE HZ   H  N N 298 
PHE HXT  H  N N 299 
PRO N    N  N N 300 
PRO CA   C  N S 301 
PRO C    C  N N 302 
PRO O    O  N N 303 
PRO CB   C  N N 304 
PRO CG   C  N N 305 
PRO CD   C  N N 306 
PRO OXT  O  N N 307 
PRO H    H  N N 308 
PRO HA   H  N N 309 
PRO HB2  H  N N 310 
PRO HB3  H  N N 311 
PRO HG2  H  N N 312 
PRO HG3  H  N N 313 
PRO HD2  H  N N 314 
PRO HD3  H  N N 315 
PRO HXT  H  N N 316 
SER N    N  N N 317 
SER CA   C  N S 318 
SER C    C  N N 319 
SER O    O  N N 320 
SER CB   C  N N 321 
SER OG   O  N N 322 
SER OXT  O  N N 323 
SER H    H  N N 324 
SER H2   H  N N 325 
SER HA   H  N N 326 
SER HB2  H  N N 327 
SER HB3  H  N N 328 
SER HG   H  N N 329 
SER HXT  H  N N 330 
THR N    N  N N 331 
THR CA   C  N S 332 
THR C    C  N N 333 
THR O    O  N N 334 
THR CB   C  N R 335 
THR OG1  O  N N 336 
THR CG2  C  N N 337 
THR OXT  O  N N 338 
THR H    H  N N 339 
THR H2   H  N N 340 
THR HA   H  N N 341 
THR HB   H  N N 342 
THR HG1  H  N N 343 
THR HG21 H  N N 344 
THR HG22 H  N N 345 
THR HG23 H  N N 346 
THR HXT  H  N N 347 
TRP N    N  N N 348 
TRP CA   C  N S 349 
TRP C    C  N N 350 
TRP O    O  N N 351 
TRP CB   C  N N 352 
TRP CG   C  Y N 353 
TRP CD1  C  Y N 354 
TRP CD2  C  Y N 355 
TRP NE1  N  Y N 356 
TRP CE2  C  Y N 357 
TRP CE3  C  Y N 358 
TRP CZ2  C  Y N 359 
TRP CZ3  C  Y N 360 
TRP CH2  C  Y N 361 
TRP OXT  O  N N 362 
TRP H    H  N N 363 
TRP H2   H  N N 364 
TRP HA   H  N N 365 
TRP HB2  H  N N 366 
TRP HB3  H  N N 367 
TRP HD1  H  N N 368 
TRP HE1  H  N N 369 
TRP HE3  H  N N 370 
TRP HZ2  H  N N 371 
TRP HZ3  H  N N 372 
TRP HH2  H  N N 373 
TRP HXT  H  N N 374 
TYR N    N  N N 375 
TYR CA   C  N S 376 
TYR C    C  N N 377 
TYR O    O  N N 378 
TYR CB   C  N N 379 
TYR CG   C  Y N 380 
TYR CD1  C  Y N 381 
TYR CD2  C  Y N 382 
TYR CE1  C  Y N 383 
TYR CE2  C  Y N 384 
TYR CZ   C  Y N 385 
TYR OH   O  N N 386 
TYR OXT  O  N N 387 
TYR H    H  N N 388 
TYR H2   H  N N 389 
TYR HA   H  N N 390 
TYR HB2  H  N N 391 
TYR HB3  H  N N 392 
TYR HD1  H  N N 393 
TYR HD2  H  N N 394 
TYR HE1  H  N N 395 
TYR HE2  H  N N 396 
TYR HH   H  N N 397 
TYR HXT  H  N N 398 
VAL N    N  N N 399 
VAL CA   C  N S 400 
VAL C    C  N N 401 
VAL O    O  N N 402 
VAL CB   C  N N 403 
VAL CG1  C  N N 404 
VAL CG2  C  N N 405 
VAL OXT  O  N N 406 
VAL H    H  N N 407 
VAL H2   H  N N 408 
VAL HA   H  N N 409 
VAL HB   H  N N 410 
VAL HG11 H  N N 411 
VAL HG12 H  N N 412 
VAL HG13 H  N N 413 
VAL HG21 H  N N 414 
VAL HG22 H  N N 415 
VAL HG23 H  N N 416 
VAL HXT  H  N N 417 
# 
loop_
_chem_comp_bond.comp_id 
_chem_comp_bond.atom_id_1 
_chem_comp_bond.atom_id_2 
_chem_comp_bond.value_order 
_chem_comp_bond.pdbx_aromatic_flag 
_chem_comp_bond.pdbx_stereo_config 
_chem_comp_bond.pdbx_ordinal 
56U C1  C2   doub Y N 1   
56U C1  C6   sing Y N 2   
56U F11 C10  sing N N 3   
56U N7  C2   sing Y N 4   
56U N7  C8   sing Y N 5   
56U C2  C3   sing Y N 6   
56U C6  C5   doub Y N 7   
56U F12 C10  sing N N 8   
56U C10 C8   sing N N 9   
56U C8  N9   doub Y N 10  
56U C5  C4   sing Y N 11  
56U C3  N9   sing Y N 12  
56U C3  C4   doub Y N 13  
56U C1  H1   sing N N 14  
56U C4  H2   sing N N 15  
56U C5  H3   sing N N 16  
56U C10 H4   sing N N 17  
56U N7  H5   sing N N 18  
56U C6  H7   sing N N 19  
ACT C   O    doub N N 20  
ACT C   OXT  sing N N 21  
ACT C   CH3  sing N N 22  
ACT CH3 H1   sing N N 23  
ACT CH3 H2   sing N N 24  
ACT CH3 H3   sing N N 25  
ALA N   CA   sing N N 26  
ALA N   H    sing N N 27  
ALA N   H2   sing N N 28  
ALA CA  C    sing N N 29  
ALA CA  CB   sing N N 30  
ALA CA  HA   sing N N 31  
ALA C   O    doub N N 32  
ALA C   OXT  sing N N 33  
ALA CB  HB1  sing N N 34  
ALA CB  HB2  sing N N 35  
ALA CB  HB3  sing N N 36  
ALA OXT HXT  sing N N 37  
ARG N   CA   sing N N 38  
ARG N   H    sing N N 39  
ARG N   H2   sing N N 40  
ARG CA  C    sing N N 41  
ARG CA  CB   sing N N 42  
ARG CA  HA   sing N N 43  
ARG C   O    doub N N 44  
ARG C   OXT  sing N N 45  
ARG CB  CG   sing N N 46  
ARG CB  HB2  sing N N 47  
ARG CB  HB3  sing N N 48  
ARG CG  CD   sing N N 49  
ARG CG  HG2  sing N N 50  
ARG CG  HG3  sing N N 51  
ARG CD  NE   sing N N 52  
ARG CD  HD2  sing N N 53  
ARG CD  HD3  sing N N 54  
ARG NE  CZ   sing N N 55  
ARG NE  HE   sing N N 56  
ARG CZ  NH1  sing N N 57  
ARG CZ  NH2  doub N N 58  
ARG NH1 HH11 sing N N 59  
ARG NH1 HH12 sing N N 60  
ARG NH2 HH21 sing N N 61  
ARG NH2 HH22 sing N N 62  
ARG OXT HXT  sing N N 63  
ASN N   CA   sing N N 64  
ASN N   H    sing N N 65  
ASN N   H2   sing N N 66  
ASN CA  C    sing N N 67  
ASN CA  CB   sing N N 68  
ASN CA  HA   sing N N 69  
ASN C   O    doub N N 70  
ASN C   OXT  sing N N 71  
ASN CB  CG   sing N N 72  
ASN CB  HB2  sing N N 73  
ASN CB  HB3  sing N N 74  
ASN CG  OD1  doub N N 75  
ASN CG  ND2  sing N N 76  
ASN ND2 HD21 sing N N 77  
ASN ND2 HD22 sing N N 78  
ASN OXT HXT  sing N N 79  
ASP N   CA   sing N N 80  
ASP N   H    sing N N 81  
ASP N   H2   sing N N 82  
ASP CA  C    sing N N 83  
ASP CA  CB   sing N N 84  
ASP CA  HA   sing N N 85  
ASP C   O    doub N N 86  
ASP C   OXT  sing N N 87  
ASP CB  CG   sing N N 88  
ASP CB  HB2  sing N N 89  
ASP CB  HB3  sing N N 90  
ASP CG  OD1  doub N N 91  
ASP CG  OD2  sing N N 92  
ASP OD2 HD2  sing N N 93  
ASP OXT HXT  sing N N 94  
CYS N   CA   sing N N 95  
CYS N   H    sing N N 96  
CYS N   H2   sing N N 97  
CYS CA  C    sing N N 98  
CYS CA  CB   sing N N 99  
CYS CA  HA   sing N N 100 
CYS C   O    doub N N 101 
CYS C   OXT  sing N N 102 
CYS CB  SG   sing N N 103 
CYS CB  HB2  sing N N 104 
CYS CB  HB3  sing N N 105 
CYS SG  HG   sing N N 106 
CYS OXT HXT  sing N N 107 
GLN N   CA   sing N N 108 
GLN N   H    sing N N 109 
GLN N   H2   sing N N 110 
GLN CA  C    sing N N 111 
GLN CA  CB   sing N N 112 
GLN CA  HA   sing N N 113 
GLN C   O    doub N N 114 
GLN C   OXT  sing N N 115 
GLN CB  CG   sing N N 116 
GLN CB  HB2  sing N N 117 
GLN CB  HB3  sing N N 118 
GLN CG  CD   sing N N 119 
GLN CG  HG2  sing N N 120 
GLN CG  HG3  sing N N 121 
GLN CD  OE1  doub N N 122 
GLN CD  NE2  sing N N 123 
GLN NE2 HE21 sing N N 124 
GLN NE2 HE22 sing N N 125 
GLN OXT HXT  sing N N 126 
GLU N   CA   sing N N 127 
GLU N   H    sing N N 128 
GLU N   H2   sing N N 129 
GLU CA  C    sing N N 130 
GLU CA  CB   sing N N 131 
GLU CA  HA   sing N N 132 
GLU C   O    doub N N 133 
GLU C   OXT  sing N N 134 
GLU CB  CG   sing N N 135 
GLU CB  HB2  sing N N 136 
GLU CB  HB3  sing N N 137 
GLU CG  CD   sing N N 138 
GLU CG  HG2  sing N N 139 
GLU CG  HG3  sing N N 140 
GLU CD  OE1  doub N N 141 
GLU CD  OE2  sing N N 142 
GLU OE2 HE2  sing N N 143 
GLU OXT HXT  sing N N 144 
GLY N   CA   sing N N 145 
GLY N   H    sing N N 146 
GLY N   H2   sing N N 147 
GLY CA  C    sing N N 148 
GLY CA  HA2  sing N N 149 
GLY CA  HA3  sing N N 150 
GLY C   O    doub N N 151 
GLY C   OXT  sing N N 152 
GLY OXT HXT  sing N N 153 
HIS N   CA   sing N N 154 
HIS N   H    sing N N 155 
HIS N   H2   sing N N 156 
HIS CA  C    sing N N 157 
HIS CA  CB   sing N N 158 
HIS CA  HA   sing N N 159 
HIS C   O    doub N N 160 
HIS C   OXT  sing N N 161 
HIS CB  CG   sing N N 162 
HIS CB  HB2  sing N N 163 
HIS CB  HB3  sing N N 164 
HIS CG  ND1  sing Y N 165 
HIS CG  CD2  doub Y N 166 
HIS ND1 CE1  doub Y N 167 
HIS ND1 HD1  sing N N 168 
HIS CD2 NE2  sing Y N 169 
HIS CD2 HD2  sing N N 170 
HIS CE1 NE2  sing Y N 171 
HIS CE1 HE1  sing N N 172 
HIS NE2 HE2  sing N N 173 
HIS OXT HXT  sing N N 174 
HOH O   H1   sing N N 175 
HOH O   H2   sing N N 176 
ILE N   CA   sing N N 177 
ILE N   H    sing N N 178 
ILE N   H2   sing N N 179 
ILE CA  C    sing N N 180 
ILE CA  CB   sing N N 181 
ILE CA  HA   sing N N 182 
ILE C   O    doub N N 183 
ILE C   OXT  sing N N 184 
ILE CB  CG1  sing N N 185 
ILE CB  CG2  sing N N 186 
ILE CB  HB   sing N N 187 
ILE CG1 CD1  sing N N 188 
ILE CG1 HG12 sing N N 189 
ILE CG1 HG13 sing N N 190 
ILE CG2 HG21 sing N N 191 
ILE CG2 HG22 sing N N 192 
ILE CG2 HG23 sing N N 193 
ILE CD1 HD11 sing N N 194 
ILE CD1 HD12 sing N N 195 
ILE CD1 HD13 sing N N 196 
ILE OXT HXT  sing N N 197 
LEU N   CA   sing N N 198 
LEU N   H    sing N N 199 
LEU N   H2   sing N N 200 
LEU CA  C    sing N N 201 
LEU CA  CB   sing N N 202 
LEU CA  HA   sing N N 203 
LEU C   O    doub N N 204 
LEU C   OXT  sing N N 205 
LEU CB  CG   sing N N 206 
LEU CB  HB2  sing N N 207 
LEU CB  HB3  sing N N 208 
LEU CG  CD1  sing N N 209 
LEU CG  CD2  sing N N 210 
LEU CG  HG   sing N N 211 
LEU CD1 HD11 sing N N 212 
LEU CD1 HD12 sing N N 213 
LEU CD1 HD13 sing N N 214 
LEU CD2 HD21 sing N N 215 
LEU CD2 HD22 sing N N 216 
LEU CD2 HD23 sing N N 217 
LEU OXT HXT  sing N N 218 
LYS N   CA   sing N N 219 
LYS N   H    sing N N 220 
LYS N   H2   sing N N 221 
LYS CA  C    sing N N 222 
LYS CA  CB   sing N N 223 
LYS CA  HA   sing N N 224 
LYS C   O    doub N N 225 
LYS C   OXT  sing N N 226 
LYS CB  CG   sing N N 227 
LYS CB  HB2  sing N N 228 
LYS CB  HB3  sing N N 229 
LYS CG  CD   sing N N 230 
LYS CG  HG2  sing N N 231 
LYS CG  HG3  sing N N 232 
LYS CD  CE   sing N N 233 
LYS CD  HD2  sing N N 234 
LYS CD  HD3  sing N N 235 
LYS CE  NZ   sing N N 236 
LYS CE  HE2  sing N N 237 
LYS CE  HE3  sing N N 238 
LYS NZ  HZ1  sing N N 239 
LYS NZ  HZ2  sing N N 240 
LYS NZ  HZ3  sing N N 241 
LYS OXT HXT  sing N N 242 
MET N   CA   sing N N 243 
MET N   H    sing N N 244 
MET N   H2   sing N N 245 
MET CA  C    sing N N 246 
MET CA  CB   sing N N 247 
MET CA  HA   sing N N 248 
MET C   O    doub N N 249 
MET C   OXT  sing N N 250 
MET CB  CG   sing N N 251 
MET CB  HB2  sing N N 252 
MET CB  HB3  sing N N 253 
MET CG  SD   sing N N 254 
MET CG  HG2  sing N N 255 
MET CG  HG3  sing N N 256 
MET SD  CE   sing N N 257 
MET CE  HE1  sing N N 258 
MET CE  HE2  sing N N 259 
MET CE  HE3  sing N N 260 
MET OXT HXT  sing N N 261 
PHE N   CA   sing N N 262 
PHE N   H    sing N N 263 
PHE N   H2   sing N N 264 
PHE CA  C    sing N N 265 
PHE CA  CB   sing N N 266 
PHE CA  HA   sing N N 267 
PHE C   O    doub N N 268 
PHE C   OXT  sing N N 269 
PHE CB  CG   sing N N 270 
PHE CB  HB2  sing N N 271 
PHE CB  HB3  sing N N 272 
PHE CG  CD1  doub Y N 273 
PHE CG  CD2  sing Y N 274 
PHE CD1 CE1  sing Y N 275 
PHE CD1 HD1  sing N N 276 
PHE CD2 CE2  doub Y N 277 
PHE CD2 HD2  sing N N 278 
PHE CE1 CZ   doub Y N 279 
PHE CE1 HE1  sing N N 280 
PHE CE2 CZ   sing Y N 281 
PHE CE2 HE2  sing N N 282 
PHE CZ  HZ   sing N N 283 
PHE OXT HXT  sing N N 284 
PRO N   CA   sing N N 285 
PRO N   CD   sing N N 286 
PRO N   H    sing N N 287 
PRO CA  C    sing N N 288 
PRO CA  CB   sing N N 289 
PRO CA  HA   sing N N 290 
PRO C   O    doub N N 291 
PRO C   OXT  sing N N 292 
PRO CB  CG   sing N N 293 
PRO CB  HB2  sing N N 294 
PRO CB  HB3  sing N N 295 
PRO CG  CD   sing N N 296 
PRO CG  HG2  sing N N 297 
PRO CG  HG3  sing N N 298 
PRO CD  HD2  sing N N 299 
PRO CD  HD3  sing N N 300 
PRO OXT HXT  sing N N 301 
SER N   CA   sing N N 302 
SER N   H    sing N N 303 
SER N   H2   sing N N 304 
SER CA  C    sing N N 305 
SER CA  CB   sing N N 306 
SER CA  HA   sing N N 307 
SER C   O    doub N N 308 
SER C   OXT  sing N N 309 
SER CB  OG   sing N N 310 
SER CB  HB2  sing N N 311 
SER CB  HB3  sing N N 312 
SER OG  HG   sing N N 313 
SER OXT HXT  sing N N 314 
THR N   CA   sing N N 315 
THR N   H    sing N N 316 
THR N   H2   sing N N 317 
THR CA  C    sing N N 318 
THR CA  CB   sing N N 319 
THR CA  HA   sing N N 320 
THR C   O    doub N N 321 
THR C   OXT  sing N N 322 
THR CB  OG1  sing N N 323 
THR CB  CG2  sing N N 324 
THR CB  HB   sing N N 325 
THR OG1 HG1  sing N N 326 
THR CG2 HG21 sing N N 327 
THR CG2 HG22 sing N N 328 
THR CG2 HG23 sing N N 329 
THR OXT HXT  sing N N 330 
TRP N   CA   sing N N 331 
TRP N   H    sing N N 332 
TRP N   H2   sing N N 333 
TRP CA  C    sing N N 334 
TRP CA  CB   sing N N 335 
TRP CA  HA   sing N N 336 
TRP C   O    doub N N 337 
TRP C   OXT  sing N N 338 
TRP CB  CG   sing N N 339 
TRP CB  HB2  sing N N 340 
TRP CB  HB3  sing N N 341 
TRP CG  CD1  doub Y N 342 
TRP CG  CD2  sing Y N 343 
TRP CD1 NE1  sing Y N 344 
TRP CD1 HD1  sing N N 345 
TRP CD2 CE2  doub Y N 346 
TRP CD2 CE3  sing Y N 347 
TRP NE1 CE2  sing Y N 348 
TRP NE1 HE1  sing N N 349 
TRP CE2 CZ2  sing Y N 350 
TRP CE3 CZ3  doub Y N 351 
TRP CE3 HE3  sing N N 352 
TRP CZ2 CH2  doub Y N 353 
TRP CZ2 HZ2  sing N N 354 
TRP CZ3 CH2  sing Y N 355 
TRP CZ3 HZ3  sing N N 356 
TRP CH2 HH2  sing N N 357 
TRP OXT HXT  sing N N 358 
TYR N   CA   sing N N 359 
TYR N   H    sing N N 360 
TYR N   H2   sing N N 361 
TYR CA  C    sing N N 362 
TYR CA  CB   sing N N 363 
TYR CA  HA   sing N N 364 
TYR C   O    doub N N 365 
TYR C   OXT  sing N N 366 
TYR CB  CG   sing N N 367 
TYR CB  HB2  sing N N 368 
TYR CB  HB3  sing N N 369 
TYR CG  CD1  doub Y N 370 
TYR CG  CD2  sing Y N 371 
TYR CD1 CE1  sing Y N 372 
TYR CD1 HD1  sing N N 373 
TYR CD2 CE2  doub Y N 374 
TYR CD2 HD2  sing N N 375 
TYR CE1 CZ   doub Y N 376 
TYR CE1 HE1  sing N N 377 
TYR CE2 CZ   sing Y N 378 
TYR CE2 HE2  sing N N 379 
TYR CZ  OH   sing N N 380 
TYR OH  HH   sing N N 381 
TYR OXT HXT  sing N N 382 
VAL N   CA   sing N N 383 
VAL N   H    sing N N 384 
VAL N   H2   sing N N 385 
VAL CA  C    sing N N 386 
VAL CA  CB   sing N N 387 
VAL CA  HA   sing N N 388 
VAL C   O    doub N N 389 
VAL C   OXT  sing N N 390 
VAL CB  CG1  sing N N 391 
VAL CB  CG2  sing N N 392 
VAL CB  HB   sing N N 393 
VAL CG1 HG11 sing N N 394 
VAL CG1 HG12 sing N N 395 
VAL CG1 HG13 sing N N 396 
VAL CG2 HG21 sing N N 397 
VAL CG2 HG22 sing N N 398 
VAL CG2 HG23 sing N N 399 
VAL OXT HXT  sing N N 400 
# 
loop_
_pdbx_entity_nonpoly.entity_id 
_pdbx_entity_nonpoly.name 
_pdbx_entity_nonpoly.comp_id 
2 'CADMIUM ION'                         CD  
3 'ACETATE ION'                         ACT 
4 '2-(difluoromethyl)-1H-benzimidazole' 56U 
5 'SODIUM ION'                          NA  
6 water                                 HOH 
# 
_pdbx_initial_refinement_model.id               1 
_pdbx_initial_refinement_model.entity_id_list   ? 
_pdbx_initial_refinement_model.type             'experimental model' 
_pdbx_initial_refinement_model.source_name      PDB 
_pdbx_initial_refinement_model.accession_code   5E5D 
_pdbx_initial_refinement_model.details          ? 
# 
